data_7ETV
# 
_entry.id   7ETV 
# 
_audit_conform.dict_name       mmcif_pdbx.dic 
_audit_conform.dict_version    5.380 
_audit_conform.dict_location   http://mmcif.pdb.org/dictionaries/ascii/mmcif_pdbx.dic 
# 
loop_
_database_2.database_id 
_database_2.database_code 
_database_2.pdbx_database_accession 
_database_2.pdbx_DOI 
PDB   7ETV         pdb_00007etv 10.2210/pdb7etv/pdb 
WWPDB D_1300022237 ?            ?                   
# 
_pdbx_database_status.status_code                     REL 
_pdbx_database_status.status_code_sf                  REL 
_pdbx_database_status.status_code_mr                  ? 
_pdbx_database_status.entry_id                        7ETV 
_pdbx_database_status.recvd_initial_deposition_date   2021-05-14 
_pdbx_database_status.SG_entry                        N 
_pdbx_database_status.deposit_site                    PDBJ 
_pdbx_database_status.process_site                    PDBJ 
_pdbx_database_status.status_code_cs                  ? 
_pdbx_database_status.status_code_nmr_data            ? 
_pdbx_database_status.methods_development_category    ? 
_pdbx_database_status.pdb_format_compatible           Y 
# 
loop_
_audit_author.name 
_audit_author.pdbx_ordinal 
_audit_author.identifier_ORCID 
'Han, J.T.' 1 ? 
'Zhu, Y.C.' 2 ? 
'Pan, D.B.' 3 ? 
'Xue, H.X.' 4 ? 
'Wang, S.'  5 ? 
'Liu, H.X.' 6 ? 
'He, Y.X.'  7 ? 
'Yao, X.J.' 8 ? 
# 
_citation.abstract                  ? 
_citation.abstract_id_CAS           ? 
_citation.book_id_ISBN              ? 
_citation.book_publisher            ? 
_citation.book_publisher_city       ? 
_citation.book_title                ? 
_citation.coordinate_linkage        ? 
_citation.country                   NE 
_citation.database_id_Medline       ? 
_citation.details                   ? 
_citation.id                        primary 
_citation.journal_abbrev            'Comput Struct Biotechnol J' 
_citation.journal_id_ASTM           ? 
_citation.journal_id_CSD            ? 
_citation.journal_id_ISSN           2001-0370 
_citation.journal_full              ? 
_citation.journal_issue             ? 
_citation.journal_volume            19 
_citation.language                  ? 
_citation.page_first                4079 
_citation.page_last                 4091 
_citation.title                     
'Discovery of pentapeptide-inhibitor hits targeting FKBP51 by combining computational modeling and X-ray crystallography.' 
_citation.year                      2021 
_citation.database_id_CSD           ? 
_citation.pdbx_database_id_DOI      10.1016/j.csbj.2021.07.015 
_citation.pdbx_database_id_PubMed   34401048 
_citation.pdbx_database_id_patent   ? 
_citation.unpublished_flag          ? 
# 
loop_
_citation_author.citation_id 
_citation_author.name 
_citation_author.ordinal 
_citation_author.identifier_ORCID 
primary 'Han, J.T.' 1 ? 
primary 'Zhu, Y.'   2 ? 
primary 'Pan, D.B.' 3 ? 
primary 'Xue, H.X.' 4 ? 
primary 'Wang, S.'  5 ? 
primary 'Peng, Y.'  6 ? 
primary 'Liu, H.'   7 ? 
primary 'He, Y.X.'  8 ? 
primary 'Yao, X.'   9 ? 
# 
_cell.angle_alpha                  90.000 
_cell.angle_alpha_esd              ? 
_cell.angle_beta                   90.000 
_cell.angle_beta_esd               ? 
_cell.angle_gamma                  90.000 
_cell.angle_gamma_esd              ? 
_cell.entry_id                     7ETV 
_cell.details                      ? 
_cell.formula_units_Z              ? 
_cell.length_a                     42.390 
_cell.length_a_esd                 ? 
_cell.length_b                     54.420 
_cell.length_b_esd                 ? 
_cell.length_c                     56.510 
_cell.length_c_esd                 ? 
_cell.volume                       ? 
_cell.volume_esd                   ? 
_cell.Z_PDB                        4 
_cell.reciprocal_angle_alpha       ? 
_cell.reciprocal_angle_beta        ? 
_cell.reciprocal_angle_gamma       ? 
_cell.reciprocal_angle_alpha_esd   ? 
_cell.reciprocal_angle_beta_esd    ? 
_cell.reciprocal_angle_gamma_esd   ? 
_cell.reciprocal_length_a          ? 
_cell.reciprocal_length_b          ? 
_cell.reciprocal_length_c          ? 
_cell.reciprocal_length_a_esd      ? 
_cell.reciprocal_length_b_esd      ? 
_cell.reciprocal_length_c_esd      ? 
_cell.pdbx_unique_axis             ? 
# 
_symmetry.entry_id                         7ETV 
_symmetry.cell_setting                     ? 
_symmetry.Int_Tables_number                19 
_symmetry.space_group_name_Hall            ? 
_symmetry.space_group_name_H-M             'P 21 21 21' 
_symmetry.pdbx_full_space_group_name_H-M   ? 
# 
loop_
_entity.id 
_entity.type 
_entity.src_method 
_entity.pdbx_description 
_entity.formula_weight 
_entity.pdbx_number_of_molecules 
_entity.pdbx_ec 
_entity.pdbx_mutation 
_entity.pdbx_fragment 
_entity.details 
1 polymer man 'Peptidyl-prolyl cis-trans isomerase FKBP5' 14157.275 1   5.2.1.8 A19T 'UNP residues 16-140' ? 
2 polymer syn 'peptide-inhibitor hit'                     623.696   1   ?       ?    ?                     ? 
3 water   nat water                                       18.015    181 ?       ?    ?                     ? 
# 
_entity_name_com.entity_id   1 
_entity_name_com.name        
;PPIase FKBP5,51 kDa FK506-binding protein,FKBP-51,54 kDa progesterone receptor-associated immunophilin,Androgen-regulated protein 6,FF1 antigen,FK506-binding protein 5,FKBP-5,FKBP54,p54,HSP90-binding immunophilin,Rotamase
;
# 
loop_
_entity_poly.entity_id 
_entity_poly.type 
_entity_poly.nstd_linkage 
_entity_poly.nstd_monomer 
_entity_poly.pdbx_seq_one_letter_code 
_entity_poly.pdbx_seq_one_letter_code_can 
_entity_poly.pdbx_strand_id 
_entity_poly.pdbx_target_identifier 
1 'polypeptide(L)' no no 
;MGAPATVTEQGEDITSKKDRGVLKIVKRVGNGEETPMIGDKVYVHYKGKLSNGKKFDSSHDRNEPFVFSLGKGQVIKAWD
IGVATMKKGEICHLLCKPEYAYGSAGSLPKIPSNATLFFEIELLDFKGE
;
;MGAPATVTEQGEDITSKKDRGVLKIVKRVGNGEETPMIGDKVYVHYKGKLSNGKKFDSSHDRNEPFVFSLGKGQVIKAWD
IGVATMKKGEICHLLCKPEYAYGSAGSLPKIPSNATLFFEIELLDFKGE
;
A ? 
2 'polypeptide(L)' no no DFPFV DFPFV B ? 
# 
loop_
_entity_poly_seq.entity_id 
_entity_poly_seq.num 
_entity_poly_seq.mon_id 
_entity_poly_seq.hetero 
1 1   MET n 
1 2   GLY n 
1 3   ALA n 
1 4   PRO n 
1 5   ALA n 
1 6   THR n 
1 7   VAL n 
1 8   THR n 
1 9   GLU n 
1 10  GLN n 
1 11  GLY n 
1 12  GLU n 
1 13  ASP n 
1 14  ILE n 
1 15  THR n 
1 16  SER n 
1 17  LYS n 
1 18  LYS n 
1 19  ASP n 
1 20  ARG n 
1 21  GLY n 
1 22  VAL n 
1 23  LEU n 
1 24  LYS n 
1 25  ILE n 
1 26  VAL n 
1 27  LYS n 
1 28  ARG n 
1 29  VAL n 
1 30  GLY n 
1 31  ASN n 
1 32  GLY n 
1 33  GLU n 
1 34  GLU n 
1 35  THR n 
1 36  PRO n 
1 37  MET n 
1 38  ILE n 
1 39  GLY n 
1 40  ASP n 
1 41  LYS n 
1 42  VAL n 
1 43  TYR n 
1 44  VAL n 
1 45  HIS n 
1 46  TYR n 
1 47  LYS n 
1 48  GLY n 
1 49  LYS n 
1 50  LEU n 
1 51  SER n 
1 52  ASN n 
1 53  GLY n 
1 54  LYS n 
1 55  LYS n 
1 56  PHE n 
1 57  ASP n 
1 58  SER n 
1 59  SER n 
1 60  HIS n 
1 61  ASP n 
1 62  ARG n 
1 63  ASN n 
1 64  GLU n 
1 65  PRO n 
1 66  PHE n 
1 67  VAL n 
1 68  PHE n 
1 69  SER n 
1 70  LEU n 
1 71  GLY n 
1 72  LYS n 
1 73  GLY n 
1 74  GLN n 
1 75  VAL n 
1 76  ILE n 
1 77  LYS n 
1 78  ALA n 
1 79  TRP n 
1 80  ASP n 
1 81  ILE n 
1 82  GLY n 
1 83  VAL n 
1 84  ALA n 
1 85  THR n 
1 86  MET n 
1 87  LYS n 
1 88  LYS n 
1 89  GLY n 
1 90  GLU n 
1 91  ILE n 
1 92  CYS n 
1 93  HIS n 
1 94  LEU n 
1 95  LEU n 
1 96  CYS n 
1 97  LYS n 
1 98  PRO n 
1 99  GLU n 
1 100 TYR n 
1 101 ALA n 
1 102 TYR n 
1 103 GLY n 
1 104 SER n 
1 105 ALA n 
1 106 GLY n 
1 107 SER n 
1 108 LEU n 
1 109 PRO n 
1 110 LYS n 
1 111 ILE n 
1 112 PRO n 
1 113 SER n 
1 114 ASN n 
1 115 ALA n 
1 116 THR n 
1 117 LEU n 
1 118 PHE n 
1 119 PHE n 
1 120 GLU n 
1 121 ILE n 
1 122 GLU n 
1 123 LEU n 
1 124 LEU n 
1 125 ASP n 
1 126 PHE n 
1 127 LYS n 
1 128 GLY n 
1 129 GLU n 
2 1   ASP n 
2 2   PHE n 
2 3   PRO n 
2 4   PHE n 
2 5   VAL n 
# 
_entity_src_gen.entity_id                          1 
_entity_src_gen.pdbx_src_id                        1 
_entity_src_gen.pdbx_alt_source_flag               sample 
_entity_src_gen.pdbx_seq_type                      'Biological sequence' 
_entity_src_gen.pdbx_beg_seq_num                   1 
_entity_src_gen.pdbx_end_seq_num                   129 
_entity_src_gen.gene_src_common_name               Human 
_entity_src_gen.gene_src_genus                     ? 
_entity_src_gen.pdbx_gene_src_gene                 'FKBP5, AIG6, FKBP51' 
_entity_src_gen.gene_src_species                   ? 
_entity_src_gen.gene_src_strain                    ? 
_entity_src_gen.gene_src_tissue                    ? 
_entity_src_gen.gene_src_tissue_fraction           ? 
_entity_src_gen.gene_src_details                   ? 
_entity_src_gen.pdbx_gene_src_fragment             ? 
_entity_src_gen.pdbx_gene_src_scientific_name      'Homo sapiens' 
_entity_src_gen.pdbx_gene_src_ncbi_taxonomy_id     9606 
_entity_src_gen.pdbx_gene_src_variant              ? 
_entity_src_gen.pdbx_gene_src_cell_line            ? 
_entity_src_gen.pdbx_gene_src_atcc                 ? 
_entity_src_gen.pdbx_gene_src_organ                ? 
_entity_src_gen.pdbx_gene_src_organelle            ? 
_entity_src_gen.pdbx_gene_src_cell                 ? 
_entity_src_gen.pdbx_gene_src_cellular_location    ? 
_entity_src_gen.host_org_common_name               ? 
_entity_src_gen.pdbx_host_org_scientific_name      'Escherichia coli' 
_entity_src_gen.pdbx_host_org_ncbi_taxonomy_id     562 
_entity_src_gen.host_org_genus                     ? 
_entity_src_gen.pdbx_host_org_gene                 ? 
_entity_src_gen.pdbx_host_org_organ                ? 
_entity_src_gen.host_org_species                   ? 
_entity_src_gen.pdbx_host_org_tissue               ? 
_entity_src_gen.pdbx_host_org_tissue_fraction      ? 
_entity_src_gen.pdbx_host_org_strain               ? 
_entity_src_gen.pdbx_host_org_variant              ? 
_entity_src_gen.pdbx_host_org_cell_line            ? 
_entity_src_gen.pdbx_host_org_atcc                 ? 
_entity_src_gen.pdbx_host_org_culture_collection   ? 
_entity_src_gen.pdbx_host_org_cell                 ? 
_entity_src_gen.pdbx_host_org_organelle            ? 
_entity_src_gen.pdbx_host_org_cellular_location    ? 
_entity_src_gen.pdbx_host_org_vector_type          ? 
_entity_src_gen.pdbx_host_org_vector               ? 
_entity_src_gen.host_org_details                   ? 
_entity_src_gen.expression_system_id               ? 
_entity_src_gen.plasmid_name                       ? 
_entity_src_gen.plasmid_details                    ? 
_entity_src_gen.pdbx_description                   ? 
# 
_pdbx_entity_src_syn.entity_id              2 
_pdbx_entity_src_syn.pdbx_src_id            1 
_pdbx_entity_src_syn.pdbx_alt_source_flag   sample 
_pdbx_entity_src_syn.pdbx_beg_seq_num       1 
_pdbx_entity_src_syn.pdbx_end_seq_num       5 
_pdbx_entity_src_syn.organism_scientific    'synthetic construct' 
_pdbx_entity_src_syn.organism_common_name   ? 
_pdbx_entity_src_syn.ncbi_taxonomy_id       32630 
_pdbx_entity_src_syn.details                ? 
# 
loop_
_struct_ref.id 
_struct_ref.db_name 
_struct_ref.db_code 
_struct_ref.pdbx_db_accession 
_struct_ref.pdbx_db_isoform 
_struct_ref.entity_id 
_struct_ref.pdbx_seq_one_letter_code 
_struct_ref.pdbx_align_begin 
1 UNP FKBP5_HUMAN Q13451 ? 1 
;ATVAEQGEDITSKKDRGVLKIVKRVGNGEETPMIGDKVYVHYKGKLSNGKKFDSSHDRNEPFVFSLGKGQVIKAWDIGVA
TMKKGEICHLLCKPEYAYGSAGSLPKIPSNATLFFEIELLDFKGE
;
16 
2 PDB 7ETV        7ETV   ? 2 ? 1  
# 
loop_
_struct_ref_seq.align_id 
_struct_ref_seq.ref_id 
_struct_ref_seq.pdbx_PDB_id_code 
_struct_ref_seq.pdbx_strand_id 
_struct_ref_seq.seq_align_beg 
_struct_ref_seq.pdbx_seq_align_beg_ins_code 
_struct_ref_seq.seq_align_end 
_struct_ref_seq.pdbx_seq_align_end_ins_code 
_struct_ref_seq.pdbx_db_accession 
_struct_ref_seq.db_align_beg 
_struct_ref_seq.pdbx_db_align_beg_ins_code 
_struct_ref_seq.db_align_end 
_struct_ref_seq.pdbx_db_align_end_ins_code 
_struct_ref_seq.pdbx_auth_seq_align_beg 
_struct_ref_seq.pdbx_auth_seq_align_end 
1 1 7ETV A 5 ? 129 ? Q13451 16 ? 140 ? 16 140 
2 2 7ETV B 1 ? 5   ? 7ETV   1  ? 5   ? 1  5   
# 
loop_
_struct_ref_seq_dif.align_id 
_struct_ref_seq_dif.pdbx_pdb_id_code 
_struct_ref_seq_dif.mon_id 
_struct_ref_seq_dif.pdbx_pdb_strand_id 
_struct_ref_seq_dif.seq_num 
_struct_ref_seq_dif.pdbx_pdb_ins_code 
_struct_ref_seq_dif.pdbx_seq_db_name 
_struct_ref_seq_dif.pdbx_seq_db_accession_code 
_struct_ref_seq_dif.db_mon_id 
_struct_ref_seq_dif.pdbx_seq_db_seq_num 
_struct_ref_seq_dif.details 
_struct_ref_seq_dif.pdbx_auth_seq_num 
_struct_ref_seq_dif.pdbx_ordinal 
1 7ETV MET A 1 ? UNP Q13451 ?   ?  'initiating methionine' 12 1 
1 7ETV GLY A 2 ? UNP Q13451 ?   ?  'expression tag'        13 2 
1 7ETV ALA A 3 ? UNP Q13451 ?   ?  'expression tag'        14 3 
1 7ETV PRO A 4 ? UNP Q13451 ?   ?  'expression tag'        15 4 
1 7ETV THR A 8 ? UNP Q13451 ALA 19 'engineered mutation'   19 5 
# 
loop_
_chem_comp.id 
_chem_comp.type 
_chem_comp.mon_nstd_flag 
_chem_comp.name 
_chem_comp.pdbx_synonyms 
_chem_comp.formula 
_chem_comp.formula_weight 
ALA 'L-peptide linking' y ALANINE         ? 'C3 H7 N O2'     89.093  
ARG 'L-peptide linking' y ARGININE        ? 'C6 H15 N4 O2 1' 175.209 
ASN 'L-peptide linking' y ASPARAGINE      ? 'C4 H8 N2 O3'    132.118 
ASP 'L-peptide linking' y 'ASPARTIC ACID' ? 'C4 H7 N O4'     133.103 
CYS 'L-peptide linking' y CYSTEINE        ? 'C3 H7 N O2 S'   121.158 
GLN 'L-peptide linking' y GLUTAMINE       ? 'C5 H10 N2 O3'   146.144 
GLU 'L-peptide linking' y 'GLUTAMIC ACID' ? 'C5 H9 N O4'     147.129 
GLY 'peptide linking'   y GLYCINE         ? 'C2 H5 N O2'     75.067  
HIS 'L-peptide linking' y HISTIDINE       ? 'C6 H10 N3 O2 1' 156.162 
HOH non-polymer         . WATER           ? 'H2 O'           18.015  
ILE 'L-peptide linking' y ISOLEUCINE      ? 'C6 H13 N O2'    131.173 
LEU 'L-peptide linking' y LEUCINE         ? 'C6 H13 N O2'    131.173 
LYS 'L-peptide linking' y LYSINE          ? 'C6 H15 N2 O2 1' 147.195 
MET 'L-peptide linking' y METHIONINE      ? 'C5 H11 N O2 S'  149.211 
PHE 'L-peptide linking' y PHENYLALANINE   ? 'C9 H11 N O2'    165.189 
PRO 'L-peptide linking' y PROLINE         ? 'C5 H9 N O2'     115.130 
SER 'L-peptide linking' y SERINE          ? 'C3 H7 N O3'     105.093 
THR 'L-peptide linking' y THREONINE       ? 'C4 H9 N O3'     119.119 
TRP 'L-peptide linking' y TRYPTOPHAN      ? 'C11 H12 N2 O2'  204.225 
TYR 'L-peptide linking' y TYROSINE        ? 'C9 H11 N O3'    181.189 
VAL 'L-peptide linking' y VALINE          ? 'C5 H11 N O2'    117.146 
# 
_exptl.absorpt_coefficient_mu     ? 
_exptl.absorpt_correction_T_max   ? 
_exptl.absorpt_correction_T_min   ? 
_exptl.absorpt_correction_type    ? 
_exptl.absorpt_process_details    ? 
_exptl.entry_id                   7ETV 
_exptl.crystals_number            1 
_exptl.details                    ? 
_exptl.method                     'X-RAY DIFFRACTION' 
_exptl.method_details             ? 
# 
_exptl_crystal.colour                      ? 
_exptl_crystal.density_diffrn              ? 
_exptl_crystal.density_Matthews            2.20 
_exptl_crystal.density_method              ? 
_exptl_crystal.density_percent_sol         44.21 
_exptl_crystal.description                 'THE ENTRY CONTAINS FRIEDEL PAIRS IN I/F_PLUS/MINUS COLUMNS.' 
_exptl_crystal.F_000                       ? 
_exptl_crystal.id                          1 
_exptl_crystal.preparation                 ? 
_exptl_crystal.size_max                    ? 
_exptl_crystal.size_mid                    ? 
_exptl_crystal.size_min                    ? 
_exptl_crystal.size_rad                    ? 
_exptl_crystal.colour_lustre               ? 
_exptl_crystal.colour_modifier             ? 
_exptl_crystal.colour_primary              ? 
_exptl_crystal.density_meas                ? 
_exptl_crystal.density_meas_esd            ? 
_exptl_crystal.density_meas_gt             ? 
_exptl_crystal.density_meas_lt             ? 
_exptl_crystal.density_meas_temp           ? 
_exptl_crystal.density_meas_temp_esd       ? 
_exptl_crystal.density_meas_temp_gt        ? 
_exptl_crystal.density_meas_temp_lt        ? 
_exptl_crystal.pdbx_crystal_image_url      ? 
_exptl_crystal.pdbx_crystal_image_format   ? 
_exptl_crystal.pdbx_mosaicity              ? 
_exptl_crystal.pdbx_mosaicity_esd          ? 
# 
_exptl_crystal_grow.apparatus       ? 
_exptl_crystal_grow.atmosphere      ? 
_exptl_crystal_grow.crystal_id      1 
_exptl_crystal_grow.details         ? 
_exptl_crystal_grow.method          'VAPOR DIFFUSION, HANGING DROP' 
_exptl_crystal_grow.method_ref      ? 
_exptl_crystal_grow.pH              ? 
_exptl_crystal_grow.pressure        ? 
_exptl_crystal_grow.pressure_esd    ? 
_exptl_crystal_grow.seeding         ? 
_exptl_crystal_grow.seeding_ref     ? 
_exptl_crystal_grow.temp            298 
_exptl_crystal_grow.temp_details    ? 
_exptl_crystal_grow.temp_esd        ? 
_exptl_crystal_grow.time            ? 
_exptl_crystal_grow.pdbx_details    '30%-36% PEG 3350, 0.2 M Ammonium Acetate and 0.1 M HEPES pH 7.5' 
_exptl_crystal_grow.pdbx_pH_range   ? 
# 
_diffrn.ambient_environment              ? 
_diffrn.ambient_temp                     100 
_diffrn.ambient_temp_details             ? 
_diffrn.ambient_temp_esd                 ? 
_diffrn.crystal_id                       1 
_diffrn.crystal_support                  ? 
_diffrn.crystal_treatment                ? 
_diffrn.details                          ? 
_diffrn.id                               1 
_diffrn.ambient_pressure                 ? 
_diffrn.ambient_pressure_esd             ? 
_diffrn.ambient_pressure_gt              ? 
_diffrn.ambient_pressure_lt              ? 
_diffrn.ambient_temp_gt                  ? 
_diffrn.ambient_temp_lt                  ? 
_diffrn.pdbx_serial_crystal_experiment   N 
# 
_diffrn_detector.details                      ? 
_diffrn_detector.detector                     PIXEL 
_diffrn_detector.diffrn_id                    1 
_diffrn_detector.type                         'DECTRIS PILATUS 6M' 
_diffrn_detector.area_resol_mean              ? 
_diffrn_detector.dtime                        ? 
_diffrn_detector.pdbx_frames_total            ? 
_diffrn_detector.pdbx_collection_time_total   ? 
_diffrn_detector.pdbx_collection_date         2020-11-20 
_diffrn_detector.pdbx_frequency               ? 
# 
_diffrn_radiation.collimation                      ? 
_diffrn_radiation.diffrn_id                        1 
_diffrn_radiation.filter_edge                      ? 
_diffrn_radiation.inhomogeneity                    ? 
_diffrn_radiation.monochromator                    ? 
_diffrn_radiation.polarisn_norm                    ? 
_diffrn_radiation.polarisn_ratio                   ? 
_diffrn_radiation.probe                            ? 
_diffrn_radiation.type                             ? 
_diffrn_radiation.xray_symbol                      ? 
_diffrn_radiation.wavelength_id                    1 
_diffrn_radiation.pdbx_monochromatic_or_laue_m_l   M 
_diffrn_radiation.pdbx_wavelength_list             ? 
_diffrn_radiation.pdbx_wavelength                  ? 
_diffrn_radiation.pdbx_diffrn_protocol             'SINGLE WAVELENGTH' 
_diffrn_radiation.pdbx_analyzer                    ? 
_diffrn_radiation.pdbx_scattering_type             x-ray 
# 
_diffrn_radiation_wavelength.id           1 
_diffrn_radiation_wavelength.wavelength   0.9793 
_diffrn_radiation_wavelength.wt           1.0 
# 
_diffrn_source.current                     ? 
_diffrn_source.details                     ? 
_diffrn_source.diffrn_id                   1 
_diffrn_source.power                       ? 
_diffrn_source.size                        ? 
_diffrn_source.source                      SYNCHROTRON 
_diffrn_source.target                      ? 
_diffrn_source.type                        'SSRF BEAMLINE BL17U1' 
_diffrn_source.voltage                     ? 
_diffrn_source.take-off_angle              ? 
_diffrn_source.pdbx_wavelength_list        0.9793 
_diffrn_source.pdbx_wavelength             ? 
_diffrn_source.pdbx_synchrotron_beamline   BL17U1 
_diffrn_source.pdbx_synchrotron_site       SSRF 
# 
_reflns.B_iso_Wilson_estimate                          ? 
_reflns.entry_id                                       7ETV 
_reflns.data_reduction_details                         ? 
_reflns.data_reduction_method                          ? 
_reflns.d_resolution_high                              1.31 
_reflns.d_resolution_low                               50 
_reflns.details                                        ? 
_reflns.limit_h_max                                    ? 
_reflns.limit_h_min                                    ? 
_reflns.limit_k_max                                    ? 
_reflns.limit_k_min                                    ? 
_reflns.limit_l_max                                    ? 
_reflns.limit_l_min                                    ? 
_reflns.number_all                                     ? 
_reflns.number_obs                                     31353 
_reflns.observed_criterion                             ? 
_reflns.observed_criterion_F_max                       ? 
_reflns.observed_criterion_F_min                       ? 
_reflns.observed_criterion_I_max                       ? 
_reflns.observed_criterion_I_min                       ? 
_reflns.observed_criterion_sigma_F                     ? 
_reflns.observed_criterion_sigma_I                     ? 
_reflns.percent_possible_obs                           98.7 
_reflns.R_free_details                                 ? 
_reflns.Rmerge_F_all                                   ? 
_reflns.Rmerge_F_obs                                   ? 
_reflns.Friedel_coverage                               ? 
_reflns.number_gt                                      ? 
_reflns.threshold_expression                           ? 
_reflns.pdbx_redundancy                                10.7 
_reflns.pdbx_Rmerge_I_obs                              ? 
_reflns.pdbx_Rmerge_I_all                              ? 
_reflns.pdbx_Rsym_value                                ? 
_reflns.pdbx_netI_over_av_sigmaI                       ? 
_reflns.pdbx_netI_over_sigmaI                          14.9 
_reflns.pdbx_res_netI_over_av_sigmaI_2                 ? 
_reflns.pdbx_res_netI_over_sigmaI_2                    ? 
_reflns.pdbx_chi_squared                               ? 
_reflns.pdbx_scaling_rejects                           ? 
_reflns.pdbx_d_res_high_opt                            ? 
_reflns.pdbx_d_res_low_opt                             ? 
_reflns.pdbx_d_res_opt_method                          ? 
_reflns.phase_calculation_details                      ? 
_reflns.pdbx_Rrim_I_all                                ? 
_reflns.pdbx_Rpim_I_all                                0.016 
_reflns.pdbx_d_opt                                     ? 
_reflns.pdbx_number_measured_all                       ? 
_reflns.pdbx_diffrn_id                                 1 
_reflns.pdbx_ordinal                                   1 
_reflns.pdbx_CC_half                                   ? 
_reflns.pdbx_CC_star                                   ? 
_reflns.pdbx_R_split                                   ? 
_reflns.pdbx_aniso_diffraction_limit_axis_1_ortho[1]   ? 
_reflns.pdbx_aniso_diffraction_limit_axis_1_ortho[2]   ? 
_reflns.pdbx_aniso_diffraction_limit_axis_1_ortho[3]   ? 
_reflns.pdbx_aniso_diffraction_limit_axis_2_ortho[1]   ? 
_reflns.pdbx_aniso_diffraction_limit_axis_2_ortho[2]   ? 
_reflns.pdbx_aniso_diffraction_limit_axis_2_ortho[3]   ? 
_reflns.pdbx_aniso_diffraction_limit_axis_3_ortho[1]   ? 
_reflns.pdbx_aniso_diffraction_limit_axis_3_ortho[2]   ? 
_reflns.pdbx_aniso_diffraction_limit_axis_3_ortho[3]   ? 
_reflns.pdbx_aniso_diffraction_limit_1                 ? 
_reflns.pdbx_aniso_diffraction_limit_2                 ? 
_reflns.pdbx_aniso_diffraction_limit_3                 ? 
_reflns.pdbx_aniso_B_tensor_eigenvector_1_ortho[1]     ? 
_reflns.pdbx_aniso_B_tensor_eigenvector_1_ortho[2]     ? 
_reflns.pdbx_aniso_B_tensor_eigenvector_1_ortho[3]     ? 
_reflns.pdbx_aniso_B_tensor_eigenvector_2_ortho[1]     ? 
_reflns.pdbx_aniso_B_tensor_eigenvector_2_ortho[2]     ? 
_reflns.pdbx_aniso_B_tensor_eigenvector_2_ortho[3]     ? 
_reflns.pdbx_aniso_B_tensor_eigenvector_3_ortho[1]     ? 
_reflns.pdbx_aniso_B_tensor_eigenvector_3_ortho[2]     ? 
_reflns.pdbx_aniso_B_tensor_eigenvector_3_ortho[3]     ? 
_reflns.pdbx_aniso_B_tensor_eigenvalue_1               ? 
_reflns.pdbx_aniso_B_tensor_eigenvalue_2               ? 
_reflns.pdbx_aniso_B_tensor_eigenvalue_3               ? 
_reflns.pdbx_orthogonalization_convention              ? 
_reflns.pdbx_percent_possible_ellipsoidal              ? 
_reflns.pdbx_percent_possible_spherical                ? 
_reflns.pdbx_percent_possible_ellipsoidal_anomalous    ? 
_reflns.pdbx_percent_possible_spherical_anomalous      ? 
_reflns.pdbx_redundancy_anomalous                      ? 
_reflns.pdbx_CC_half_anomalous                         ? 
_reflns.pdbx_absDiff_over_sigma_anomalous              ? 
_reflns.pdbx_percent_possible_anomalous                ? 
_reflns.pdbx_observed_signal_threshold                 ? 
_reflns.pdbx_signal_type                               ? 
_reflns.pdbx_signal_details                            ? 
_reflns.pdbx_signal_software_id                        ? 
# 
_reflns_shell.d_res_high                                    1.31 
_reflns_shell.d_res_low                                     1.35 
_reflns_shell.meanI_over_sigI_all                           ? 
_reflns_shell.meanI_over_sigI_obs                           ? 
_reflns_shell.number_measured_all                           ? 
_reflns_shell.number_measured_obs                           ? 
_reflns_shell.number_possible                               ? 
_reflns_shell.number_unique_all                             ? 
_reflns_shell.number_unique_obs                             2111 
_reflns_shell.percent_possible_all                          ? 
_reflns_shell.percent_possible_obs                          ? 
_reflns_shell.Rmerge_F_all                                  ? 
_reflns_shell.Rmerge_F_obs                                  ? 
_reflns_shell.Rmerge_I_all                                  ? 
_reflns_shell.Rmerge_I_obs                                  ? 
_reflns_shell.meanI_over_sigI_gt                            ? 
_reflns_shell.meanI_over_uI_all                             ? 
_reflns_shell.meanI_over_uI_gt                              ? 
_reflns_shell.number_measured_gt                            ? 
_reflns_shell.number_unique_gt                              ? 
_reflns_shell.percent_possible_gt                           ? 
_reflns_shell.Rmerge_F_gt                                   ? 
_reflns_shell.Rmerge_I_gt                                   ? 
_reflns_shell.pdbx_redundancy                               ? 
_reflns_shell.pdbx_Rsym_value                               ? 
_reflns_shell.pdbx_chi_squared                              ? 
_reflns_shell.pdbx_netI_over_sigmaI_all                     ? 
_reflns_shell.pdbx_netI_over_sigmaI_obs                     ? 
_reflns_shell.pdbx_Rrim_I_all                               ? 
_reflns_shell.pdbx_Rpim_I_all                               0.026 
_reflns_shell.pdbx_rejects                                  ? 
_reflns_shell.pdbx_ordinal                                  1 
_reflns_shell.pdbx_diffrn_id                                1 
_reflns_shell.pdbx_CC_half                                  ? 
_reflns_shell.pdbx_CC_star                                  ? 
_reflns_shell.pdbx_R_split                                  ? 
_reflns_shell.pdbx_percent_possible_ellipsoidal             ? 
_reflns_shell.pdbx_percent_possible_spherical               ? 
_reflns_shell.pdbx_percent_possible_ellipsoidal_anomalous   ? 
_reflns_shell.pdbx_percent_possible_spherical_anomalous     ? 
_reflns_shell.pdbx_redundancy_anomalous                     ? 
_reflns_shell.pdbx_CC_half_anomalous                        ? 
_reflns_shell.pdbx_absDiff_over_sigma_anomalous             ? 
_reflns_shell.pdbx_percent_possible_anomalous               ? 
# 
_refine.aniso_B[1][1]                            0.0100 
_refine.aniso_B[1][2]                            0.0000 
_refine.aniso_B[1][3]                            -0.0000 
_refine.aniso_B[2][2]                            -0.0100 
_refine.aniso_B[2][3]                            0.0000 
_refine.aniso_B[3][3]                            -0.0000 
_refine.B_iso_max                                52.460 
_refine.B_iso_mean                               10.7440 
_refine.B_iso_min                                4.060 
_refine.correlation_coeff_Fo_to_Fc               0.9460 
_refine.correlation_coeff_Fo_to_Fc_free          0.9440 
_refine.details                                  
'HYDROGENS HAVE BEEN ADDED IN THE RIDING POSITIONS U VALUES      : REFINED INDIVIDUALLY' 
_refine.diff_density_max                         ? 
_refine.diff_density_max_esd                     ? 
_refine.diff_density_min                         ? 
_refine.diff_density_min_esd                     ? 
_refine.diff_density_rms                         ? 
_refine.diff_density_rms_esd                     ? 
_refine.entry_id                                 7ETV 
_refine.pdbx_refine_id                           'X-RAY DIFFRACTION' 
_refine.ls_abs_structure_details                 ? 
_refine.ls_abs_structure_Flack                   ? 
_refine.ls_abs_structure_Flack_esd               ? 
_refine.ls_abs_structure_Rogers                  ? 
_refine.ls_abs_structure_Rogers_esd              ? 
_refine.ls_d_res_high                            1.3100 
_refine.ls_d_res_low                             39.2000 
_refine.ls_extinction_coef                       ? 
_refine.ls_extinction_coef_esd                   ? 
_refine.ls_extinction_expression                 ? 
_refine.ls_extinction_method                     ? 
_refine.ls_goodness_of_fit_all                   ? 
_refine.ls_goodness_of_fit_all_esd               ? 
_refine.ls_goodness_of_fit_obs                   ? 
_refine.ls_goodness_of_fit_obs_esd               ? 
_refine.ls_hydrogen_treatment                    ? 
_refine.ls_matrix_type                           ? 
_refine.ls_number_constraints                    ? 
_refine.ls_number_parameters                     ? 
_refine.ls_number_reflns_all                     ? 
_refine.ls_number_reflns_obs                     29688 
_refine.ls_number_reflns_R_free                  1610 
_refine.ls_number_reflns_R_work                  ? 
_refine.ls_number_restraints                     ? 
_refine.ls_percent_reflns_obs                    98.5200 
_refine.ls_percent_reflns_R_free                 5.1000 
_refine.ls_R_factor_all                          ? 
_refine.ls_R_factor_obs                          0.1722 
_refine.ls_R_factor_R_free                       0.1895 
_refine.ls_R_factor_R_free_error                 ? 
_refine.ls_R_factor_R_free_error_details         ? 
_refine.ls_R_factor_R_work                       0.1712 
_refine.ls_R_Fsqd_factor_obs                     ? 
_refine.ls_R_I_factor_obs                        ? 
_refine.ls_redundancy_reflns_all                 ? 
_refine.ls_redundancy_reflns_obs                 ? 
_refine.ls_restrained_S_all                      ? 
_refine.ls_restrained_S_obs                      ? 
_refine.ls_shift_over_esd_max                    ? 
_refine.ls_shift_over_esd_mean                   ? 
_refine.ls_structure_factor_coef                 ? 
_refine.ls_weighting_details                     ? 
_refine.ls_weighting_scheme                      ? 
_refine.ls_wR_factor_all                         ? 
_refine.ls_wR_factor_obs                         ? 
_refine.ls_wR_factor_R_free                      ? 
_refine.ls_wR_factor_R_work                      ? 
_refine.occupancy_max                            ? 
_refine.occupancy_min                            ? 
_refine.solvent_model_details                    MASK 
_refine.solvent_model_param_bsol                 ? 
_refine.solvent_model_param_ksol                 ? 
_refine.pdbx_R_complete                          ? 
_refine.ls_R_factor_gt                           ? 
_refine.ls_goodness_of_fit_gt                    ? 
_refine.ls_goodness_of_fit_ref                   ? 
_refine.ls_shift_over_su_max                     ? 
_refine.ls_shift_over_su_max_lt                  ? 
_refine.ls_shift_over_su_mean                    ? 
_refine.ls_shift_over_su_mean_lt                 ? 
_refine.pdbx_ls_sigma_I                          ? 
_refine.pdbx_ls_sigma_F                          0.000 
_refine.pdbx_ls_sigma_Fsqd                       ? 
_refine.pdbx_data_cutoff_high_absF               ? 
_refine.pdbx_data_cutoff_high_rms_absF           ? 
_refine.pdbx_data_cutoff_low_absF                ? 
_refine.pdbx_isotropic_thermal_model             ? 
_refine.pdbx_ls_cross_valid_method               THROUGHOUT 
_refine.pdbx_method_to_determine_struct          'MOLECULAR REPLACEMENT' 
_refine.pdbx_starting_model                      3O5R 
_refine.pdbx_stereochemistry_target_values       'MAXIMUM LIKELIHOOD' 
_refine.pdbx_R_Free_selection_details            RANDOM 
_refine.pdbx_stereochem_target_val_spec_case     ? 
_refine.pdbx_overall_ESU_R                       0.0500 
_refine.pdbx_overall_ESU_R_Free                  0.0510 
_refine.pdbx_solvent_vdw_probe_radii             1.2000 
_refine.pdbx_solvent_ion_probe_radii             0.8000 
_refine.pdbx_solvent_shrinkage_radii             0.8000 
_refine.pdbx_real_space_R                        ? 
_refine.pdbx_density_correlation                 ? 
_refine.pdbx_pd_number_of_powder_patterns        ? 
_refine.pdbx_pd_number_of_points                 ? 
_refine.pdbx_pd_meas_number_of_points            ? 
_refine.pdbx_pd_proc_ls_prof_R_factor            ? 
_refine.pdbx_pd_proc_ls_prof_wR_factor           ? 
_refine.pdbx_pd_Marquardt_correlation_coeff      ? 
_refine.pdbx_pd_Fsqrd_R_factor                   ? 
_refine.pdbx_pd_ls_matrix_band_width             ? 
_refine.pdbx_overall_phase_error                 ? 
_refine.pdbx_overall_SU_R_free_Cruickshank_DPI   ? 
_refine.pdbx_overall_SU_R_free_Blow_DPI          ? 
_refine.pdbx_overall_SU_R_Blow_DPI               ? 
_refine.pdbx_TLS_residual_ADP_flag               ? 
_refine.pdbx_diffrn_id                           1 
_refine.overall_SU_B                             0.5980 
_refine.overall_SU_ML                            0.0270 
_refine.overall_SU_R_Cruickshank_DPI             ? 
_refine.overall_SU_R_free                        ? 
_refine.overall_FOM_free_R_set                   ? 
_refine.overall_FOM_work_R_set                   ? 
_refine.pdbx_average_fsc_overall                 ? 
_refine.pdbx_average_fsc_work                    ? 
_refine.pdbx_average_fsc_free                    ? 
# 
_refine_hist.pdbx_refine_id                   'X-RAY DIFFRACTION' 
_refine_hist.cycle_id                         final 
_refine_hist.details                          ? 
_refine_hist.d_res_high                       1.3100 
_refine_hist.d_res_low                        39.2000 
_refine_hist.number_atoms_solvent             181 
_refine_hist.number_atoms_total               1189 
_refine_hist.number_reflns_all                ? 
_refine_hist.number_reflns_obs                ? 
_refine_hist.number_reflns_R_free             ? 
_refine_hist.number_reflns_R_work             ? 
_refine_hist.R_factor_all                     ? 
_refine_hist.R_factor_obs                     ? 
_refine_hist.R_factor_R_free                  ? 
_refine_hist.R_factor_R_work                  ? 
_refine_hist.pdbx_number_residues_total       133 
_refine_hist.pdbx_B_iso_mean_ligand           ? 
_refine_hist.pdbx_B_iso_mean_solvent          18.21 
_refine_hist.pdbx_number_atoms_protein        1008 
_refine_hist.pdbx_number_atoms_nucleic_acid   0 
_refine_hist.pdbx_number_atoms_ligand         0 
_refine_hist.pdbx_number_atoms_lipid          ? 
_refine_hist.pdbx_number_atoms_carb           ? 
_refine_hist.pdbx_pseudo_atom_details         ? 
# 
loop_
_refine_ls_restr.pdbx_refine_id 
_refine_ls_restr.criterion 
_refine_ls_restr.dev_ideal 
_refine_ls_restr.dev_ideal_target 
_refine_ls_restr.number 
_refine_ls_restr.rejects 
_refine_ls_restr.type 
_refine_ls_restr.weight 
_refine_ls_restr.pdbx_restraint_function 
'X-RAY DIFFRACTION' ? 0.016  0.014  1037 ? r_bond_refined_d       ? ? 
'X-RAY DIFFRACTION' ? 0.001  0.017  954  ? r_bond_other_d         ? ? 
'X-RAY DIFFRACTION' ? 1.841  1.655  1396 ? r_angle_refined_deg    ? ? 
'X-RAY DIFFRACTION' ? 1.034  1.653  2233 ? r_angle_other_deg      ? ? 
'X-RAY DIFFRACTION' ? 7.614  5.000  133  ? r_dihedral_angle_1_deg ? ? 
'X-RAY DIFFRACTION' ? 29.586 23.636 44   ? r_dihedral_angle_2_deg ? ? 
'X-RAY DIFFRACTION' ? 12.477 15.000 176  ? r_dihedral_angle_3_deg ? ? 
'X-RAY DIFFRACTION' ? 12.087 15.000 3    ? r_dihedral_angle_4_deg ? ? 
'X-RAY DIFFRACTION' ? 0.100  0.200  133  ? r_chiral_restr         ? ? 
'X-RAY DIFFRACTION' ? 0.010  0.020  1155 ? r_gen_planes_refined   ? ? 
'X-RAY DIFFRACTION' ? 0.001  0.020  197  ? r_gen_planes_other     ? ? 
# 
_refine_ls_shell.pdbx_refine_id                   'X-RAY DIFFRACTION' 
_refine_ls_shell.d_res_high                       1.3150 
_refine_ls_shell.d_res_low                        1.3490 
_refine_ls_shell.number_reflns_all                2109 
_refine_ls_shell.number_reflns_obs                ? 
_refine_ls_shell.number_reflns_R_free             114 
_refine_ls_shell.number_reflns_R_work             1995 
_refine_ls_shell.percent_reflns_obs               90.9800 
_refine_ls_shell.percent_reflns_R_free            ? 
_refine_ls_shell.R_factor_all                     ? 
_refine_ls_shell.R_factor_obs                     ? 
_refine_ls_shell.R_factor_R_free                  0.1710 
_refine_ls_shell.R_factor_R_free_error            0.0000 
_refine_ls_shell.R_factor_R_work                  0.1550 
_refine_ls_shell.redundancy_reflns_all            ? 
_refine_ls_shell.redundancy_reflns_obs            ? 
_refine_ls_shell.wR_factor_all                    ? 
_refine_ls_shell.wR_factor_obs                    ? 
_refine_ls_shell.wR_factor_R_free                 ? 
_refine_ls_shell.wR_factor_R_work                 ? 
_refine_ls_shell.pdbx_R_complete                  ? 
_refine_ls_shell.pdbx_total_number_of_bins_used   20 
_refine_ls_shell.pdbx_phase_error                 ? 
_refine_ls_shell.pdbx_fsc_work                    ? 
_refine_ls_shell.pdbx_fsc_free                    ? 
# 
_struct.entry_id                     7ETV 
_struct.title                        'The FK1 domain of FKBP51 in complex with peptide-inhibitor hit DFPFV' 
_struct.pdbx_model_details           ? 
_struct.pdbx_formula_weight          ? 
_struct.pdbx_formula_weight_method   ? 
_struct.pdbx_model_type_details      ? 
_struct.pdbx_CASP_flag               N 
# 
_struct_keywords.entry_id        7ETV 
_struct_keywords.text            ISOMERASE 
_struct_keywords.pdbx_keywords   ISOMERASE 
# 
loop_
_struct_asym.id 
_struct_asym.pdbx_blank_PDB_chainid_flag 
_struct_asym.pdbx_modified 
_struct_asym.entity_id 
_struct_asym.details 
A N N 1 ? 
B N N 2 ? 
C N N 3 ? 
D N N 3 ? 
# 
loop_
_struct_conf.conf_type_id 
_struct_conf.id 
_struct_conf.pdbx_PDB_helix_id 
_struct_conf.beg_label_comp_id 
_struct_conf.beg_label_asym_id 
_struct_conf.beg_label_seq_id 
_struct_conf.pdbx_beg_PDB_ins_code 
_struct_conf.end_label_comp_id 
_struct_conf.end_label_asym_id 
_struct_conf.end_label_seq_id 
_struct_conf.pdbx_end_PDB_ins_code 
_struct_conf.beg_auth_comp_id 
_struct_conf.beg_auth_asym_id 
_struct_conf.beg_auth_seq_id 
_struct_conf.end_auth_comp_id 
_struct_conf.end_auth_asym_id 
_struct_conf.end_auth_seq_id 
_struct_conf.pdbx_PDB_helix_class 
_struct_conf.details 
_struct_conf.pdbx_PDB_helix_length 
HELX_P HELX_P1 AA1 GLY A 2  ? GLY A 11  ? GLY A 13  GLY A 22  1 ? 10 
HELX_P HELX_P2 AA2 HIS A 60 ? ASN A 63  ? HIS A 71  ASN A 74  5 ? 4  
HELX_P HELX_P3 AA3 ILE A 76 ? THR A 85  ? ILE A 87  THR A 96  1 ? 10 
HELX_P HELX_P4 AA4 PRO A 98 ? ALA A 101 ? PRO A 109 ALA A 112 5 ? 4  
# 
_struct_conf_type.id          HELX_P 
_struct_conf_type.criteria    ? 
_struct_conf_type.reference   ? 
# 
loop_
_struct_mon_prot_cis.pdbx_id 
_struct_mon_prot_cis.label_comp_id 
_struct_mon_prot_cis.label_seq_id 
_struct_mon_prot_cis.label_asym_id 
_struct_mon_prot_cis.label_alt_id 
_struct_mon_prot_cis.pdbx_PDB_ins_code 
_struct_mon_prot_cis.auth_comp_id 
_struct_mon_prot_cis.auth_seq_id 
_struct_mon_prot_cis.auth_asym_id 
_struct_mon_prot_cis.pdbx_label_comp_id_2 
_struct_mon_prot_cis.pdbx_label_seq_id_2 
_struct_mon_prot_cis.pdbx_label_asym_id_2 
_struct_mon_prot_cis.pdbx_PDB_ins_code_2 
_struct_mon_prot_cis.pdbx_auth_comp_id_2 
_struct_mon_prot_cis.pdbx_auth_seq_id_2 
_struct_mon_prot_cis.pdbx_auth_asym_id_2 
_struct_mon_prot_cis.pdbx_PDB_model_num 
_struct_mon_prot_cis.pdbx_omega_angle 
1 LEU 108 A . ? LEU 119 A PRO 109 A ? PRO 120 A 1 7.61  
2 PHE 2   B . ? PHE 2   B PRO 3   B ? PRO 3   B 1 -2.90 
# 
loop_
_struct_sheet.id 
_struct_sheet.type 
_struct_sheet.number_strands 
_struct_sheet.details 
AA1 ? 6 ? 
AA2 ? 6 ? 
# 
loop_
_struct_sheet_order.sheet_id 
_struct_sheet_order.range_id_1 
_struct_sheet_order.range_id_2 
_struct_sheet_order.offset 
_struct_sheet_order.sense 
AA1 1 2 ? anti-parallel 
AA1 2 3 ? anti-parallel 
AA1 3 4 ? anti-parallel 
AA1 4 5 ? anti-parallel 
AA1 5 6 ? anti-parallel 
AA2 1 2 ? anti-parallel 
AA2 2 3 ? anti-parallel 
AA2 3 4 ? anti-parallel 
AA2 4 5 ? anti-parallel 
AA2 5 6 ? anti-parallel 
# 
loop_
_struct_sheet_range.sheet_id 
_struct_sheet_range.id 
_struct_sheet_range.beg_label_comp_id 
_struct_sheet_range.beg_label_asym_id 
_struct_sheet_range.beg_label_seq_id 
_struct_sheet_range.pdbx_beg_PDB_ins_code 
_struct_sheet_range.end_label_comp_id 
_struct_sheet_range.end_label_asym_id 
_struct_sheet_range.end_label_seq_id 
_struct_sheet_range.pdbx_end_PDB_ins_code 
_struct_sheet_range.beg_auth_comp_id 
_struct_sheet_range.beg_auth_asym_id 
_struct_sheet_range.beg_auth_seq_id 
_struct_sheet_range.end_auth_comp_id 
_struct_sheet_range.end_auth_asym_id 
_struct_sheet_range.end_auth_seq_id 
AA1 1 GLU A 12  ? ASP A 13  ? GLU A 23  ASP A 24  
AA1 2 VAL A 22  ? ARG A 28  ? VAL A 33  ARG A 39  
AA1 3 ILE A 91  ? CYS A 96  ? ILE A 102 CYS A 107 
AA1 4 LEU A 117 ? LYS A 127 ? LEU A 128 LYS A 138 
AA1 5 LYS A 41  ? LEU A 50  ? LYS A 52  LEU A 61  
AA1 6 LYS A 55  ? SER A 58  ? LYS A 66  SER A 69  
AA2 1 GLU A 12  ? ASP A 13  ? GLU A 23  ASP A 24  
AA2 2 VAL A 22  ? ARG A 28  ? VAL A 33  ARG A 39  
AA2 3 ILE A 91  ? CYS A 96  ? ILE A 102 CYS A 107 
AA2 4 LEU A 117 ? LYS A 127 ? LEU A 128 LYS A 138 
AA2 5 LYS A 41  ? LEU A 50  ? LYS A 52  LEU A 61  
AA2 6 PHE A 66  ? SER A 69  ? PHE A 77  SER A 80  
# 
loop_
_pdbx_struct_sheet_hbond.sheet_id 
_pdbx_struct_sheet_hbond.range_id_1 
_pdbx_struct_sheet_hbond.range_id_2 
_pdbx_struct_sheet_hbond.range_1_label_atom_id 
_pdbx_struct_sheet_hbond.range_1_label_comp_id 
_pdbx_struct_sheet_hbond.range_1_label_asym_id 
_pdbx_struct_sheet_hbond.range_1_label_seq_id 
_pdbx_struct_sheet_hbond.range_1_PDB_ins_code 
_pdbx_struct_sheet_hbond.range_1_auth_atom_id 
_pdbx_struct_sheet_hbond.range_1_auth_comp_id 
_pdbx_struct_sheet_hbond.range_1_auth_asym_id 
_pdbx_struct_sheet_hbond.range_1_auth_seq_id 
_pdbx_struct_sheet_hbond.range_2_label_atom_id 
_pdbx_struct_sheet_hbond.range_2_label_comp_id 
_pdbx_struct_sheet_hbond.range_2_label_asym_id 
_pdbx_struct_sheet_hbond.range_2_label_seq_id 
_pdbx_struct_sheet_hbond.range_2_PDB_ins_code 
_pdbx_struct_sheet_hbond.range_2_auth_atom_id 
_pdbx_struct_sheet_hbond.range_2_auth_comp_id 
_pdbx_struct_sheet_hbond.range_2_auth_asym_id 
_pdbx_struct_sheet_hbond.range_2_auth_seq_id 
AA1 1 2 N GLU A 12  ? N GLU A 23  O LYS A 24  ? O LYS A 35  
AA1 2 3 N ILE A 25  ? N ILE A 36  O HIS A 93  ? O HIS A 104 
AA1 3 4 N CYS A 96  ? N CYS A 107 O LEU A 117 ? O LEU A 128 
AA1 4 5 O GLU A 122 ? O GLU A 133 N HIS A 45  ? N HIS A 56  
AA1 5 6 N GLY A 48  ? N GLY A 59  O ASP A 57  ? O ASP A 68  
AA2 1 2 N GLU A 12  ? N GLU A 23  O LYS A 24  ? O LYS A 35  
AA2 2 3 N ILE A 25  ? N ILE A 36  O HIS A 93  ? O HIS A 104 
AA2 3 4 N CYS A 96  ? N CYS A 107 O LEU A 117 ? O LEU A 128 
AA2 4 5 O GLU A 122 ? O GLU A 133 N HIS A 45  ? N HIS A 56  
AA2 5 6 N VAL A 44  ? N VAL A 55  O PHE A 66  ? O PHE A 77  
# 
_atom_sites.entry_id                    7ETV 
_atom_sites.Cartn_transf_matrix[1][1]   ? 
_atom_sites.Cartn_transf_matrix[1][2]   ? 
_atom_sites.Cartn_transf_matrix[1][3]   ? 
_atom_sites.Cartn_transf_matrix[2][1]   ? 
_atom_sites.Cartn_transf_matrix[2][2]   ? 
_atom_sites.Cartn_transf_matrix[2][3]   ? 
_atom_sites.Cartn_transf_matrix[3][1]   ? 
_atom_sites.Cartn_transf_matrix[3][2]   ? 
_atom_sites.Cartn_transf_matrix[3][3]   ? 
_atom_sites.Cartn_transf_vector[1]      ? 
_atom_sites.Cartn_transf_vector[2]      ? 
_atom_sites.Cartn_transf_vector[3]      ? 
_atom_sites.fract_transf_matrix[1][1]   0.01127183 
_atom_sites.fract_transf_matrix[1][2]   -0.01939938 
_atom_sites.fract_transf_matrix[1][3]   0.00728686 
_atom_sites.fract_transf_matrix[2][1]   -0.01584727 
_atom_sites.fract_transf_matrix[2][2]   -0.00929956 
_atom_sites.fract_transf_matrix[2][3]   -0.00024402 
_atom_sites.fract_transf_matrix[3][1]   0.00295954 
_atom_sites.fract_transf_matrix[3][2]   -0.00460173 
_atom_sites.fract_transf_matrix[3][3]   -0.01682895 
_atom_sites.fract_transf_vector[1]      0.213400 
_atom_sites.fract_transf_vector[2]      0.281811 
_atom_sites.fract_transf_vector[3]      -0.179200 
_atom_sites.solution_primary            ? 
_atom_sites.solution_secondary          ? 
_atom_sites.solution_hydrogens          ? 
_atom_sites.special_details             ? 
# 
loop_
_atom_type.symbol 
C 
N 
O 
S 
# 
loop_
_atom_site.group_PDB 
_atom_site.id 
_atom_site.type_symbol 
_atom_site.label_atom_id 
_atom_site.label_alt_id 
_atom_site.label_comp_id 
_atom_site.label_asym_id 
_atom_site.label_entity_id 
_atom_site.label_seq_id 
_atom_site.pdbx_PDB_ins_code 
_atom_site.Cartn_x 
_atom_site.Cartn_y 
_atom_site.Cartn_z 
_atom_site.occupancy 
_atom_site.B_iso_or_equiv 
_atom_site.pdbx_formal_charge 
_atom_site.auth_seq_id 
_atom_site.auth_comp_id 
_atom_site.auth_asym_id 
_atom_site.auth_atom_id 
_atom_site.pdbx_PDB_model_num 
ATOM   1    N N   . GLY A 1 2   ? -16.557 4.171   -7.591  1.00 9.30  ? 13  GLY A N   1 
ATOM   2    C CA  . GLY A 1 2   ? -15.326 4.962   -7.553  1.00 8.19  ? 13  GLY A CA  1 
ATOM   3    C C   . GLY A 1 2   ? -14.112 4.053   -7.495  1.00 6.69  ? 13  GLY A C   1 
ATOM   4    O O   . GLY A 1 2   ? -14.219 2.842   -7.774  1.00 6.81  ? 13  GLY A O   1 
ATOM   5    N N   . ALA A 1 3   ? -12.952 4.622   -7.234  1.00 6.15  ? 14  ALA A N   1 
ATOM   6    C CA  . ALA A 1 3   ? -11.687 3.863   -7.332  1.00 6.03  ? 14  ALA A CA  1 
ATOM   7    C C   . ALA A 1 3   ? -11.653 2.679   -6.363  1.00 5.16  ? 14  ALA A C   1 
ATOM   8    O O   . ALA A 1 3   ? -11.210 1.602   -6.790  1.00 5.09  ? 14  ALA A O   1 
ATOM   9    C CB  . ALA A 1 3   ? -10.500 4.776   -7.167  1.00 6.68  ? 14  ALA A CB  1 
ATOM   10   N N   . PRO A 1 4   ? -12.132 2.787   -5.102  1.00 5.58  ? 15  PRO A N   1 
ATOM   11   C CA  . PRO A 1 4   ? -12.131 1.606   -4.246  1.00 5.10  ? 15  PRO A CA  1 
ATOM   12   C C   . PRO A 1 4   ? -12.980 0.469   -4.809  1.00 5.12  ? 15  PRO A C   1 
ATOM   13   O O   . PRO A 1 4   ? -12.553 -0.707  -4.773  1.00 5.32  ? 15  PRO A O   1 
ATOM   14   C CB  . PRO A 1 4   ? -12.640 2.156   -2.916  1.00 5.90  ? 15  PRO A CB  1 
ATOM   15   C CG  . PRO A 1 4   ? -12.188 3.624   -2.950  1.00 6.49  ? 15  PRO A CG  1 
ATOM   16   C CD  . PRO A 1 4   ? -12.482 4.018   -4.380  1.00 6.15  ? 15  PRO A CD  1 
ATOM   17   N N   . ALA A 1 5   ? -14.172 0.774   -5.288  1.00 5.01  ? 16  ALA A N   1 
ATOM   18   C CA  . ALA A 1 5   ? -15.024 -0.252  -5.868  1.00 4.80  ? 16  ALA A CA  1 
ATOM   19   C C   . ALA A 1 5   ? -14.294 -0.884  -7.058  1.00 5.02  ? 16  ALA A C   1 
ATOM   20   O O   . ALA A 1 5   ? -14.386 -2.098  -7.297  1.00 5.69  ? 16  ALA A O   1 
ATOM   21   C CB  . ALA A 1 5   ? -16.363 0.320   -6.301  1.00 6.16  ? 16  ALA A CB  1 
ATOM   22   N N   . THR A 1 6   ? -13.683 -0.038  -7.910  1.00 5.11  ? 17  THR A N   1 
ATOM   23   C CA  . THR A 1 6   ? -13.058 -0.555  -9.110  1.00 5.20  ? 17  THR A CA  1 
ATOM   24   C C   . THR A 1 6   ? -11.909 -1.509  -8.767  1.00 4.91  ? 17  THR A C   1 
ATOM   25   O O   . THR A 1 6   ? -11.846 -2.569  -9.400  1.00 5.16  ? 17  THR A O   1 
ATOM   26   C CB  . THR A 1 6   ? -12.639 0.563   -10.044 1.00 5.22  ? 17  THR A CB  1 
ATOM   27   O OG1 . THR A 1 6   ? -13.841 1.220   -10.439 1.00 5.97  ? 17  THR A OG1 1 
ATOM   28   C CG2 . THR A 1 6   ? -11.829 0.080   -11.238 1.00 5.60  ? 17  THR A CG2 1 
ATOM   29   N N   . VAL A 1 7   ? -11.043 -1.183  -7.821  1.00 4.34  ? 18  VAL A N   1 
ATOM   30   C CA  . VAL A 1 7   ? -9.973  -2.128  -7.497  1.00 4.60  ? 18  VAL A CA  1 
ATOM   31   C C   . VAL A 1 7   ? -10.528 -3.374  -6.803  1.00 5.07  ? 18  VAL A C   1 
ATOM   32   O O   . VAL A 1 7   ? -10.034 -4.487  -6.992  1.00 5.11  ? 18  VAL A O   1 
ATOM   33   C CB  . VAL A 1 7   ? -8.814  -1.468  -6.756  1.00 4.79  ? 18  VAL A CB  1 
ATOM   34   C CG1 . VAL A 1 7   ? -9.254  -0.835  -5.447  1.00 5.10  ? 18  VAL A CG1 1 
ATOM   35   C CG2 . VAL A 1 7   ? -7.639  -2.413  -6.559  1.00 5.08  ? 18  VAL A CG2 1 
ATOM   36   N N   . THR A 1 8   ? -11.607 -3.242  -6.017  1.00 4.80  ? 19  THR A N   1 
ATOM   37   C CA  . THR A 1 8   ? -12.250 -4.402  -5.416  1.00 5.16  ? 19  THR A CA  1 
ATOM   38   C C   . THR A 1 8   ? -12.687 -5.395  -6.487  1.00 5.70  ? 19  THR A C   1 
ATOM   39   O O   . THR A 1 8   ? -12.534 -6.602  -6.330  1.00 6.52  ? 19  THR A O   1 
ATOM   40   C CB  . THR A 1 8   ? -13.448 -3.975  -4.541  1.00 4.93  ? 19  THR A CB  1 
ATOM   41   O OG1 . THR A 1 8   ? -13.006 -3.096  -3.515  1.00 5.34  ? 19  THR A OG1 1 
ATOM   42   C CG2 . THR A 1 8   ? -14.171 -5.140  -3.909  1.00 5.26  ? 19  THR A CG2 1 
ATOM   43   N N   . GLU A 1 9   ? -13.288 -4.900  -7.561  1.00 6.05  ? 20  GLU A N   1 
ATOM   44   C CA  . GLU A 1 9   ? -13.937 -5.749  -8.537  1.00 7.48  ? 20  GLU A CA  1 
ATOM   45   C C   . GLU A 1 9   ? -13.018 -6.083  -9.710  1.00 7.21  ? 20  GLU A C   1 
ATOM   46   O O   . GLU A 1 9   ? -13.278 -7.097  -10.412 1.00 10.00 ? 20  GLU A O   1 
ATOM   47   C CB  . GLU A 1 9   ? -15.195 -5.015  -9.023  1.00 9.88  ? 20  GLU A CB  1 
ATOM   48   C CG  . GLU A 1 9   ? -16.210 -4.796  -7.880  1.00 14.32 ? 20  GLU A CG  1 
ATOM   49   C CD  . GLU A 1 9   ? -17.416 -3.898  -8.112  1.00 17.25 ? 20  GLU A CD  1 
ATOM   50   O OE1 . GLU A 1 9   ? -17.502 -3.196  -9.111  1.00 18.84 ? 20  GLU A OE1 1 
ATOM   51   O OE2 . GLU A 1 9   ? -18.301 -3.925  -7.245  1.00 22.69 ? 20  GLU A OE2 1 
ATOM   52   N N   . GLN A 1 10  ? -11.984 -5.311  -9.973  1.00 5.61  ? 21  GLN A N   1 
ATOM   53   C CA  . GLN A 1 10  ? -11.198 -5.390  -11.194 1.00 5.40  ? 21  GLN A CA  1 
ATOM   54   C C   . GLN A 1 10  ? -9.715  -5.514  -10.876 1.00 5.51  ? 21  GLN A C   1 
ATOM   55   O O   . GLN A 1 10  ? -8.910  -5.490  -11.813 1.00 6.28  ? 21  GLN A O   1 
ATOM   56   C CB  . GLN A 1 10  ? -11.401 -4.173  -12.105 1.00 6.08  ? 21  GLN A CB  1 
ATOM   57   C CG  . GLN A 1 10  ? -12.874 -3.868  -12.400 1.00 7.09  ? 21  GLN A CG  1 
ATOM   58   C CD  . GLN A 1 10  ? -13.586 -4.926  -13.183 1.00 8.08  ? 21  GLN A CD  1 
ATOM   59   O OE1 . GLN A 1 10  ? -12.983 -5.680  -13.960 1.00 8.65  ? 21  GLN A OE1 1 
ATOM   60   N NE2 . GLN A 1 10  ? -14.914 -4.939  -13.042 1.00 9.18  ? 21  GLN A NE2 1 
ATOM   61   N N   . GLY A 1 11  ? -9.309  -5.643  -9.618  1.00 5.16  ? 22  GLY A N   1 
ATOM   62   C CA  . GLY A 1 11  ? -7.905  -5.738  -9.235  1.00 5.19  ? 22  GLY A CA  1 
ATOM   63   C C   . GLY A 1 11  ? -7.343  -7.129  -9.425  1.00 5.59  ? 22  GLY A C   1 
ATOM   64   O O   . GLY A 1 11  ? -8.093  -8.140  -9.436  1.00 7.01  ? 22  GLY A O   1 
ATOM   65   N N   . GLU A 1 12  ? -6.021  -7.196  -9.446  1.00 5.57  ? 23  GLU A N   1 
ATOM   66   C CA  . GLU A 1 12  ? -5.349  -8.477  -9.545  1.00 6.29  ? 23  GLU A CA  1 
ATOM   67   C C   . GLU A 1 12  ? -4.814  -8.894  -8.187  1.00 5.61  ? 23  GLU A C   1 
ATOM   68   O O   . GLU A 1 12  ? -4.180  -8.106  -7.492  1.00 5.39  ? 23  GLU A O   1 
ATOM   69   C CB  . GLU A 1 12  ? -4.186  -8.320  -10.499 1.00 8.73  ? 23  GLU A CB  1 
ATOM   70   C CG  . GLU A 1 12  ? -3.419  -9.638  -10.769 1.00 11.06 ? 23  GLU A CG  1 
ATOM   71   C CD  . GLU A 1 12  ? -2.409  -9.528  -11.882 1.00 15.48 ? 23  GLU A CD  1 
ATOM   72   O OE1 . GLU A 1 12  ? -2.829  -9.344  -13.051 1.00 18.75 ? 23  GLU A OE1 1 
ATOM   73   O OE2 . GLU A 1 12  ? -1.207  -9.516  -11.534 1.00 22.61 ? 23  GLU A OE2 1 
ATOM   74   N N   . ASP A 1 13  ? -5.037  -10.154 -7.870  1.00 5.35  ? 24  ASP A N   1 
ATOM   75   C CA  . ASP A 1 13  ? -4.524  -10.723 -6.625  1.00 5.67  ? 24  ASP A CA  1 
ATOM   76   C C   . ASP A 1 13  ? -3.004  -10.889 -6.718  1.00 5.74  ? 24  ASP A C   1 
ATOM   77   O O   . ASP A 1 13  ? -2.537  -11.645 -7.567  1.00 7.15  ? 24  ASP A O   1 
ATOM   78   C CB  . ASP A 1 13  ? -5.193  -12.075 -6.331  1.00 6.39  ? 24  ASP A CB  1 
ATOM   79   C CG  . ASP A 1 13  ? -4.890  -12.658 -4.978  1.00 6.68  ? 24  ASP A CG  1 
ATOM   80   O OD1 . ASP A 1 13  ? -4.055  -12.076 -4.236  1.00 7.13  ? 24  ASP A OD1 1 
ATOM   81   O OD2 . ASP A 1 13  ? -5.437  -13.767 -4.682  1.00 7.62  ? 24  ASP A OD2 1 
ATOM   82   N N   . ILE A 1 14  ? -2.254  -10.229 -5.851  1.00 5.44  ? 25  ILE A N   1 
ATOM   83   C CA  . ILE A 1 14  ? -0.791  -10.280 -5.861  1.00 6.08  ? 25  ILE A CA  1 
ATOM   84   C C   . ILE A 1 14  ? -0.300  -11.057 -4.654  1.00 6.75  ? 25  ILE A C   1 
ATOM   85   O O   . ILE A 1 14  ? 0.931   -11.035 -4.361  1.00 8.22  ? 25  ILE A O   1 
ATOM   86   C CB  . ILE A 1 14  ? -0.200  -8.859  -5.931  1.00 5.96  ? 25  ILE A CB  1 
ATOM   87   C CG1 . ILE A 1 14  ? -0.586  -7.965  -4.761  1.00 5.67  ? 25  ILE A CG1 1 
ATOM   88   C CG2 . ILE A 1 14  ? -0.496  -8.207  -7.282  1.00 6.52  ? 25  ILE A CG2 1 
ATOM   89   C CD1 . ILE A 1 14  ? 0.272   -6.715  -4.612  1.00 6.55  ? 25  ILE A CD1 1 
ATOM   90   N N   . THR A 1 15  ? -1.180  -11.687 -3.882  1.00 6.59  ? 26  THR A N   1 
ATOM   91   C CA  . THR A 1 15  ? -0.719  -12.503 -2.743  1.00 7.51  ? 26  THR A CA  1 
ATOM   92   C C   . THR A 1 15  ? -0.118  -13.827 -3.206  1.00 8.27  ? 26  THR A C   1 
ATOM   93   O O   . THR A 1 15  ? -0.524  -14.434 -4.183  1.00 9.45  ? 26  THR A O   1 
ATOM   94   C CB  . THR A 1 15  ? -1.860  -12.767 -1.769  1.00 6.93  ? 26  THR A CB  1 
ATOM   95   O OG1 . THR A 1 15  ? -2.858  -13.607 -2.374  1.00 7.45  ? 26  THR A OG1 1 
ATOM   96   C CG2 . THR A 1 15  ? -2.438  -11.494 -1.207  1.00 7.54  ? 26  THR A CG2 1 
ATOM   97   N N   . SER A 1 16  ? 0.896   -14.286 -2.446  1.00 8.47  ? 27  SER A N   1 
ATOM   98   C CA  . SER A 1 16  ? 1.463   -15.648 -2.694  1.00 8.98  ? 27  SER A CA  1 
ATOM   99   C C   . SER A 1 16  ? 0.449   -16.736 -2.368  1.00 8.91  ? 27  SER A C   1 
ATOM   100  O O   . SER A 1 16  ? 0.431   -17.786 -3.003  1.00 9.92  ? 27  SER A O   1 
ATOM   101  C CB  . SER A 1 16  ? 2.708   -15.874 -1.892  1.00 10.12 ? 27  SER A CB  1 
ATOM   102  O OG  . SER A 1 16  ? 2.538   -15.824 -0.520  1.00 11.01 ? 27  SER A OG  1 
ATOM   103  N N   . LYS A 1 17  ? -0.405  -16.485 -1.392  1.00 8.10  ? 28  LYS A N   1 
ATOM   104  C CA  . LYS A 1 17  ? -1.431  -17.478 -1.015  1.00 9.87  ? 28  LYS A CA  1 
ATOM   105  C C   . LYS A 1 17  ? -2.604  -17.522 -1.980  1.00 10.20 ? 28  LYS A C   1 
ATOM   106  O O   . LYS A 1 17  ? -3.433  -18.433 -1.943  1.00 11.15 ? 28  LYS A O   1 
ATOM   107  C CB  . LYS A 1 17  ? -1.968  -17.209 0.380   1.00 12.28 ? 28  LYS A CB  1 
ATOM   108  C CG  . LYS A 1 17  ? -1.034  -17.648 1.501   1.00 17.32 ? 28  LYS A CG  1 
ATOM   109  C CD  . LYS A 1 17  ? -1.721  -17.782 2.847   1.00 22.77 ? 28  LYS A CD  1 
ATOM   110  C CE  . LYS A 1 17  ? -2.870  -18.775 2.863   1.00 27.93 ? 28  LYS A CE  1 
ATOM   111  N NZ  . LYS A 1 17  ? -3.689  -18.671 4.095   1.00 31.47 ? 28  LYS A NZ  1 
ATOM   112  N N   . LYS A 1 18  ? -2.775  -16.526 -2.847  1.00 8.32  ? 29  LYS A N   1 
ATOM   113  C CA  . LYS A 1 18  ? -3.896  -16.391 -3.761  1.00 9.14  ? 29  LYS A CA  1 
ATOM   114  C C   . LYS A 1 18  ? -5.207  -16.403 -2.981  1.00 9.46  ? 29  LYS A C   1 
ATOM   115  O O   . LYS A 1 18  ? -6.186  -17.065 -3.358  1.00 10.09 ? 29  LYS A O   1 
ATOM   116  C CB  . LYS A 1 18  ? -3.758  -17.385 -4.929  1.00 13.06 ? 29  LYS A CB  1 
ATOM   117  C CG  . LYS A 1 18  ? -2.595  -17.067 -5.902  1.00 14.79 ? 29  LYS A CG  1 
ATOM   118  C CD  . LYS A 1 18  ? -2.691  -15.653 -6.490  1.00 19.33 ? 29  LYS A CD  1 
ATOM   119  C CE  . LYS A 1 18  ? -1.840  -15.302 -7.701  1.00 21.51 ? 29  LYS A CE  1 
ATOM   120  N NZ  . LYS A 1 18  ? -0.831  -16.315 -8.059  1.00 22.22 ? 29  LYS A NZ  1 
ATOM   121  N N   . ASP A 1 19  ? -5.253  -15.591 -1.956  1.00 7.98  ? 30  ASP A N   1 
ATOM   122  C CA  . ASP A 1 19  ? -6.431  -15.514 -1.064  1.00 8.13  ? 30  ASP A CA  1 
ATOM   123  C C   . ASP A 1 19  ? -7.202  -14.219 -1.282  1.00 8.27  ? 30  ASP A C   1 
ATOM   124  O O   . ASP A 1 19  ? -8.031  -13.937 -0.469  1.00 9.88  ? 30  ASP A O   1 
ATOM   125  C CB  . ASP A 1 19  ? -6.016  -15.725 0.397   1.00 9.17  ? 30  ASP A CB  1 
ATOM   126  C CG  . ASP A 1 19  ? -5.088  -14.664 0.985   1.00 9.22  ? 30  ASP A CG  1 
ATOM   127  O OD1 . ASP A 1 19  ? -4.895  -13.640 0.318   1.00 9.56  ? 30  ASP A OD1 1 
ATOM   128  O OD2 . ASP A 1 19  ? -4.569  -14.878 2.070   1.00 10.13 ? 30  ASP A OD2 1 
ATOM   129  N N   . ARG A 1 20  ? -6.879  -13.430 -2.384  1.00 8.03  ? 31  ARG A N   1 
ATOM   130  C CA  . ARG A 1 20  ? -7.477  -12.083 -2.684  1.00 8.53  ? 31  ARG A CA  1 
ATOM   131  C C   . ARG A 1 20  ? -7.291  -11.082 -1.523  1.00 7.81  ? 31  ARG A C   1 
ATOM   132  O O   . ARG A 1 20  ? -7.992  -10.131 -1.472  1.00 7.52  ? 31  ARG A O   1 
ATOM   133  C CB  . ARG A 1 20  ? -8.920  -12.194 -3.197  1.00 11.40 ? 31  ARG A CB  1 
ATOM   134  C CG  . ARG A 1 20  ? -8.930  -12.824 -4.590  1.00 13.98 ? 31  ARG A CG  1 
ATOM   135  C CD  . ARG A 1 20  ? -10.259 -13.064 -5.198  1.00 14.37 ? 31  ARG A CD  1 
ATOM   136  N NE  . ARG A 1 20  ? -10.922 -11.807 -5.414  1.00 12.41 ? 31  ARG A NE  1 
ATOM   137  C CZ  . ARG A 1 20  ? -10.740 -11.026 -6.474  1.00 11.42 ? 31  ARG A CZ  1 
ATOM   138  N NH1 . ARG A 1 20  ? -9.740  -11.218 -7.292  1.00 11.89 ? 31  ARG A NH1 1 
ATOM   139  N NH2 . ARG A 1 20  ? -11.579 -10.069 -6.754  1.00 12.13 ? 31  ARG A NH2 1 
ATOM   140  N N   . GLY A 1 21  ? -6.314  -11.217 -0.665  1.00 6.31  ? 32  GLY A N   1 
ATOM   141  C CA  . GLY A 1 21  ? -6.142  -10.299 0.466   1.00 6.29  ? 32  GLY A CA  1 
ATOM   142  C C   . GLY A 1 21  ? -5.553  -8.961  0.069   1.00 5.52  ? 32  GLY A C   1 
ATOM   143  O O   . GLY A 1 21  ? -5.758  -8.034  0.782   1.00 5.79  ? 32  GLY A O   1 
ATOM   144  N N   . VAL A 1 22  ? -4.862  -8.922  -1.072  1.00 4.88  ? 33  VAL A N   1 
ATOM   145  C CA  . VAL A 1 22  ? -4.266  -7.702  -1.595  1.00 5.11  ? 33  VAL A CA  1 
ATOM   146  C C   . VAL A 1 22  ? -4.527  -7.718  -3.091  1.00 4.54  ? 33  VAL A C   1 
ATOM   147  O O   . VAL A 1 22  ? -4.007  -8.588  -3.805  1.00 4.98  ? 33  VAL A O   1 
ATOM   148  C CB  . VAL A 1 22  ? -2.772  -7.575  -1.315  1.00 5.68  ? 33  VAL A CB  1 
ATOM   149  C CG1 . VAL A 1 22  ? -2.266  -6.222  -1.800  1.00 6.37  ? 33  VAL A CG1 1 
ATOM   150  C CG2 . VAL A 1 22  ? -2.499  -7.761  0.169   1.00 6.00  ? 33  VAL A CG2 1 
ATOM   151  N N   . LEU A 1 23  ? -5.327  -6.766  -3.576  1.00 4.47  ? 34  LEU A N   1 
ATOM   152  C CA  . LEU A 1 23  ? -5.611  -6.602  -4.995  1.00 4.80  ? 34  LEU A CA  1 
ATOM   153  C C   . LEU A 1 23  ? -4.960  -5.344  -5.486  1.00 4.52  ? 34  LEU A C   1 
ATOM   154  O O   . LEU A 1 23  ? -4.971  -4.313  -4.786  1.00 5.18  ? 34  LEU A O   1 
ATOM   155  C CB  . LEU A 1 23  ? -7.110  -6.538  -5.254  1.00 5.50  ? 34  LEU A CB  1 
ATOM   156  C CG  . LEU A 1 23  ? -7.932  -7.711  -4.748  1.00 6.42  ? 34  LEU A CG  1 
ATOM   157  C CD1 . LEU A 1 23  ? -9.407  -7.488  -4.985  1.00 7.42  ? 34  LEU A CD1 1 
ATOM   158  C CD2 . LEU A 1 23  ? -7.478  -9.012  -5.371  1.00 7.78  ? 34  LEU A CD2 1 
ATOM   159  N N   . LYS A 1 24  ? -4.514  -5.343  -6.729  1.00 4.70  ? 35  LYS A N   1 
ATOM   160  C CA  . LYS A 1 24  ? -3.720  -4.232  -7.303  1.00 4.45  ? 35  LYS A CA  1 
ATOM   161  C C   . LYS A 1 24  ? -4.218  -3.863  -8.684  1.00 4.54  ? 35  LYS A C   1 
ATOM   162  O O   . LYS A 1 24  ? -4.505  -4.735  -9.512  1.00 5.06  ? 35  LYS A O   1 
ATOM   163  C CB  . LYS A 1 24  ? -2.258  -4.648  -7.423  1.00 4.63  ? 35  LYS A CB  1 
ATOM   164  C CG  . LYS A 1 24  ? -1.315  -3.549  -7.899  1.00 4.56  ? 35  LYS A CG  1 
ATOM   165  C CD  . LYS A 1 24  ? 0.119   -4.018  -8.088  1.00 5.14  ? 35  LYS A CD  1 
ATOM   166  C CE  . LYS A 1 24  ? 0.959   -2.908  -8.625  1.00 4.82  ? 35  LYS A CE  1 
ATOM   167  N NZ  . LYS A 1 24  ? 2.269   -3.312  -9.182  1.00 5.60  ? 35  LYS A NZ  1 
ATOM   168  N N   . ILE A 1 25  ? -4.233  -2.558  -8.971  1.00 4.29  ? 36  ILE A N   1 
ATOM   169  C CA  . ILE A 1 25  ? -4.328  -2.039  -10.371 1.00 4.40  ? 36  ILE A CA  1 
ATOM   170  C C   . ILE A 1 25  ? -3.144  -1.102  -10.553 1.00 4.72  ? 36  ILE A C   1 
ATOM   171  O O   . ILE A 1 25  ? -2.925  -0.183  -9.704  1.00 4.74  ? 36  ILE A O   1 
ATOM   172  C CB  . ILE A 1 25  ? -5.642  -1.268  -10.606 1.00 4.60  ? 36  ILE A CB  1 
ATOM   173  C CG1 . ILE A 1 25  ? -6.807  -2.266  -10.544 1.00 5.06  ? 36  ILE A CG1 1 
ATOM   174  C CG2 . ILE A 1 25  ? -5.608  -0.544  -11.942 1.00 5.06  ? 36  ILE A CG2 1 
ATOM   175  C CD1 . ILE A 1 25  ? -8.179  -1.612  -10.619 1.00 5.18  ? 36  ILE A CD1 1 
ATOM   176  N N   . VAL A 1 26  ? -2.419  -1.265  -11.665 1.00 4.71  ? 37  VAL A N   1 
ATOM   177  C CA  . VAL A 1 26  ? -1.386  -0.290  -12.048 1.00 5.36  ? 37  VAL A CA  1 
ATOM   178  C C   . VAL A 1 26  ? -2.060  0.894   -12.728 1.00 5.15  ? 37  VAL A C   1 
ATOM   179  O O   . VAL A 1 26  ? -2.726  0.678   -13.750 1.00 5.90  ? 37  VAL A O   1 
ATOM   180  C CB  . VAL A 1 26  ? -0.351  -0.917  -12.989 1.00 6.02  ? 37  VAL A CB  1 
ATOM   181  C CG1 . VAL A 1 26  ? 0.706   0.094   -13.438 1.00 6.84  ? 37  VAL A CG1 1 
ATOM   182  C CG2 . VAL A 1 26  ? 0.340   -2.089  -12.308 1.00 6.42  ? 37  VAL A CG2 1 
ATOM   183  N N   . LYS A 1 27  ? -1.947  2.086   -12.151 1.00 4.81  ? 38  LYS A N   1 
ATOM   184  C CA  . LYS A 1 27  ? -2.565  3.316   -12.695 1.00 5.90  ? 38  LYS A CA  1 
ATOM   185  C C   . LYS A 1 27  ? -1.596  4.054   -13.595 1.00 6.97  ? 38  LYS A C   1 
ATOM   186  O O   . LYS A 1 27  ? -2.029  4.637   -14.600 1.00 7.69  ? 38  LYS A O   1 
ATOM   187  C CB  . LYS A 1 27  ? -2.998  4.195   -11.544 1.00 6.32  ? 38  LYS A CB  1 
ATOM   188  C CG  . LYS A 1 27  ? -4.111  3.537   -10.736 1.00 6.65  ? 38  LYS A CG  1 
ATOM   189  C CD  . LYS A 1 27  ? -5.453  3.370   -11.442 1.00 6.69  ? 38  LYS A CD  1 
ATOM   190  C CE  . LYS A 1 27  ? -6.089  4.736   -11.661 1.00 7.06  ? 38  LYS A CE  1 
ATOM   191  N NZ  . LYS A 1 27  ? -7.426  4.630   -12.294 1.00 8.63  ? 38  LYS A NZ  1 
ATOM   192  N N   . ARG A 1 28  ? -0.323  4.145   -13.232 1.00 7.17  ? 39  ARG A N   1 
ATOM   193  C CA  . ARG A 1 28  ? 0.700   4.797   -14.086 1.00 8.76  ? 39  ARG A CA  1 
ATOM   194  C C   . ARG A 1 28  ? 1.853   3.837   -14.178 1.00 8.24  ? 39  ARG A C   1 
ATOM   195  O O   . ARG A 1 28  ? 2.439   3.471   -13.119 1.00 7.95  ? 39  ARG A O   1 
ATOM   196  C CB  . ARG A 1 28  ? 1.230   6.122   -13.586 1.00 10.16 ? 39  ARG A CB  1 
ATOM   197  C CG  . ARG A 1 28  ? 2.255   6.720   -14.575 1.00 11.51 ? 39  ARG A CG  1 
ATOM   198  C CD  . ARG A 1 28  ? 2.767   8.035   -14.216 1.00 12.14 ? 39  ARG A CD  1 
ATOM   199  N NE  . ARG A 1 28  ? 3.628   7.932   -13.065 1.00 10.23 ? 39  ARG A NE  1 
ATOM   200  C CZ  . ARG A 1 28  ? 3.919   8.952   -12.311 1.00 12.84 ? 39  ARG A CZ  1 
ATOM   201  N NH1 . ARG A 1 28  ? 3.291   10.124  -12.478 1.00 17.46 ? 39  ARG A NH1 1 
ATOM   202  N NH2 . ARG A 1 28  ? 4.810   8.864   -11.337 1.00 12.97 ? 39  ARG A NH2 1 
ATOM   203  N N   . VAL A 1 29  ? 2.226   3.388   -15.374 1.00 9.05  ? 40  VAL A N   1 
ATOM   204  C CA  . VAL A 1 29  ? 3.320   2.542   -15.595 1.00 8.88  ? 40  VAL A CA  1 
ATOM   205  C C   . VAL A 1 29  ? 4.649   3.259   -15.277 1.00 8.31  ? 40  VAL A C   1 
ATOM   206  O O   . VAL A 1 29  ? 4.809   4.443   -15.660 1.00 9.68  ? 40  VAL A O   1 
ATOM   207  C CB  . VAL A 1 29  ? 3.337   1.980   -17.038 1.00 10.67 ? 40  VAL A CB  1 
ATOM   208  C CG1 . VAL A 1 29  ? 4.510   1.115   -17.340 1.00 12.61 ? 40  VAL A CG1 1 
ATOM   209  C CG2 . VAL A 1 29  ? 2.067   1.189   -17.345 1.00 12.81 ? 40  VAL A CG2 1 
ATOM   210  N N   . GLY A 1 30  ? 5.501   2.546   -14.562 1.00 8.05  ? 41  GLY A N   1 
ATOM   211  C CA  . GLY A 1 30  ? 6.824   3.139   -14.175 1.00 7.87  ? 41  GLY A CA  1 
ATOM   212  C C   . GLY A 1 30  ? 7.910   2.790   -15.152 1.00 9.68  ? 41  GLY A C   1 
ATOM   213  O O   . GLY A 1 30  ? 7.651   2.429   -16.318 1.00 9.56  ? 41  GLY A O   1 
ATOM   214  N N   . ASN A 1 31  ? 9.132   2.881   -14.659 1.00 9.36  ? 42  ASN A N   1 
ATOM   215  C CA  . ASN A 1 31  ? 10.317  2.921   -15.536 1.00 10.20 ? 42  ASN A CA  1 
ATOM   216  C C   . ASN A 1 31  ? 11.055  1.586   -15.525 1.00 11.51 ? 42  ASN A C   1 
ATOM   217  O O   . ASN A 1 31  ? 11.441  1.076   -14.480 1.00 12.09 ? 42  ASN A O   1 
ATOM   218  C CB  . ASN A 1 31  ? 11.237  4.052   -15.067 1.00 11.28 ? 42  ASN A CB  1 
ATOM   219  C CG  . ASN A 1 31  ? 10.534  5.391   -15.077 1.00 11.36 ? 42  ASN A CG  1 
ATOM   220  O OD1 . ASN A 1 31  ? 9.694   5.615   -15.934 1.00 15.13 ? 42  ASN A OD1 1 
ATOM   221  N ND2 . ASN A 1 31  ? 10.817  6.275   -14.143 1.00 12.86 ? 42  ASN A ND2 1 
ATOM   222  N N   . GLY A 1 32  ? 11.331  1.084   -16.714 1.00 12.41 ? 43  GLY A N   1 
ATOM   223  C CA  . GLY A 1 32  ? 12.048  -0.154  -16.970 1.00 13.54 ? 43  GLY A CA  1 
ATOM   224  C C   . GLY A 1 32  ? 11.339  -1.340  -16.337 1.00 12.27 ? 43  GLY A C   1 
ATOM   225  O O   . GLY A 1 32  ? 10.145  -1.427  -16.327 1.00 16.47 ? 43  GLY A O   1 
ATOM   226  N N   . GLU A 1 33  ? 12.139  -2.332  -15.914 1.00 12.35 ? 44  GLU A N   1 
ATOM   227  C CA  . GLU A 1 33  ? 11.637  -3.603  -15.458 1.00 13.77 ? 44  GLU A CA  1 
ATOM   228  C C   . GLU A 1 33  ? 11.982  -3.848  -13.981 1.00 11.26 ? 44  GLU A C   1 
ATOM   229  O O   . GLU A 1 33  ? 11.437  -4.808  -13.411 1.00 15.18 ? 44  GLU A O   1 
ATOM   230  C CB  . GLU A 1 33  ? 12.202  -4.752  -16.308 1.00 16.28 ? 44  GLU A CB  1 
ATOM   231  C CG  . GLU A 1 33  ? 11.904  -4.681  -17.811 1.00 19.82 ? 44  GLU A CG  1 
ATOM   232  C CD  . GLU A 1 33  ? 12.545  -5.841  -18.578 1.00 26.98 ? 44  GLU A CD  1 
ATOM   233  O OE1 . GLU A 1 33  ? 12.508  -6.985  -18.061 1.00 36.23 ? 44  GLU A OE1 1 
ATOM   234  O OE2 . GLU A 1 33  ? 13.156  -5.596  -19.634 1.00 35.13 ? 44  GLU A OE2 1 
ATOM   235  N N   . GLU A 1 34  ? 12.880  -3.106  -13.354 1.00 7.85  ? 45  GLU A N   1 
ATOM   236  C CA  . GLU A 1 34  ? 13.366  -3.519  -12.034 1.00 7.18  ? 45  GLU A CA  1 
ATOM   237  C C   . GLU A 1 34  ? 12.417  -3.048  -10.922 1.00 6.94  ? 45  GLU A C   1 
ATOM   238  O O   . GLU A 1 34  ? 11.913  -1.925  -10.910 1.00 7.68  ? 45  GLU A O   1 
ATOM   239  C CB  . GLU A 1 34  ? 14.745  -2.920  -11.810 1.00 7.44  ? 45  GLU A CB  1 
ATOM   240  C CG  . GLU A 1 34  ? 15.443  -3.501  -10.606 1.00 7.76  ? 45  GLU A CG  1 
ATOM   241  C CD  . GLU A 1 34  ? 16.857  -3.018  -10.365 1.00 8.48  ? 45  GLU A CD  1 
ATOM   242  O OE1 . GLU A 1 34  ? 17.314  -2.054  -10.999 1.00 9.81  ? 45  GLU A OE1 1 
ATOM   243  O OE2 . GLU A 1 34  ? 17.509  -3.600  -9.487  1.00 9.41  ? 45  GLU A OE2 1 
ATOM   244  N N   . THR A 1 35  ? 12.188  -3.942  -9.986  1.00 6.79  ? 46  THR A N   1 
ATOM   245  C CA  . THR A 1 35  ? 11.448  -3.688  -8.768  1.00 6.38  ? 46  THR A CA  1 
ATOM   246  C C   . THR A 1 35  ? 12.460  -3.646  -7.634  1.00 5.78  ? 46  THR A C   1 
ATOM   247  O O   . THR A 1 35  ? 13.561  -4.208  -7.772  1.00 6.41  ? 46  THR A O   1 
ATOM   248  C CB  . THR A 1 35  ? 10.347  -4.719  -8.550  1.00 6.66  ? 46  THR A CB  1 
ATOM   249  O OG1 . THR A 1 35  ? 10.993  -5.970  -8.368  1.00 7.79  ? 46  THR A OG1 1 
ATOM   250  C CG2 . THR A 1 35  ? 9.348   -4.749  -9.674  1.00 7.31  ? 46  THR A CG2 1 
ATOM   251  N N   . PRO A 1 36  ? 12.126  -3.080  -6.471  1.00 5.79  ? 47  PRO A N   1 
ATOM   252  C CA  . PRO A 1 36  ? 13.056  -2.996  -5.353  1.00 6.63  ? 47  PRO A CA  1 
ATOM   253  C C   . PRO A 1 36  ? 13.392  -4.381  -4.801  1.00 6.64  ? 47  PRO A C   1 
ATOM   254  O O   . PRO A 1 36  ? 12.703  -5.365  -5.072  1.00 8.67  ? 47  PRO A O   1 
ATOM   255  C CB  . PRO A 1 36  ? 12.373  -2.119  -4.297  1.00 7.02  ? 47  PRO A CB  1 
ATOM   256  C CG  . PRO A 1 36  ? 10.971  -1.873  -4.799  1.00 8.62  ? 47  PRO A CG  1 
ATOM   257  C CD  . PRO A 1 36  ? 10.865  -2.392  -6.186  1.00 7.17  ? 47  PRO A CD  1 
ATOM   258  N N   . MET A 1 37  ? 14.484  -4.460  -4.081  1.00 6.98  ? 48  MET A N   1 
ATOM   259  C CA  . MET A 1 37  ? 14.765  -5.747  -3.411  1.00 7.14  ? 48  MET A CA  1 
ATOM   260  C C   . MET A 1 37  ? 14.626  -5.568  -1.911  1.00 5.98  ? 48  MET A C   1 
ATOM   261  O O   . MET A 1 37  ? 14.631  -4.496  -1.323  1.00 5.27  ? 48  MET A O   1 
ATOM   262  C CB  . MET A 1 37  ? 16.098  -6.332  -3.808  1.00 9.71  ? 48  MET A CB  1 
ATOM   263  C CG  . MET A 1 37  ? 17.224  -5.678  -3.195  1.00 10.10 ? 48  MET A CG  1 
ATOM   264  S SD  . MET A 1 37  ? 18.915  -6.579  -3.389  1.00 9.95  ? 48  MET A SD  1 
ATOM   265  C CE  . MET A 1 37  ? 18.894  -7.948  -2.251  1.00 11.65 ? 48  MET A CE  1 
ATOM   266  N N   . ILE A 1 38  ? 14.476  -6.737  -1.278  1.00 5.98  ? 49  ILE A N   1 
ATOM   267  C CA  . ILE A 1 38  ? 14.320  -6.825  0.151   1.00 6.40  ? 49  ILE A CA  1 
ATOM   268  C C   . ILE A 1 38  ? 15.418  -6.028  0.849   1.00 6.38  ? 49  ILE A C   1 
ATOM   269  O O   . ILE A 1 38  ? 16.602  -6.075  0.477   1.00 6.37  ? 49  ILE A O   1 
ATOM   270  C CB  . ILE A 1 38  ? 14.335  -8.294  0.616   1.00 7.34  ? 49  ILE A CB  1 
ATOM   271  C CG1 . ILE A 1 38  ? 14.125  -8.370  2.129   1.00 9.05  ? 49  ILE A CG1 1 
ATOM   272  C CG2 . ILE A 1 38  ? 15.583  -9.077  0.169   1.00 7.40  ? 49  ILE A CG2 1 
ATOM   273  C CD1 . ILE A 1 38  ? 13.957  -9.778  2.766   1.00 10.18 ? 49  ILE A CD1 1 
ATOM   274  N N   . GLY A 1 39  ? 15.022  -5.208  1.817   1.00 6.32  ? 50  GLY A N   1 
ATOM   275  C CA  . GLY A 1 39  ? 15.916  -4.374  2.552   1.00 6.76  ? 50  GLY A CA  1 
ATOM   276  C C   . GLY A 1 39  ? 16.184  -3.033  1.921   1.00 7.43  ? 50  GLY A C   1 
ATOM   277  O O   . GLY A 1 39  ? 16.807  -2.161  2.572   1.00 9.86  ? 50  GLY A O   1 
ATOM   278  N N   . ASP A 1 40  ? 15.784  -2.787  0.693   1.00 6.54  ? 51  ASP A N   1 
ATOM   279  C CA  . ASP A 1 40  ? 15.986  -1.465  0.092   1.00 6.51  ? 51  ASP A CA  1 
ATOM   280  C C   . ASP A 1 40  ? 15.220  -0.397  0.851   1.00 6.44  ? 51  ASP A C   1 
ATOM   281  O O   . ASP A 1 40  ? 14.132  -0.639  1.349   1.00 6.52  ? 51  ASP A O   1 
ATOM   282  C CB  . ASP A 1 40  ? 15.563  -1.430  -1.369  1.00 6.82  ? 51  ASP A CB  1 
ATOM   283  C CG  . ASP A 1 40  ? 16.491  -2.024  -2.404  1.00 7.60  ? 51  ASP A CG  1 
ATOM   284  O OD1 . ASP A 1 40  ? 17.596  -2.389  -2.004  1.00 7.74  ? 51  ASP A OD1 1 
ATOM   285  O OD2 . ASP A 1 40  ? 16.088  -2.124  -3.585  1.00 7.57  ? 51  ASP A OD2 1 
ATOM   286  N N   . LYS A 1 41  ? 15.806  0.790   0.871   1.00 6.95  ? 52  LYS A N   1 
ATOM   287  C CA  . LYS A 1 41  ? 15.084  2.001   1.282   1.00 7.88  ? 52  LYS A CA  1 
ATOM   288  C C   . LYS A 1 41  ? 14.153  2.388   0.150   1.00 7.89  ? 52  LYS A C   1 
ATOM   289  O O   . LYS A 1 41  ? 14.621  2.601   -0.970  1.00 9.61  ? 52  LYS A O   1 
ATOM   290  C CB  . LYS A 1 41  ? 16.088  3.111   1.549   1.00 10.79 ? 52  LYS A CB  1 
ATOM   291  C CG  . LYS A 1 41  ? 15.586  4.362   2.233   1.00 15.84 ? 52  LYS A CG  1 
ATOM   292  C CD  . LYS A 1 41  ? 16.740  5.135   2.843   1.00 21.08 ? 52  LYS A CD  1 
ATOM   293  C CE  . LYS A 1 41  ? 16.506  5.497   4.294   1.00 27.14 ? 52  LYS A CE  1 
ATOM   294  N NZ  . LYS A 1 41  ? 16.925  4.410   5.215   1.00 30.06 ? 52  LYS A NZ  1 
ATOM   295  N N   . VAL A 1 42  ? 12.856  2.400   0.424   1.00 6.59  ? 53  VAL A N   1 
ATOM   296  C CA  . VAL A 1 42  ? 11.834  2.754   -0.577  1.00 6.85  ? 53  VAL A CA  1 
ATOM   297  C C   . VAL A 1 42  ? 11.221  4.070   -0.106  1.00 7.34  ? 53  VAL A C   1 
ATOM   298  O O   . VAL A 1 42  ? 10.962  4.290   1.086   1.00 8.26  ? 53  VAL A O   1 
ATOM   299  C CB  . VAL A 1 42  ? 10.808  1.648   -0.808  1.00 7.46  ? 53  VAL A CB  1 
ATOM   300  C CG1 . VAL A 1 42  ? 11.476  0.464   -1.456  1.00 7.64  ? 53  VAL A CG1 1 
ATOM   301  C CG2 . VAL A 1 42  ? 10.070  1.232   0.456   1.00 8.38  ? 53  VAL A CG2 1 
ATOM   302  N N   . TYR A 1 43  ? 10.967  4.932   -1.075  1.00 6.76  ? 54  TYR A N   1 
ATOM   303  C CA  . TYR A 1 43  ? 10.371  6.266   -0.889  1.00 6.97  ? 54  TYR A CA  1 
ATOM   304  C C   . TYR A 1 43  ? 9.038   6.284   -1.606  1.00 6.51  ? 54  TYR A C   1 
ATOM   305  O O   . TYR A 1 43  ? 9.001   6.067   -2.810  1.00 6.07  ? 54  TYR A O   1 
ATOM   306  C CB  . TYR A 1 43  ? 11.288  7.301   -1.522  1.00 8.94  ? 54  TYR A CB  1 
ATOM   307  C CG  . TYR A 1 43  ? 12.671  7.463   -0.933  1.00 10.89 ? 54  TYR A CG  1 
ATOM   308  C CD1 . TYR A 1 43  ? 13.671  6.538   -1.116  1.00 12.48 ? 54  TYR A CD1 1 
ATOM   309  C CD2 . TYR A 1 43  ? 12.956  8.616   -0.210  1.00 15.12 ? 54  TYR A CD2 1 
ATOM   310  C CE1 . TYR A 1 43  ? 14.942  6.731   -0.557  1.00 15.26 ? 54  TYR A CE1 1 
ATOM   311  C CE2 . TYR A 1 43  ? 14.203  8.811   0.393   1.00 17.37 ? 54  TYR A CE2 1 
ATOM   312  C CZ  . TYR A 1 43  ? 15.173  7.858   0.194   1.00 16.36 ? 54  TYR A CZ  1 
ATOM   313  O OH  . TYR A 1 43  ? 16.448  8.056   0.685   1.00 23.37 ? 54  TYR A OH  1 
ATOM   314  N N   . VAL A 1 44  ? 7.965   6.479   -0.822  1.00 5.84  ? 55  VAL A N   1 
ATOM   315  C CA  . VAL A 1 44  ? 6.624   6.442   -1.420  1.00 6.72  ? 55  VAL A CA  1 
ATOM   316  C C   . VAL A 1 44  ? 5.835   7.690   -1.060  1.00 6.64  ? 55  VAL A C   1 
ATOM   317  O O   . VAL A 1 44  ? 5.997   8.295   0.005   1.00 6.93  ? 55  VAL A O   1 
ATOM   318  C CB  . VAL A 1 44  ? 5.837   5.188   -1.006  1.00 6.14  ? 55  VAL A CB  1 
ATOM   319  C CG1 . VAL A 1 44  ? 6.563   3.909   -1.437  1.00 5.99  ? 55  VAL A CG1 1 
ATOM   320  C CG2 . VAL A 1 44  ? 5.510   5.144   0.458   1.00 6.56  ? 55  VAL A CG2 1 
ATOM   321  N N   . HIS A 1 45  ? 4.926   8.052   -1.959  1.00 5.96  ? 56  HIS A N   1 
ATOM   322  C CA  . HIS A 1 45  ? 3.800   8.920   -1.602  1.00 6.84  ? 56  HIS A CA  1 
ATOM   323  C C   . HIS A 1 45  ? 2.558   8.084   -1.574  1.00 6.92  ? 56  HIS A C   1 
ATOM   324  O O   . HIS A 1 45  ? 2.385   7.169   -2.400  1.00 8.34  ? 56  HIS A O   1 
ATOM   325  C CB  . HIS A 1 45  ? 3.628   10.108  -2.546  1.00 7.81  ? 56  HIS A CB  1 
ATOM   326  C CG  . HIS A 1 45  ? 4.342   11.353  -2.112  1.00 7.65  ? 56  HIS A CG  1 
ATOM   327  N ND1 . HIS A 1 45  ? 4.193   11.852  -0.834  1.00 8.25  ? 56  HIS A ND1 1 
ATOM   328  C CD2 . HIS A 1 45  ? 5.155   12.194  -2.775  1.00 9.31  ? 56  HIS A CD2 1 
ATOM   329  C CE1 . HIS A 1 45  ? 4.910   12.972  -0.755  1.00 8.48  ? 56  HIS A CE1 1 
ATOM   330  N NE2 . HIS A 1 45  ? 5.474   13.174  -1.891  1.00 9.41  ? 56  HIS A NE2 1 
ATOM   331  N N   . TYR A 1 46  ? 1.648   8.374   -0.677  1.00 7.51  ? 57  TYR A N   1 
ATOM   332  C CA  . TYR A 1 46  ? 0.414   7.581   -0.560  1.00 7.66  ? 57  TYR A CA  1 
ATOM   333  C C   . TYR A 1 46  ? -0.734  8.466   -0.104  1.00 7.60  ? 57  TYR A C   1 
ATOM   334  O O   . TYR A 1 46  ? -0.550  9.513   0.546   1.00 6.97  ? 57  TYR A O   1 
ATOM   335  C CB  . TYR A 1 46  ? 0.625   6.417   0.391   1.00 10.05 ? 57  TYR A CB  1 
ATOM   336  C CG  . TYR A 1 46  ? 0.782   6.813   1.825   1.00 10.85 ? 57  TYR A CG  1 
ATOM   337  C CD1 . TYR A 1 46  ? 2.011   7.132   2.389   1.00 10.83 ? 57  TYR A CD1 1 
ATOM   338  C CD2 . TYR A 1 46  ? -0.310  6.928   2.654   1.00 14.09 ? 57  TYR A CD2 1 
ATOM   339  C CE1 . TYR A 1 46  ? 2.162   7.500   3.707   1.00 12.51 ? 57  TYR A CE1 1 
ATOM   340  C CE2 . TYR A 1 46  ? -0.192  7.319   3.977   1.00 15.50 ? 57  TYR A CE2 1 
ATOM   341  C CZ  . TYR A 1 46  ? 1.058   7.643   4.497   1.00 14.04 ? 57  TYR A CZ  1 
ATOM   342  O OH  . TYR A 1 46  ? 1.243   7.986   5.806   1.00 18.45 ? 57  TYR A OH  1 
ATOM   343  N N   . LYS A 1 47  ? -1.934  7.948   -0.394  1.00 8.20  ? 58  LYS A N   1 
ATOM   344  C CA  . LYS A 1 47  ? -3.197  8.400   0.209   1.00 10.37 ? 58  LYS A CA  1 
ATOM   345  C C   . LYS A 1 47  ? -3.938  7.138   0.622   1.00 11.50 ? 58  LYS A C   1 
ATOM   346  O O   . LYS A 1 47  ? -3.890  6.159   -0.160  1.00 9.94  ? 58  LYS A O   1 
ATOM   347  C CB  . LYS A 1 47  ? -3.961  9.209   -0.846  1.00 14.30 ? 58  LYS A CB  1 
ATOM   348  N N   . GLY A 1 48  ? -4.436  7.059   1.879   1.00 12.51 ? 59  GLY A N   1 
ATOM   349  C CA  . GLY A 1 48  ? -5.258  5.900   2.358   1.00 12.40 ? 59  GLY A CA  1 
ATOM   350  C C   . GLY A 1 48  ? -6.692  6.289   2.664   1.00 11.97 ? 59  GLY A C   1 
ATOM   351  O O   . GLY A 1 48  ? -6.860  7.376   3.339   1.00 14.11 ? 59  GLY A O   1 
ATOM   352  N N   . LYS A 1 49  ? -7.708  5.515   2.196   1.00 11.64 ? 60  LYS A N   1 
ATOM   353  C CA  . LYS A 1 49  ? -9.139  5.710   2.529   1.00 13.01 ? 60  LYS A CA  1 
ATOM   354  C C   . LYS A 1 49  ? -9.710  4.485   3.219   1.00 9.72  ? 60  LYS A C   1 
ATOM   355  O O   . LYS A 1 49  ? -9.357  3.338   2.904   1.00 8.84  ? 60  LYS A O   1 
ATOM   356  C CB  . LYS A 1 49  ? -9.986  5.905   1.288   1.00 14.69 ? 60  LYS A CB  1 
ATOM   357  C CG  . LYS A 1 49  ? -9.626  7.141   0.487   1.00 20.09 ? 60  LYS A CG  1 
ATOM   358  C CD  . LYS A 1 49  ? -10.671 7.393   -0.531  1.00 22.31 ? 60  LYS A CD  1 
ATOM   359  C CE  . LYS A 1 49  ? -11.046 8.853   -0.632  1.00 25.83 ? 60  LYS A CE  1 
ATOM   360  N NZ  . LYS A 1 49  ? -12.339 8.991   -1.333  1.00 29.41 ? 60  LYS A NZ  1 
ATOM   361  N N   . LEU A 1 50  ? -10.629 4.719   4.157   1.00 8.45  ? 61  LEU A N   1 
ATOM   362  C CA  . LEU A 1 50  ? -11.384 3.676   4.819   1.00 9.27  ? 61  LEU A CA  1 
ATOM   363  C C   . LEU A 1 50  ? -12.592 3.317   3.977   1.00 8.28  ? 61  LEU A C   1 
ATOM   364  O O   . LEU A 1 50  ? -12.991 4.079   3.073   1.00 8.75  ? 61  LEU A O   1 
ATOM   365  C CB  . LEU A 1 50  ? -11.900 4.175   6.180   1.00 11.27 ? 61  LEU A CB  1 
ATOM   366  C CG  . LEU A 1 50  ? -10.888 4.571   7.256   1.00 12.45 ? 61  LEU A CG  1 
ATOM   367  C CD1 . LEU A 1 50  ? -11.627 5.081   8.504   1.00 15.91 ? 61  LEU A CD1 1 
ATOM   368  C CD2 . LEU A 1 50  ? -9.959  3.445   7.634   1.00 12.77 ? 61  LEU A CD2 1 
ATOM   369  N N   A SER A 1 51  ? -13.243 2.205   4.337   0.38 9.36  ? 62  SER A N   1 
ATOM   370  N N   B SER A 1 51  ? -13.255 2.219   4.334   0.62 9.71  ? 62  SER A N   1 
ATOM   371  C CA  A SER A 1 51  ? -14.440 1.711   3.651   0.38 10.12 ? 62  SER A CA  1 
ATOM   372  C CA  B SER A 1 51  ? -14.407 1.754   3.583   0.62 10.86 ? 62  SER A CA  1 
ATOM   373  C C   A SER A 1 51  ? -15.631 2.659   3.847   0.38 11.28 ? 62  SER A C   1 
ATOM   374  C C   B SER A 1 51  ? -15.662 2.581   3.929   0.62 11.64 ? 62  SER A C   1 
ATOM   375  O O   A SER A 1 51  ? -16.593 2.626   3.029   0.38 11.77 ? 62  SER A O   1 
ATOM   376  O O   B SER A 1 51  ? -16.690 2.425   3.279   0.62 12.56 ? 62  SER A O   1 
ATOM   377  C CB  A SER A 1 51  ? -14.814 0.333   4.131   0.38 9.71  ? 62  SER A CB  1 
ATOM   378  C CB  B SER A 1 51  ? -14.635 0.279   3.826   0.62 10.79 ? 62  SER A CB  1 
ATOM   379  O OG  A SER A 1 51  ? -13.972 -0.654  3.575   0.38 9.69  ? 62  SER A OG  1 
ATOM   380  O OG  B SER A 1 51  ? -14.883 0.065   5.203   0.62 13.56 ? 62  SER A OG  1 
ATOM   381  N N   . ASN A 1 52  ? -15.575 3.513   4.875   1.00 11.60 ? 63  ASN A N   1 
ATOM   382  C CA  . ASN A 1 52  ? -16.632 4.557   5.061   1.00 13.53 ? 63  ASN A CA  1 
ATOM   383  C C   . ASN A 1 52  ? -16.383 5.816   4.210   1.00 14.36 ? 63  ASN A C   1 
ATOM   384  O O   . ASN A 1 52  ? -17.143 6.815   4.310   1.00 14.22 ? 63  ASN A O   1 
ATOM   385  C CB  . ASN A 1 52  ? -16.814 4.874   6.530   1.00 16.15 ? 63  ASN A CB  1 
ATOM   386  C CG  . ASN A 1 52  ? -15.650 5.623   7.118   1.00 18.14 ? 63  ASN A CG  1 
ATOM   387  O OD1 . ASN A 1 52  ? -14.700 5.958   6.423   1.00 16.41 ? 63  ASN A OD1 1 
ATOM   388  N ND2 . ASN A 1 52  ? -15.715 5.958   8.405   1.00 20.22 ? 63  ASN A ND2 1 
ATOM   389  N N   . GLY A 1 53  ? -15.348 5.806   3.373   1.00 12.17 ? 64  GLY A N   1 
ATOM   390  C CA  . GLY A 1 53  ? -15.064 6.900   2.466   1.00 14.64 ? 64  GLY A CA  1 
ATOM   391  C C   . GLY A 1 53  ? -14.135 7.937   3.082   1.00 15.36 ? 64  GLY A C   1 
ATOM   392  O O   . GLY A 1 53  ? -13.685 8.777   2.369   1.00 19.77 ? 64  GLY A O   1 
ATOM   393  N N   . LYS A 1 54  ? -13.835 7.848   4.377   1.00 14.56 ? 65  LYS A N   1 
ATOM   394  C CA  . LYS A 1 54  ? -12.949 8.868   5.041   1.00 15.48 ? 65  LYS A CA  1 
ATOM   395  C C   . LYS A 1 54  ? -11.501 8.647   4.588   1.00 13.69 ? 65  LYS A C   1 
ATOM   396  O O   . LYS A 1 54  ? -11.013 7.505   4.506   1.00 13.30 ? 65  LYS A O   1 
ATOM   397  C CB  . LYS A 1 54  ? -13.014 8.751   6.559   1.00 19.49 ? 65  LYS A CB  1 
ATOM   398  C CG  . LYS A 1 54  ? -14.324 9.203   7.199   1.00 23.86 ? 65  LYS A CG  1 
ATOM   399  C CD  . LYS A 1 54  ? -14.281 9.086   8.712   1.00 29.90 ? 65  LYS A CD  1 
ATOM   400  C CE  . LYS A 1 54  ? -15.182 10.071  9.433   1.00 33.95 ? 65  LYS A CE  1 
ATOM   401  N NZ  . LYS A 1 54  ? -16.581 9.592   9.535   1.00 37.54 ? 65  LYS A NZ  1 
ATOM   402  N N   . LYS A 1 55  ? -10.768 9.717   4.298   1.00 15.05 ? 66  LYS A N   1 
ATOM   403  C CA  . LYS A 1 55  ? -9.287  9.685   4.087   1.00 15.94 ? 66  LYS A CA  1 
ATOM   404  C C   . LYS A 1 55  ? -8.634  9.582   5.464   1.00 15.35 ? 66  LYS A C   1 
ATOM   405  O O   . LYS A 1 55  ? -8.940  10.326  6.293   1.00 19.74 ? 66  LYS A O   1 
ATOM   406  C CB  . LYS A 1 55  ? -8.769  10.957  3.384   1.00 19.94 ? 66  LYS A CB  1 
ATOM   407  C CG  . LYS A 1 55  ? -7.236  11.027  3.289   1.00 24.89 ? 66  LYS A CG  1 
ATOM   408  C CD  . LYS A 1 55  ? -6.604  12.411  3.241   1.00 27.85 ? 66  LYS A CD  1 
ATOM   409  C CE  . LYS A 1 55  ? -6.775  13.107  1.914   1.00 29.85 ? 66  LYS A CE  1 
ATOM   410  N NZ  . LYS A 1 55  ? -6.472  14.558  2.032   1.00 29.50 ? 66  LYS A NZ  1 
ATOM   411  N N   . PHE A 1 56  ? -7.779  8.617   5.769   1.00 16.36 ? 67  PHE A N   1 
ATOM   412  C CA  . PHE A 1 56  ? -7.190  8.517   7.143   1.00 17.55 ? 67  PHE A CA  1 
ATOM   413  C C   . PHE A 1 56  ? -5.706  8.928   7.176   1.00 18.91 ? 67  PHE A C   1 
ATOM   414  O O   . PHE A 1 56  ? -5.120  9.060   8.285   1.00 21.81 ? 67  PHE A O   1 
ATOM   415  C CB  . PHE A 1 56  ? -7.347  7.127   7.752   1.00 15.99 ? 67  PHE A CB  1 
ATOM   416  C CG  . PHE A 1 56  ? -6.655  6.016   7.023   1.00 15.27 ? 67  PHE A CG  1 
ATOM   417  C CD1 . PHE A 1 56  ? -5.320  5.711   7.228   1.00 14.93 ? 67  PHE A CD1 1 
ATOM   418  C CD2 . PHE A 1 56  ? -7.325  5.321   6.042   1.00 14.74 ? 67  PHE A CD2 1 
ATOM   419  C CE1 . PHE A 1 56  ? -4.708  4.678   6.526   1.00 14.94 ? 67  PHE A CE1 1 
ATOM   420  C CE2 . PHE A 1 56  ? -6.702  4.287   5.353   1.00 13.83 ? 67  PHE A CE2 1 
ATOM   421  C CZ  . PHE A 1 56  ? -5.397  3.980   5.576   1.00 16.15 ? 67  PHE A CZ  1 
ATOM   422  N N   . ASP A 1 57  ? -5.060  9.068   6.011   1.00 18.28 ? 68  ASP A N   1 
ATOM   423  C CA  . ASP A 1 57  ? -3.649  9.450   5.983   1.00 17.37 ? 68  ASP A CA  1 
ATOM   424  C C   . ASP A 1 57  ? -3.298  9.898   4.563   1.00 15.40 ? 68  ASP A C   1 
ATOM   425  O O   . ASP A 1 57  ? -3.869  9.406   3.578   1.00 14.84 ? 68  ASP A O   1 
ATOM   426  C CB  . ASP A 1 57  ? -2.802  8.256   6.453   1.00 20.61 ? 68  ASP A CB  1 
ATOM   427  C CG  . ASP A 1 57  ? -1.400  8.534   6.963   1.00 22.11 ? 68  ASP A CG  1 
ATOM   428  O OD1 . ASP A 1 57  ? -1.070  9.661   7.108   1.00 20.80 ? 68  ASP A OD1 1 
ATOM   429  O OD2 . ASP A 1 57  ? -0.640  7.547   7.163   1.00 26.67 ? 68  ASP A OD2 1 
ATOM   430  N N   . SER A 1 58  ? -2.325  10.815  4.475   1.00 14.38 ? 69  SER A N   1 
ATOM   431  C CA  . SER A 1 58  ? -1.711  11.232  3.137   1.00 12.75 ? 69  SER A CA  1 
ATOM   432  C C   . SER A 1 58  ? -0.342  11.870  3.347   1.00 12.85 ? 69  SER A C   1 
ATOM   433  O O   . SER A 1 58  ? -0.200  12.904  4.034   1.00 13.03 ? 69  SER A O   1 
ATOM   434  C CB  . SER A 1 58  ? -2.598  12.147  2.337   1.00 16.27 ? 69  SER A CB  1 
ATOM   435  O OG  . SER A 1 58  ? -1.910  13.049  1.467   1.00 16.32 ? 69  SER A OG  1 
ATOM   436  N N   . SER A 1 59  ? 0.642   11.345  2.637   1.00 9.54  ? 70  SER A N   1 
ATOM   437  C CA  . SER A 1 59  ? 1.988   11.879  2.689   1.00 8.14  ? 70  SER A CA  1 
ATOM   438  C C   . SER A 1 59  ? 2.027   13.177  1.893   1.00 7.30  ? 70  SER A C   1 
ATOM   439  O O   . SER A 1 59  ? 2.836   14.064  2.243   1.00 7.65  ? 70  SER A O   1 
ATOM   440  C CB  . SER A 1 59  ? 2.961   10.847  2.236   1.00 7.60  ? 70  SER A CB  1 
ATOM   441  O OG  . SER A 1 59  ? 2.669   10.515  0.901   1.00 7.83  ? 70  SER A OG  1 
ATOM   442  N N   . HIS A 1 60  ? 1.265   13.332  0.810   1.00 7.64  ? 71  HIS A N   1 
ATOM   443  C CA  . HIS A 1 60  ? 1.291   14.538  0.039   1.00 8.93  ? 71  HIS A CA  1 
ATOM   444  C C   . HIS A 1 60  ? 0.985   15.736  0.942   1.00 9.45  ? 71  HIS A C   1 
ATOM   445  O O   . HIS A 1 60  ? 1.599   16.816  0.785   1.00 9.71  ? 71  HIS A O   1 
ATOM   446  C CB  . HIS A 1 60  ? 0.296   14.525  -1.142  1.00 10.36 ? 71  HIS A CB  1 
ATOM   447  C CG  . HIS A 1 60  ? 0.522   13.395  -2.086  1.00 12.72 ? 71  HIS A CG  1 
ATOM   448  N ND1 . HIS A 1 60  ? 1.426   13.477  -3.072  1.00 15.88 ? 71  HIS A ND1 1 
ATOM   449  C CD2 . HIS A 1 60  ? -0.068  12.184  -2.146  1.00 14.80 ? 71  HIS A CD2 1 
ATOM   450  C CE1 . HIS A 1 60  ? 1.331   12.344  -3.788  1.00 11.75 ? 71  HIS A CE1 1 
ATOM   451  N NE2 . HIS A 1 60  ? 0.475   11.548  -3.222  1.00 14.21 ? 71  HIS A NE2 1 
ATOM   452  N N   . ASP A 1 61  ? 0.025   15.566  1.851   1.00 8.75  ? 72  ASP A N   1 
ATOM   453  C CA  . ASP A 1 61  ? -0.422  16.649  2.742   1.00 10.73 ? 72  ASP A CA  1 
ATOM   454  C C   . ASP A 1 61  ? 0.686   17.036  3.716   1.00 10.10 ? 72  ASP A C   1 
ATOM   455  O O   . ASP A 1 61  ? 0.610   18.140  4.295   1.00 10.91 ? 72  ASP A O   1 
ATOM   456  C CB  . ASP A 1 61  ? -1.686  16.263  3.481   1.00 12.73 ? 72  ASP A CB  1 
ATOM   457  C CG  . ASP A 1 61  ? -2.929  16.162  2.594   1.00 14.71 ? 72  ASP A CG  1 
ATOM   458  O OD1 . ASP A 1 61  ? -2.849  16.679  1.460   1.00 15.97 ? 72  ASP A OD1 1 
ATOM   459  O OD2 . ASP A 1 61  ? -3.886  15.483  3.055   1.00 20.78 ? 72  ASP A OD2 1 
ATOM   460  N N   . ARG A 1 62  ? 1.648   16.154  3.948   1.00 7.97  ? 73  ARG A N   1 
ATOM   461  C CA  . ARG A 1 62  ? 2.816   16.411  4.866   1.00 8.74  ? 73  ARG A CA  1 
ATOM   462  C C   . ARG A 1 62  ? 3.994   17.023  4.111   1.00 7.03  ? 73  ARG A C   1 
ATOM   463  O O   . ARG A 1 62  ? 4.977   17.382  4.723   1.00 7.42  ? 73  ARG A O   1 
ATOM   464  C CB  . ARG A 1 62  ? 3.238   15.115  5.558   1.00 10.08 ? 73  ARG A CB  1 
ATOM   465  C CG  . ARG A 1 62  ? 2.173   14.580  6.505   1.00 13.30 ? 73  ARG A CG  1 
ATOM   466  C CD  . ARG A 1 62  ? 2.705   13.659  7.570   1.00 15.70 ? 73  ARG A CD  1 
ATOM   467  N NE  . ARG A 1 62  ? 3.042   12.466  6.854   1.00 16.45 ? 73  ARG A NE  1 
ATOM   468  C CZ  . ARG A 1 62  ? 2.211   11.440  6.672   1.00 19.86 ? 73  ARG A CZ  1 
ATOM   469  N NH1 . ARG A 1 62  ? 2.599   10.372  5.982   1.00 18.78 ? 73  ARG A NH1 1 
ATOM   470  N NH2 . ARG A 1 62  ? 1.007   11.513  7.217   1.00 19.04 ? 73  ARG A NH2 1 
ATOM   471  N N   . ASN A 1 63  ? 3.923   17.046  2.776   1.00 6.42  ? 74  ASN A N   1 
ATOM   472  C CA  . ASN A 1 63  ? 5.013   17.582  1.962   1.00 6.55  ? 74  ASN A CA  1 
ATOM   473  C C   . ASN A 1 63  ? 6.319   16.805  2.146   1.00 7.40  ? 74  ASN A C   1 
ATOM   474  O O   . ASN A 1 63  ? 7.435   17.367  2.026   1.00 7.94  ? 74  ASN A O   1 
ATOM   475  C CB  . ASN A 1 63  ? 5.240   19.080  2.186   1.00 6.88  ? 74  ASN A CB  1 
ATOM   476  C CG  . ASN A 1 63  ? 4.024   19.864  1.813   1.00 6.83  ? 74  ASN A CG  1 
ATOM   477  O OD1 . ASN A 1 63  ? 3.523   19.770  0.664   1.00 7.71  ? 74  ASN A OD1 1 
ATOM   478  N ND2 . ASN A 1 63  ? 3.477   20.603  2.774   1.00 5.87  ? 74  ASN A ND2 1 
ATOM   479  N N   . GLU A 1 64  ? 6.208   15.504  2.419   1.00 7.05  ? 75  GLU A N   1 
ATOM   480  C CA  . GLU A 1 64  ? 7.419   14.651  2.494   1.00 8.26  ? 75  GLU A CA  1 
ATOM   481  C C   . GLU A 1 64  ? 6.954   13.229  2.217   1.00 7.52  ? 75  GLU A C   1 
ATOM   482  O O   . GLU A 1 64  ? 5.911   12.815  2.706   1.00 7.69  ? 75  GLU A O   1 
ATOM   483  C CB  . GLU A 1 64  ? 8.171   14.723  3.840   1.00 10.11 ? 75  GLU A CB  1 
ATOM   484  C CG  . GLU A 1 64  ? 7.343   14.386  5.037   1.00 11.31 ? 75  GLU A CG  1 
ATOM   485  C CD  . GLU A 1 64  ? 8.049   14.364  6.390   1.00 11.07 ? 75  GLU A CD  1 
ATOM   486  O OE1 . GLU A 1 64  ? 8.587   15.362  6.782   1.00 9.95  ? 75  GLU A OE1 1 
ATOM   487  O OE2 . GLU A 1 64  ? 7.913   13.369  7.166   1.00 16.58 ? 75  GLU A OE2 1 
ATOM   488  N N   . PRO A 1 65  ? 7.799   12.443  1.550   1.00 7.70  ? 76  PRO A N   1 
ATOM   489  C CA  . PRO A 1 65  ? 7.466   11.042  1.317   1.00 7.45  ? 76  PRO A CA  1 
ATOM   490  C C   . PRO A 1 65  ? 7.623   10.224  2.586   1.00 7.69  ? 76  PRO A C   1 
ATOM   491  O O   . PRO A 1 65  ? 8.238   10.641  3.594   1.00 8.16  ? 76  PRO A O   1 
ATOM   492  C CB  . PRO A 1 65  ? 8.519   10.664  0.285   1.00 9.32  ? 76  PRO A CB  1 
ATOM   493  C CG  . PRO A 1 65  ? 9.737   11.406  0.715   1.00 10.20 ? 76  PRO A CG  1 
ATOM   494  C CD  . PRO A 1 65  ? 9.159   12.778  1.087   1.00 9.22  ? 76  PRO A CD  1 
ATOM   495  N N   . PHE A 1 66  ? 6.995   9.055   2.605   1.00 7.24  ? 77  PHE A N   1 
ATOM   496  C CA  . PHE A 1 66  ? 7.197   8.063   3.638   1.00 7.32  ? 77  PHE A CA  1 
ATOM   497  C C   . PHE A 1 66  ? 8.318   7.131   3.167   1.00 6.42  ? 77  PHE A C   1 
ATOM   498  O O   . PHE A 1 66  ? 8.281   6.611   2.034   1.00 7.06  ? 77  PHE A O   1 
ATOM   499  C CB  . PHE A 1 66  ? 5.880   7.340   3.909   1.00 8.35  ? 77  PHE A CB  1 
ATOM   500  C CG  . PHE A 1 66  ? 6.009   6.366   5.046   1.00 10.01 ? 77  PHE A CG  1 
ATOM   501  C CD1 . PHE A 1 66  ? 6.092   6.815   6.351   1.00 13.42 ? 77  PHE A CD1 1 
ATOM   502  C CD2 . PHE A 1 66  ? 6.120   4.998   4.827   1.00 11.15 ? 77  PHE A CD2 1 
ATOM   503  C CE1 . PHE A 1 66  ? 6.312   5.930   7.392   1.00 15.34 ? 77  PHE A CE1 1 
ATOM   504  C CE2 . PHE A 1 66  ? 6.308   4.129   5.883   1.00 12.86 ? 77  PHE A CE2 1 
ATOM   505  C CZ  . PHE A 1 66  ? 6.377   4.586   7.151   1.00 14.54 ? 77  PHE A CZ  1 
ATOM   506  N N   . VAL A 1 67  ? 9.234   6.817   4.059   1.00 7.42  ? 78  VAL A N   1 
ATOM   507  C CA  . VAL A 1 67  ? 10.437  6.067   3.741   1.00 8.42  ? 78  VAL A CA  1 
ATOM   508  C C   . VAL A 1 67  ? 10.468  4.871   4.682   1.00 8.88  ? 78  VAL A C   1 
ATOM   509  O O   . VAL A 1 67  ? 10.291  5.022   5.901   1.00 10.75 ? 78  VAL A O   1 
ATOM   510  C CB  . VAL A 1 67  ? 11.694  6.949   3.857   1.00 10.37 ? 78  VAL A CB  1 
ATOM   511  C CG1 . VAL A 1 67  ? 12.930  6.141   3.497   1.00 12.31 ? 78  VAL A CG1 1 
ATOM   512  C CG2 . VAL A 1 67  ? 11.584  8.200   3.013   1.00 10.89 ? 78  VAL A CG2 1 
ATOM   513  N N   . PHE A 1 68  ? 10.681  3.675   4.154   1.00 7.38  ? 79  PHE A N   1 
ATOM   514  C CA  . PHE A 1 68  ? 10.835  2.487   4.987   1.00 7.39  ? 79  PHE A CA  1 
ATOM   515  C C   . PHE A 1 68  ? 11.734  1.481   4.260   1.00 6.68  ? 79  PHE A C   1 
ATOM   516  O O   . PHE A 1 68  ? 12.088  1.648   3.117   1.00 7.63  ? 79  PHE A O   1 
ATOM   517  C CB  . PHE A 1 68  ? 9.490   1.870   5.332   1.00 7.17  ? 79  PHE A CB  1 
ATOM   518  C CG  . PHE A 1 68  ? 8.700   1.317   4.176   1.00 7.27  ? 79  PHE A CG  1 
ATOM   519  C CD1 . PHE A 1 68  ? 7.939   2.127   3.336   1.00 8.00  ? 79  PHE A CD1 1 
ATOM   520  C CD2 . PHE A 1 68  ? 8.670   -0.050  3.945   1.00 7.18  ? 79  PHE A CD2 1 
ATOM   521  C CE1 . PHE A 1 68  ? 7.179   1.581   2.312   1.00 7.67  ? 79  PHE A CE1 1 
ATOM   522  C CE2 . PHE A 1 68  ? 7.931   -0.600  2.924   1.00 7.15  ? 79  PHE A CE2 1 
ATOM   523  C CZ  . PHE A 1 68  ? 7.174   0.225   2.112   1.00 7.93  ? 79  PHE A CZ  1 
ATOM   524  N N   . SER A 1 69  ? 12.140  0.446   5.027   1.00 6.71  ? 80  SER A N   1 
ATOM   525  C CA  . SER A 1 69  ? 12.987  -0.640  4.477   1.00 7.25  ? 80  SER A CA  1 
ATOM   526  C C   . SER A 1 69  ? 12.062  -1.769  4.042   1.00 6.64  ? 80  SER A C   1 
ATOM   527  O O   . SER A 1 69  ? 11.305  -2.319  4.848   1.00 6.86  ? 80  SER A O   1 
ATOM   528  C CB  . SER A 1 69  ? 14.004  -1.138  5.492   1.00 8.23  ? 80  SER A CB  1 
ATOM   529  O OG  . SER A 1 69  ? 14.862  -0.082  5.841   1.00 12.96 ? 80  SER A OG  1 
ATOM   530  N N   . LEU A 1 70  ? 12.133  -2.101  2.766   1.00 6.45  ? 81  LEU A N   1 
ATOM   531  C CA  . LEU A 1 70  ? 11.166  -3.052  2.155   1.00 6.46  ? 81  LEU A CA  1 
ATOM   532  C C   . LEU A 1 70  ? 11.346  -4.448  2.723   1.00 6.17  ? 81  LEU A C   1 
ATOM   533  O O   . LEU A 1 70  ? 12.460  -4.972  2.827   1.00 6.34  ? 81  LEU A O   1 
ATOM   534  C CB  . LEU A 1 70  ? 11.376  -3.063  0.655   1.00 6.69  ? 81  LEU A CB  1 
ATOM   535  C CG  . LEU A 1 70  ? 10.370  -3.922  -0.118  1.00 7.11  ? 81  LEU A CG  1 
ATOM   536  C CD1 . LEU A 1 70  ? 8.938   -3.355  -0.003  1.00 7.76  ? 81  LEU A CD1 1 
ATOM   537  C CD2 . LEU A 1 70  ? 10.805  -4.011  -1.557  1.00 7.10  ? 81  LEU A CD2 1 
ATOM   538  N N   . GLY A 1 71  ? 10.232  -5.116  3.006   1.00 6.23  ? 82  GLY A N   1 
ATOM   539  C CA  . GLY A 1 71  ? 10.255  -6.518  3.323   1.00 7.12  ? 82  GLY A CA  1 
ATOM   540  C C   . GLY A 1 71  ? 10.659  -6.797  4.737   1.00 7.97  ? 82  GLY A C   1 
ATOM   541  O O   . GLY A 1 71  ? 10.985  -7.983  5.031   1.00 9.89  ? 82  GLY A O   1 
ATOM   542  N N   . LYS A 1 72  ? 10.609  -5.842  5.634   1.00 8.65  ? 83  LYS A N   1 
ATOM   543  C CA  . LYS A 1 72  ? 11.073  -6.002  7.028   1.00 9.26  ? 83  LYS A CA  1 
ATOM   544  C C   . LYS A 1 72  ? 9.922   -5.928  8.000   1.00 9.69  ? 83  LYS A C   1 
ATOM   545  O O   . LYS A 1 72  ? 10.162  -5.903  9.227   1.00 11.43 ? 83  LYS A O   1 
ATOM   546  C CB  . LYS A 1 72  ? 12.118  -4.924  7.309   1.00 11.37 ? 83  LYS A CB  1 
ATOM   547  C CG  . LYS A 1 72  ? 13.342  -5.054  6.421   1.00 13.23 ? 83  LYS A CG  1 
ATOM   548  C CD  . LYS A 1 72  ? 14.107  -6.324  6.645   1.00 16.75 ? 83  LYS A CD  1 
ATOM   549  C CE  . LYS A 1 72  ? 15.127  -6.591  5.572   1.00 18.57 ? 83  LYS A CE  1 
ATOM   550  N NZ  . LYS A 1 72  ? 15.882  -7.833  5.881   1.00 22.25 ? 83  LYS A NZ  1 
ATOM   551  N N   . GLY A 1 73  ? 8.680   -5.840  7.578   1.00 8.49  ? 84  GLY A N   1 
ATOM   552  C CA  . GLY A 1 73  ? 7.537   -5.757  8.470   1.00 9.74  ? 84  GLY A CA  1 
ATOM   553  C C   . GLY A 1 73  ? 7.502   -4.444  9.214   1.00 9.47  ? 84  GLY A C   1 
ATOM   554  O O   . GLY A 1 73  ? 6.917   -4.372  10.313  1.00 10.84 ? 84  GLY A O   1 
ATOM   555  N N   . GLN A 1 74  ? 7.971   -3.349  8.617   1.00 8.41  ? 85  GLN A N   1 
ATOM   556  C CA  . GLN A 1 74  ? 7.946   -2.044  9.239   1.00 9.55  ? 85  GLN A CA  1 
ATOM   557  C C   . GLN A 1 74  ? 6.612   -1.371  8.968   1.00 11.06 ? 85  GLN A C   1 
ATOM   558  O O   . GLN A 1 74  ? 6.201   -0.438  9.685   1.00 15.40 ? 85  GLN A O   1 
ATOM   559  C CB  . GLN A 1 74  ? 9.060   -1.166  8.704   1.00 9.42  ? 85  GLN A CB  1 
ATOM   560  C CG  . GLN A 1 74  ? 10.442  -1.644  9.140   1.00 9.60  ? 85  GLN A CG  1 
ATOM   561  C CD  . GLN A 1 74  ? 11.577  -0.805  8.606   1.00 9.28  ? 85  GLN A CD  1 
ATOM   562  O OE1 . GLN A 1 74  ? 11.398  0.143   7.841   1.00 9.71  ? 85  GLN A OE1 1 
ATOM   563  N NE2 . GLN A 1 74  ? 12.775  -1.167  9.050   1.00 10.96 ? 85  GLN A NE2 1 
ATOM   564  N N   . VAL A 1 75  ? 5.891   -1.856  7.968   1.00 8.81  ? 86  VAL A N   1 
ATOM   565  C CA  . VAL A 1 75  ? 4.606   -1.370  7.484   1.00 8.90  ? 86  VAL A CA  1 
ATOM   566  C C   . VAL A 1 75  ? 3.661   -2.585  7.436   1.00 7.33  ? 86  VAL A C   1 
ATOM   567  O O   . VAL A 1 75  ? 4.086   -3.716  7.580   1.00 7.37  ? 86  VAL A O   1 
ATOM   568  C CB  . VAL A 1 75  ? 4.771   -0.745  6.081   1.00 9.32  ? 86  VAL A CB  1 
ATOM   569  C CG1 . VAL A 1 75  ? 5.548   0.548   6.089   1.00 11.01 ? 86  VAL A CG1 1 
ATOM   570  C CG2 . VAL A 1 75  ? 5.377   -1.718  5.095   1.00 9.24  ? 86  VAL A CG2 1 
ATOM   571  N N   . ILE A 1 76  ? 2.392   -2.308  7.141   1.00 7.37  ? 87  ILE A N   1 
ATOM   572  C CA  . ILE A 1 76  ? 1.427   -3.412  6.983   1.00 7.23  ? 87  ILE A CA  1 
ATOM   573  C C   . ILE A 1 76  ? 1.889   -4.354  5.871   1.00 6.69  ? 87  ILE A C   1 
ATOM   574  O O   . ILE A 1 76  ? 2.578   -4.001  4.910   1.00 6.69  ? 87  ILE A O   1 
ATOM   575  C CB  . ILE A 1 76  ? -0.001  -2.891  6.738   1.00 7.54  ? 87  ILE A CB  1 
ATOM   576  C CG1 . ILE A 1 76  ? -0.129  -2.040  5.469   1.00 9.22  ? 87  ILE A CG1 1 
ATOM   577  C CG2 . ILE A 1 76  ? -0.505  -2.179  7.995   1.00 8.66  ? 87  ILE A CG2 1 
ATOM   578  C CD1 . ILE A 1 76  ? -1.554  -1.702  5.138   1.00 9.51  ? 87  ILE A CD1 1 
ATOM   579  N N   . LYS A 1 77  ? 1.476   -5.589  5.995   1.00 6.32  ? 88  LYS A N   1 
ATOM   580  C CA  . LYS A 1 77  ? 1.867   -6.606  5.073   1.00 7.02  ? 88  LYS A CA  1 
ATOM   581  C C   . LYS A 1 77  ? 1.507   -6.187  3.643   1.00 6.55  ? 88  LYS A C   1 
ATOM   582  O O   . LYS A 1 77  ? 2.291   -6.484  2.700   1.00 7.11  ? 88  LYS A O   1 
ATOM   583  C CB  . LYS A 1 77  ? 1.197   -7.952  5.369   1.00 8.78  ? 88  LYS A CB  1 
ATOM   584  C CG  . LYS A 1 77  ? 1.680   -8.629  6.639   1.00 10.30 ? 88  LYS A CG  1 
ATOM   585  C CD  . LYS A 1 77  ? 0.831   -9.837  7.009   1.00 14.37 ? 88  LYS A CD  1 
ATOM   586  C CE  . LYS A 1 77  ? 1.338   -10.592 8.226   1.00 17.28 ? 88  LYS A CE  1 
ATOM   587  N NZ  . LYS A 1 77  ? 0.356   -11.594 8.705   1.00 23.64 ? 88  LYS A NZ  1 
ATOM   588  N N   . ALA A 1 78  ? 0.334   -5.623  3.417   1.00 6.66  ? 89  ALA A N   1 
ATOM   589  C CA  . ALA A 1 78  ? -0.081  -5.245  2.067   1.00 6.54  ? 89  ALA A CA  1 
ATOM   590  C C   . ALA A 1 78  ? 0.935   -4.311  1.411   1.00 6.74  ? 89  ALA A C   1 
ATOM   591  O O   . ALA A 1 78  ? 1.061   -4.333  0.184   1.00 6.67  ? 89  ALA A O   1 
ATOM   592  C CB  . ALA A 1 78  ? -1.425  -4.586  2.081   1.00 6.52  ? 89  ALA A CB  1 
ATOM   593  N N   . TRP A 1 79  ? 1.528   -3.414  2.183   1.00 6.15  ? 90  TRP A N   1 
ATOM   594  C CA  . TRP A 1 79  ? 2.531   -2.508  1.625   1.00 6.63  ? 90  TRP A CA  1 
ATOM   595  C C   . TRP A 1 79  ? 3.841   -3.209  1.305   1.00 6.05  ? 90  TRP A C   1 
ATOM   596  O O   . TRP A 1 79  ? 4.447   -2.949  0.255   1.00 6.20  ? 90  TRP A O   1 
ATOM   597  C CB  . TRP A 1 79  ? 2.776   -1.335  2.556   1.00 7.02  ? 90  TRP A CB  1 
ATOM   598  C CG  . TRP A 1 79  ? 1.747   -0.247  2.505   1.00 7.76  ? 90  TRP A CG  1 
ATOM   599  C CD1 . TRP A 1 79  ? 0.434   -0.324  2.164   1.00 7.38  ? 90  TRP A CD1 1 
ATOM   600  C CD2 . TRP A 1 79  ? 1.976   1.113   2.889   1.00 9.09  ? 90  TRP A CD2 1 
ATOM   601  N NE1 . TRP A 1 79  ? -0.175  0.885   2.295   1.00 8.26  ? 90  TRP A NE1 1 
ATOM   602  C CE2 . TRP A 1 79  ? 0.747   1.800   2.749   1.00 9.03  ? 90  TRP A CE2 1 
ATOM   603  C CE3 . TRP A 1 79  ? 3.097   1.811   3.378   1.00 11.00 ? 90  TRP A CE3 1 
ATOM   604  C CZ2 . TRP A 1 79  ? 0.634   3.172   3.081   1.00 10.31 ? 90  TRP A CZ2 1 
ATOM   605  C CZ3 . TRP A 1 79  ? 2.974   3.143   3.724   1.00 13.68 ? 90  TRP A CZ3 1 
ATOM   606  C CH2 . TRP A 1 79  ? 1.761   3.812   3.578   1.00 13.10 ? 90  TRP A CH2 1 
ATOM   607  N N   . ASP A 1 80  ? 4.319   -4.082  2.195   1.00 5.90  ? 91  ASP A N   1 
ATOM   608  C CA  . ASP A 1 80  ? 5.522   -4.859  1.848   1.00 6.30  ? 91  ASP A CA  1 
ATOM   609  C C   . ASP A 1 80  ? 5.277   -5.654  0.579   1.00 6.26  ? 91  ASP A C   1 
ATOM   610  O O   . ASP A 1 80  ? 6.078   -5.592  -0.372  1.00 7.41  ? 91  ASP A O   1 
ATOM   611  C CB  . ASP A 1 80  ? 5.951   -5.765  3.003   1.00 7.15  ? 91  ASP A CB  1 
ATOM   612  C CG  . ASP A 1 80  ? 6.951   -5.143  3.972   1.00 6.92  ? 91  ASP A CG  1 
ATOM   613  O OD1 . ASP A 1 80  ? 7.574   -4.115  3.640   1.00 6.62  ? 91  ASP A OD1 1 
ATOM   614  O OD2 . ASP A 1 80  ? 7.128   -5.745  5.047   1.00 8.25  ? 91  ASP A OD2 1 
ATOM   615  N N   . ILE A 1 81  ? 4.130   -6.325  0.457   1.00 6.41  ? 92  ILE A N   1 
ATOM   616  C CA  . ILE A 1 81  ? 3.828   -7.127  -0.720  1.00 6.90  ? 92  ILE A CA  1 
ATOM   617  C C   . ILE A 1 81  ? 3.639   -6.219  -1.934  1.00 6.24  ? 92  ILE A C   1 
ATOM   618  O O   . ILE A 1 81  ? 4.144   -6.494  -3.013  1.00 6.44  ? 92  ILE A O   1 
ATOM   619  C CB  . ILE A 1 81  ? 2.581   -8.010  -0.457  1.00 8.74  ? 92  ILE A CB  1 
ATOM   620  C CG1 . ILE A 1 81  ? 2.817   -9.073  0.613   1.00 9.20  ? 92  ILE A CG1 1 
ATOM   621  C CG2 . ILE A 1 81  ? 2.061   -8.614  -1.762  1.00 9.33  ? 92  ILE A CG2 1 
ATOM   622  C CD1 . ILE A 1 81  ? 1.530   -9.618  1.219   1.00 10.13 ? 92  ILE A CD1 1 
ATOM   623  N N   . GLY A 1 82  ? 2.861   -5.167  -1.792  1.00 5.63  ? 93  GLY A N   1 
ATOM   624  C CA  . GLY A 1 82  ? 2.503   -4.335  -2.922  1.00 5.68  ? 93  GLY A CA  1 
ATOM   625  C C   . GLY A 1 82  ? 3.675   -3.519  -3.445  1.00 5.11  ? 93  GLY A C   1 
ATOM   626  O O   . GLY A 1 82  ? 3.880   -3.471  -4.667  1.00 4.37  ? 93  GLY A O   1 
ATOM   627  N N   . VAL A 1 83  ? 4.405   -2.856  -2.583  1.00 5.00  ? 94  VAL A N   1 
ATOM   628  C CA  . VAL A 1 83  ? 5.538   -2.029  -3.056  1.00 5.33  ? 94  VAL A CA  1 
ATOM   629  C C   . VAL A 1 83  ? 6.586   -2.915  -3.724  1.00 5.33  ? 94  VAL A C   1 
ATOM   630  O O   . VAL A 1 83  ? 7.247   -2.503  -4.691  1.00 5.48  ? 94  VAL A O   1 
ATOM   631  C CB  . VAL A 1 83  ? 6.081   -1.166  -1.914  1.00 5.71  ? 94  VAL A CB  1 
ATOM   632  C CG1 . VAL A 1 83  ? 7.341   -0.424  -2.350  1.00 6.18  ? 94  VAL A CG1 1 
ATOM   633  C CG2 . VAL A 1 83  ? 5.028   -0.162  -1.472  1.00 6.40  ? 94  VAL A CG2 1 
ATOM   634  N N   . ALA A 1 84  ? 6.742   -4.167  -3.273  1.00 4.82  ? 95  ALA A N   1 
ATOM   635  C CA  . ALA A 1 84  ? 7.710   -5.059  -3.880  1.00 5.13  ? 95  ALA A CA  1 
ATOM   636  C C   . ALA A 1 84  ? 7.371   -5.343  -5.334  1.00 5.78  ? 95  ALA A C   1 
ATOM   637  O O   . ALA A 1 84  ? 8.264   -5.750  -6.090  1.00 7.30  ? 95  ALA A O   1 
ATOM   638  C CB  . ALA A 1 84  ? 7.767   -6.343  -3.086  1.00 5.09  ? 95  ALA A CB  1 
ATOM   639  N N   . THR A 1 85  ? 6.137   -5.169  -5.782  1.00 4.95  ? 96  THR A N   1 
ATOM   640  C CA  . THR A 1 85  ? 5.735   -5.400  -7.177  1.00 5.03  ? 96  THR A CA  1 
ATOM   641  C C   . THR A 1 85  ? 5.884   -4.163  -8.048  1.00 5.21  ? 96  THR A C   1 
ATOM   642  O O   . THR A 1 85  ? 5.667   -4.276  -9.242  1.00 6.38  ? 96  THR A O   1 
ATOM   643  C CB  . THR A 1 85  ? 4.268   -5.867  -7.310  1.00 5.18  ? 96  THR A CB  1 
ATOM   644  O OG1 . THR A 1 85  ? 3.387   -4.778  -6.982  1.00 5.04  ? 96  THR A OG1 1 
ATOM   645  C CG2 . THR A 1 85  ? 3.950   -7.072  -6.479  1.00 5.37  ? 96  THR A CG2 1 
ATOM   646  N N   . MET A 1 86  ? 6.278   -3.020  -7.519  1.00 4.90  ? 97  MET A N   1 
ATOM   647  C CA  . MET A 1 86  ? 6.238   -1.720  -8.227  1.00 5.06  ? 97  MET A CA  1 
ATOM   648  C C   . MET A 1 86  ? 7.578   -1.403  -8.860  1.00 5.54  ? 97  MET A C   1 
ATOM   649  O O   . MET A 1 86  ? 8.632   -1.705  -8.309  1.00 6.27  ? 97  MET A O   1 
ATOM   650  C CB  . MET A 1 86  ? 5.861   -0.620  -7.247  1.00 4.98  ? 97  MET A CB  1 
ATOM   651  C CG  . MET A 1 86  ? 4.452   -0.772  -6.708  1.00 4.66  ? 97  MET A CG  1 
ATOM   652  S SD  . MET A 1 86  ? 3.972   0.591   -5.615  1.00 5.28  ? 97  MET A SD  1 
ATOM   653  C CE  . MET A 1 86  ? 3.744   1.900   -6.846  1.00 5.35  ? 97  MET A CE  1 
ATOM   654  N N   . LYS A 1 87  ? 7.508   -0.705  -9.998  1.00 5.82  ? 98  LYS A N   1 
ATOM   655  C CA  . LYS A 1 87  ? 8.658   -0.086  -10.617 1.00 6.43  ? 98  LYS A CA  1 
ATOM   656  C C   . LYS A 1 87  ? 8.786   1.361   -10.169 1.00 6.45  ? 98  LYS A C   1 
ATOM   657  O O   . LYS A 1 87  ? 7.850   1.997   -9.715  1.00 6.28  ? 98  LYS A O   1 
ATOM   658  C CB  . LYS A 1 87  ? 8.554   -0.184  -12.130 1.00 8.42  ? 98  LYS A CB  1 
ATOM   659  C CG  . LYS A 1 87  ? 8.702   -1.605  -12.615 1.00 11.69 ? 98  LYS A CG  1 
ATOM   660  C CD  . LYS A 1 87  ? 7.500   -2.368  -12.831 1.00 16.37 ? 98  LYS A CD  1 
ATOM   661  C CE  . LYS A 1 87  ? 7.715   -3.388  -13.929 1.00 19.75 ? 98  LYS A CE  1 
ATOM   662  N NZ  . LYS A 1 87  ? 6.484   -4.169  -13.971 1.00 19.01 ? 98  LYS A NZ  1 
ATOM   663  N N   . LYS A 1 88  ? 10.010  1.881   -10.276 1.00 6.37  ? 99  LYS A N   1 
ATOM   664  C CA  . LYS A 1 88  ? 10.230  3.302   -9.985  1.00 6.22  ? 99  LYS A CA  1 
ATOM   665  C C   . LYS A 1 88  ? 9.318   4.124   -10.903 1.00 6.13  ? 99  LYS A C   1 
ATOM   666  O O   . LYS A 1 88  ? 9.264   3.959   -12.121 1.00 6.50  ? 99  LYS A O   1 
ATOM   667  C CB  . LYS A 1 88  ? 11.679  3.700   -10.199 1.00 7.26  ? 99  LYS A CB  1 
ATOM   668  C CG  . LYS A 1 88  ? 11.952  5.154   -9.893  1.00 9.04  ? 99  LYS A CG  1 
ATOM   669  C CD  . LYS A 1 88  ? 13.464  5.479   -9.857  1.00 10.98 ? 99  LYS A CD  1 
ATOM   670  C CE  . LYS A 1 88  ? 13.665  6.946   -9.472  1.00 12.91 ? 99  LYS A CE  1 
ATOM   671  N NZ  . LYS A 1 88  ? 15.117  7.303   -9.456  1.00 17.41 ? 99  LYS A NZ  1 
ATOM   672  N N   . GLY A 1 89  ? 8.655   5.093   -10.302 1.00 5.63  ? 100 GLY A N   1 
ATOM   673  C CA  . GLY A 1 89  ? 7.736   5.983   -11.021 1.00 5.80  ? 100 GLY A CA  1 
ATOM   674  C C   . GLY A 1 89  ? 6.345   5.415   -11.180 1.00 5.75  ? 100 GLY A C   1 
ATOM   675  O O   . GLY A 1 89  ? 5.455   6.111   -11.686 1.00 6.54  ? 100 GLY A O   1 
ATOM   676  N N   . GLU A 1 90  ? 6.086   4.191   -10.745 1.00 5.24  ? 101 GLU A N   1 
ATOM   677  C CA  . GLU A 1 90  ? 4.753   3.587   -10.874 1.00 4.77  ? 101 GLU A CA  1 
ATOM   678  C C   . GLU A 1 90  ? 3.831   4.212   -9.853  1.00 4.54  ? 101 GLU A C   1 
ATOM   679  O O   . GLU A 1 90  ? 4.211   4.512   -8.720  1.00 5.28  ? 101 GLU A O   1 
ATOM   680  C CB  . GLU A 1 90  ? 4.868   2.077   -10.675 1.00 5.12  ? 101 GLU A CB  1 
ATOM   681  C CG  . GLU A 1 90  ? 3.564   1.335   -10.727 1.00 5.73  ? 101 GLU A CG  1 
ATOM   682  C CD  . GLU A 1 90  ? 3.733   -0.149  -10.587 1.00 5.64  ? 101 GLU A CD  1 
ATOM   683  O OE1 . GLU A 1 90  ? 4.733   -0.690  -11.126 1.00 5.82  ? 101 GLU A OE1 1 
ATOM   684  O OE2 . GLU A 1 90  ? 2.995   -0.712  -9.792  1.00 8.23  ? 101 GLU A OE2 1 
ATOM   685  N N   . ILE A 1 91  ? 2.547   4.335   -10.244 1.00 4.87  ? 102 ILE A N   1 
ATOM   686  C CA  . ILE A 1 91  ? 1.426   4.599   -9.291  1.00 4.75  ? 102 ILE A CA  1 
ATOM   687  C C   . ILE A 1 91  ? 0.490   3.420   -9.388  1.00 4.67  ? 102 ILE A C   1 
ATOM   688  O O   . ILE A 1 91  ? 0.132   2.992   -10.494 1.00 4.60  ? 102 ILE A O   1 
ATOM   689  C CB  . ILE A 1 91  ? 0.715   5.914   -9.624  1.00 5.45  ? 102 ILE A CB  1 
ATOM   690  C CG1 . ILE A 1 91  ? 1.713   7.068   -9.618  1.00 6.16  ? 102 ILE A CG1 1 
ATOM   691  C CG2 . ILE A 1 91  ? -0.463  6.131   -8.657  1.00 5.93  ? 102 ILE A CG2 1 
ATOM   692  C CD1 . ILE A 1 91  ? 1.102   8.401   -10.059 1.00 7.66  ? 102 ILE A CD1 1 
ATOM   693  N N   . CYS A 1 92  ? 0.097   2.879   -8.229  1.00 4.58  ? 103 CYS A N   1 
ATOM   694  C CA  . CYS A 1 92  ? -0.889  1.779   -8.207  1.00 4.86  ? 103 CYS A CA  1 
ATOM   695  C C   . CYS A 1 92  ? -1.951  2.080   -7.172  1.00 4.06  ? 103 CYS A C   1 
ATOM   696  O O   . CYS A 1 92  ? -1.833  2.964   -6.322  1.00 4.55  ? 103 CYS A O   1 
ATOM   697  C CB  . CYS A 1 92  ? -0.237  0.430   -7.978  1.00 4.74  ? 103 CYS A CB  1 
ATOM   698  S SG  . CYS A 1 92  ? 0.204   0.064   -6.259  1.00 6.04  ? 103 CYS A SG  1 
ATOM   699  N N   . HIS A 1 93  ? -3.043  1.316   -7.297  1.00 4.19  ? 104 HIS A N   1 
ATOM   700  C CA  . HIS A 1 93  ? -4.078  1.190   -6.258  1.00 4.74  ? 104 HIS A CA  1 
ATOM   701  C C   . HIS A 1 93  ? -3.985  -0.177  -5.647  1.00 4.72  ? 104 HIS A C   1 
ATOM   702  O O   . HIS A 1 93  ? -3.813  -1.183  -6.346  1.00 5.03  ? 104 HIS A O   1 
ATOM   703  C CB  . HIS A 1 93  ? -5.478  1.374   -6.853  1.00 4.92  ? 104 HIS A CB  1 
ATOM   704  C CG  . HIS A 1 93  ? -5.728  2.769   -7.261  1.00 4.85  ? 104 HIS A CG  1 
ATOM   705  N ND1 . HIS A 1 93  ? -6.932  3.168   -7.865  1.00 5.02  ? 104 HIS A ND1 1 
ATOM   706  C CD2 . HIS A 1 93  ? -4.996  3.893   -7.088  1.00 5.88  ? 104 HIS A CD2 1 
ATOM   707  C CE1 . HIS A 1 93  ? -6.870  4.465   -8.030  1.00 5.65  ? 104 HIS A CE1 1 
ATOM   708  N NE2 . HIS A 1 93  ? -5.722  4.961   -7.586  1.00 6.33  ? 104 HIS A NE2 1 
ATOM   709  N N   . LEU A 1 94  ? -4.095  -0.222  -4.327  1.00 4.96  ? 105 LEU A N   1 
ATOM   710  C CA  . LEU A 1 94  ? -4.120  -1.458  -3.539  1.00 5.46  ? 105 LEU A CA  1 
ATOM   711  C C   . LEU A 1 94  ? -5.390  -1.506  -2.723  1.00 5.44  ? 105 LEU A C   1 
ATOM   712  O O   . LEU A 1 94  ? -5.774  -0.506  -2.047  1.00 7.61  ? 105 LEU A O   1 
ATOM   713  C CB  . LEU A 1 94  ? -2.946  -1.546  -2.585  1.00 6.48  ? 105 LEU A CB  1 
ATOM   714  C CG  . LEU A 1 94  ? -1.566  -1.613  -3.182  1.00 6.59  ? 105 LEU A CG  1 
ATOM   715  C CD1 . LEU A 1 94  ? -0.556  -1.641  -2.061  1.00 7.84  ? 105 LEU A CD1 1 
ATOM   716  C CD2 . LEU A 1 94  ? -1.383  -2.836  -4.058  1.00 6.43  ? 105 LEU A CD2 1 
ATOM   717  N N   . LEU A 1 95  ? -6.020  -2.653  -2.668  1.00 4.89  ? 106 LEU A N   1 
ATOM   718  C CA  . LEU A 1 95  ? -7.191  -2.921  -1.840  1.00 5.46  ? 106 LEU A CA  1 
ATOM   719  C C   . LEU A 1 95  ? -6.825  -4.077  -0.913  1.00 6.57  ? 106 LEU A C   1 
ATOM   720  O O   . LEU A 1 95  ? -6.542  -5.180  -1.396  1.00 7.90  ? 106 LEU A O   1 
ATOM   721  C CB  . LEU A 1 95  ? -8.355  -3.284  -2.741  1.00 7.12  ? 106 LEU A CB  1 
ATOM   722  C CG  . LEU A 1 95  ? -9.803  -3.265  -2.201  1.00 8.57  ? 106 LEU A CG  1 
ATOM   723  C CD1 . LEU A 1 95  ? -10.116 -4.453  -1.346  1.00 9.48  ? 106 LEU A CD1 1 
ATOM   724  C CD2 . LEU A 1 95  ? -10.139 -1.994  -1.466  1.00 7.60  ? 106 LEU A CD2 1 
ATOM   725  N N   . CYS A 1 96  ? -6.778  -3.770  0.393   1.00 6.17  ? 107 CYS A N   1 
ATOM   726  C CA  . CYS A 1 96  ? -6.106  -4.561  1.424   1.00 7.00  ? 107 CYS A CA  1 
ATOM   727  C C   . CYS A 1 96  ? -7.172  -5.083  2.409   1.00 6.12  ? 107 CYS A C   1 
ATOM   728  O O   . CYS A 1 96  ? -7.757  -4.264  3.145   1.00 6.77  ? 107 CYS A O   1 
ATOM   729  C CB  . CYS A 1 96  ? -5.085  -3.651  2.124   1.00 7.76  ? 107 CYS A CB  1 
ATOM   730  S SG  . CYS A 1 96  ? -3.992  -2.762  0.989   1.00 9.40  ? 107 CYS A SG  1 
ATOM   731  N N   . LYS A 1 97  ? -7.345  -6.399  2.493   1.00 5.80  ? 108 LYS A N   1 
ATOM   732  C CA  . LYS A 1 97  ? -8.197  -6.950  3.544   1.00 6.07  ? 108 LYS A CA  1 
ATOM   733  C C   . LYS A 1 97  ? -7.492  -6.849  4.890   1.00 5.66  ? 108 LYS A C   1 
ATOM   734  O O   . LYS A 1 97  ? -6.255  -6.716  4.935   1.00 5.67  ? 108 LYS A O   1 
ATOM   735  C CB  . LYS A 1 97  ? -8.585  -8.363  3.139   1.00 6.29  ? 108 LYS A CB  1 
ATOM   736  C CG  . LYS A 1 97  ? -9.319  -8.504  1.824   1.00 7.46  ? 108 LYS A CG  1 
ATOM   737  C CD  . LYS A 1 97  ? -10.542 -7.626  1.661   1.00 7.86  ? 108 LYS A CD  1 
ATOM   738  C CE  . LYS A 1 97  ? -11.707 -8.077  2.514   1.00 8.58  ? 108 LYS A CE  1 
ATOM   739  N NZ  . LYS A 1 97  ? -12.869 -7.181  2.331   1.00 8.49  ? 108 LYS A NZ  1 
ATOM   740  N N   . PRO A 1 98  ? -8.263  -6.922  6.009   1.00 6.12  ? 109 PRO A N   1 
ATOM   741  C CA  . PRO A 1 98  ? -7.626  -6.645  7.287   1.00 6.04  ? 109 PRO A CA  1 
ATOM   742  C C   . PRO A 1 98  ? -6.495  -7.608  7.671   1.00 6.09  ? 109 PRO A C   1 
ATOM   743  O O   . PRO A 1 98  ? -5.590  -7.197  8.396   1.00 6.32  ? 109 PRO A O   1 
ATOM   744  C CB  . PRO A 1 98  ? -8.789  -6.694  8.304   1.00 6.57  ? 109 PRO A CB  1 
ATOM   745  C CG  . PRO A 1 98  ? -10.019 -7.157  7.539   1.00 7.82  ? 109 PRO A CG  1 
ATOM   746  C CD  . PRO A 1 98  ? -9.720  -7.010  6.078   1.00 6.19  ? 109 PRO A CD  1 
ATOM   747  N N   . GLU A 1 99  ? -6.516  -8.817  7.152   1.00 6.07  ? 110 GLU A N   1 
ATOM   748  C CA  . GLU A 1 99  ? -5.448  -9.789  7.426   1.00 6.72  ? 110 GLU A CA  1 
ATOM   749  C C   . GLU A 1 99  ? -4.105  -9.340  6.840   1.00 6.71  ? 110 GLU A C   1 
ATOM   750  O O   . GLU A 1 99  ? -3.057  -9.839  7.254   1.00 8.73  ? 110 GLU A O   1 
ATOM   751  C CB  . GLU A 1 99  ? -5.802  -11.168 6.875   1.00 7.51  ? 110 GLU A CB  1 
ATOM   752  C CG  . GLU A 1 99  ? -7.004  -11.790 7.555   1.00 8.30  ? 110 GLU A CG  1 
ATOM   753  C CD  . GLU A 1 99  ? -8.362  -11.331 7.071   1.00 9.68  ? 110 GLU A CD  1 
ATOM   754  O OE1 . GLU A 1 99  ? -8.488  -10.588 6.052   1.00 8.53  ? 110 GLU A OE1 1 
ATOM   755  O OE2 . GLU A 1 99  ? -9.352  -11.683 7.743   1.00 12.42 ? 110 GLU A OE2 1 
ATOM   756  N N   . TYR A 1 100 ? -4.122  -8.370  5.926   1.00 6.25  ? 111 TYR A N   1 
ATOM   757  C CA  . TYR A 1 100 ? -2.877  -7.817  5.370   1.00 5.94  ? 111 TYR A CA  1 
ATOM   758  C C   . TYR A 1 100 ? -2.728  -6.367  5.797   1.00 6.36  ? 111 TYR A C   1 
ATOM   759  O O   . TYR A 1 100 ? -1.936  -5.569  5.225   1.00 7.23  ? 111 TYR A O   1 
ATOM   760  C CB  . TYR A 1 100 ? -2.871  -7.949  3.832   1.00 5.86  ? 111 TYR A CB  1 
ATOM   761  C CG  . TYR A 1 100 ? -2.777  -9.379  3.398   1.00 6.43  ? 111 TYR A CG  1 
ATOM   762  C CD1 . TYR A 1 100 ? -3.880  -10.182 3.298   1.00 6.19  ? 111 TYR A CD1 1 
ATOM   763  C CD2 . TYR A 1 100 ? -1.545  -9.956  3.142   1.00 6.94  ? 111 TYR A CD2 1 
ATOM   764  C CE1 . TYR A 1 100 ? -3.769  -11.513 2.925   1.00 7.07  ? 111 TYR A CE1 1 
ATOM   765  C CE2 . TYR A 1 100 ? -1.439  -11.283 2.770   1.00 7.24  ? 111 TYR A CE2 1 
ATOM   766  C CZ  . TYR A 1 100 ? -2.539  -12.070 2.675   1.00 7.37  ? 111 TYR A CZ  1 
ATOM   767  O OH  . TYR A 1 100 ? -2.396  -13.383 2.292   1.00 9.00  ? 111 TYR A OH  1 
ATOM   768  N N   . ALA A 1 101 ? -3.491  -5.951  6.812   1.00 5.92  ? 112 ALA A N   1 
ATOM   769  C CA  . ALA A 1 101 ? -3.448  -4.581  7.341   1.00 6.82  ? 112 ALA A CA  1 
ATOM   770  C C   . ALA A 1 101 ? -3.418  -4.643  8.875   1.00 7.49  ? 112 ALA A C   1 
ATOM   771  O O   . ALA A 1 101 ? -2.482  -5.161  9.423   1.00 8.40  ? 112 ALA A O   1 
ATOM   772  C CB  . ALA A 1 101 ? -4.542  -3.701  6.773   1.00 6.53  ? 112 ALA A CB  1 
ATOM   773  N N   . TYR A 1 102 ? -4.470  -4.135  9.551   1.00 6.85  ? 113 TYR A N   1 
ATOM   774  C CA  . TYR A 1 102 ? -4.426  -4.021  10.989  1.00 7.27  ? 113 TYR A CA  1 
ATOM   775  C C   . TYR A 1 102 ? -5.338  -5.023  11.653  1.00 7.03  ? 113 TYR A C   1 
ATOM   776  O O   . TYR A 1 102 ? -5.540  -4.999  12.916  1.00 7.54  ? 113 TYR A O   1 
ATOM   777  C CB  . TYR A 1 102 ? -4.750  -2.598  11.415  1.00 9.08  ? 113 TYR A CB  1 
ATOM   778  C CG  . TYR A 1 102 ? -3.700  -1.605  10.979  1.00 9.61  ? 113 TYR A CG  1 
ATOM   779  C CD1 . TYR A 1 102 ? -2.541  -1.509  11.726  1.00 11.61 ? 113 TYR A CD1 1 
ATOM   780  C CD2 . TYR A 1 102 ? -3.780  -0.857  9.829   1.00 11.22 ? 113 TYR A CD2 1 
ATOM   781  C CE1 . TYR A 1 102 ? -1.505  -0.661  11.337  1.00 12.02 ? 113 TYR A CE1 1 
ATOM   782  C CE2 . TYR A 1 102 ? -2.758  0.024   9.442   1.00 12.28 ? 113 TYR A CE2 1 
ATOM   783  C CZ  . TYR A 1 102 ? -1.634  0.090   10.211  1.00 13.26 ? 113 TYR A CZ  1 
ATOM   784  O OH  . TYR A 1 102 ? -0.573  0.909   9.878   1.00 17.44 ? 113 TYR A OH  1 
ATOM   785  N N   . GLY A 1 103 ? -5.921  -5.970  10.952  1.00 6.70  ? 114 GLY A N   1 
ATOM   786  C CA  . GLY A 1 103 ? -6.575  -7.116  11.568  1.00 5.98  ? 114 GLY A CA  1 
ATOM   787  C C   . GLY A 1 103 ? -7.723  -6.695  12.458  1.00 6.06  ? 114 GLY A C   1 
ATOM   788  O O   . GLY A 1 103 ? -8.436  -5.712  12.250  1.00 6.42  ? 114 GLY A O   1 
ATOM   789  N N   . SER A 1 104 ? -7.976  -7.514  13.470  1.00 6.59  ? 115 SER A N   1 
ATOM   790  C CA  . SER A 1 104 ? -9.021  -7.216  14.481  1.00 6.61  ? 115 SER A CA  1 
ATOM   791  C C   . SER A 1 104 ? -8.593  -6.090  15.405  1.00 6.56  ? 115 SER A C   1 
ATOM   792  O O   . SER A 1 104 ? -9.450  -5.478  16.062  1.00 7.06  ? 115 SER A O   1 
ATOM   793  C CB  . SER A 1 104 ? -9.383  -8.468  15.231  1.00 7.24  ? 115 SER A CB  1 
ATOM   794  O OG  . SER A 1 104 ? -8.251  -9.127  15.753  1.00 8.48  ? 115 SER A OG  1 
ATOM   795  N N   . ALA A 1 105 ? -7.320  -5.776  15.538  1.00 7.19  ? 116 ALA A N   1 
ATOM   796  C CA  . ALA A 1 105 ? -6.891  -4.753  16.474  1.00 7.49  ? 116 ALA A CA  1 
ATOM   797  C C   . ALA A 1 105 ? -7.292  -3.387  15.971  1.00 7.95  ? 116 ALA A C   1 
ATOM   798  O O   . ALA A 1 105 ? -7.630  -2.486  16.787  1.00 9.00  ? 116 ALA A O   1 
ATOM   799  C CB  . ALA A 1 105 ? -5.403  -4.816  16.709  1.00 8.40  ? 116 ALA A CB  1 
ATOM   800  N N   . GLY A 1 106 ? -7.214  -3.123  14.662  1.00 7.52  ? 117 GLY A N   1 
ATOM   801  C CA  . GLY A 1 106 ? -7.296  -1.742  14.226  1.00 8.12  ? 117 GLY A CA  1 
ATOM   802  C C   . GLY A 1 106 ? -6.071  -0.947  14.571  1.00 8.01  ? 117 GLY A C   1 
ATOM   803  O O   . GLY A 1 106 ? -5.074  -1.507  14.972  1.00 8.51  ? 117 GLY A O   1 
ATOM   804  N N   . SER A 1 107 ? -6.182  0.374   14.369  1.00 8.43  ? 118 SER A N   1 
ATOM   805  C CA  . SER A 1 107 ? -5.072  1.274   14.637  1.00 10.11 ? 118 SER A CA  1 
ATOM   806  C C   . SER A 1 107 ? -5.649  2.662   14.908  1.00 10.74 ? 118 SER A C   1 
ATOM   807  O O   . SER A 1 107 ? -6.178  3.327   14.053  1.00 10.86 ? 118 SER A O   1 
ATOM   808  C CB  . SER A 1 107 ? -4.115  1.307   13.468  1.00 10.35 ? 118 SER A CB  1 
ATOM   809  O OG  . SER A 1 107 ? -2.993  2.127   13.729  1.00 13.64 ? 118 SER A OG  1 
ATOM   810  N N   . LEU A 1 108 ? -5.571  3.044   16.181  1.00 14.10 ? 119 LEU A N   1 
ATOM   811  C CA  . LEU A 1 108 ? -5.929  4.411   16.627  1.00 16.39 ? 119 LEU A CA  1 
ATOM   812  C C   . LEU A 1 108 ? -5.078  5.455   15.903  1.00 17.32 ? 119 LEU A C   1 
ATOM   813  O O   . LEU A 1 108 ? -3.888  5.225   15.725  1.00 19.70 ? 119 LEU A O   1 
ATOM   814  C CB  . LEU A 1 108 ? -5.721  4.526   18.141  1.00 19.80 ? 119 LEU A CB  1 
ATOM   815  C CG  . LEU A 1 108 ? -6.684  3.729   19.001  1.00 22.81 ? 119 LEU A CG  1 
ATOM   816  C CD1 . LEU A 1 108 ? -6.536  4.085   20.479  1.00 24.48 ? 119 LEU A CD1 1 
ATOM   817  C CD2 . LEU A 1 108 ? -8.112  3.953   18.556  1.00 22.42 ? 119 LEU A CD2 1 
ATOM   818  N N   . PRO A 1 109 ? -5.690  6.599   15.525  1.00 17.54 ? 120 PRO A N   1 
ATOM   819  C CA  . PRO A 1 109 ? -7.038  7.014   15.867  1.00 18.00 ? 120 PRO A CA  1 
ATOM   820  C C   . PRO A 1 109 ? -8.151  6.619   14.889  1.00 16.63 ? 120 PRO A C   1 
ATOM   821  O O   . PRO A 1 109 ? -9.295  6.663   15.289  1.00 22.51 ? 120 PRO A O   1 
ATOM   822  C CB  . PRO A 1 109 ? -6.947  8.562   15.851  1.00 18.88 ? 120 PRO A CB  1 
ATOM   823  C CG  . PRO A 1 109 ? -5.888  8.801   14.813  1.00 21.44 ? 120 PRO A CG  1 
ATOM   824  C CD  . PRO A 1 109 ? -4.849  7.768   15.201  1.00 21.16 ? 120 PRO A CD  1 
ATOM   825  N N   . LYS A 1 110 ? -7.842  6.317   13.614  1.00 15.76 ? 121 LYS A N   1 
ATOM   826  C CA  . LYS A 1 110 ? -8.804  6.323   12.518  1.00 16.59 ? 121 LYS A CA  1 
ATOM   827  C C   . LYS A 1 110 ? -9.212  4.928   12.033  1.00 12.86 ? 121 LYS A C   1 
ATOM   828  O O   . LYS A 1 110 ? -10.234 4.805   11.426  1.00 14.79 ? 121 LYS A O   1 
ATOM   829  C CB  . LYS A 1 110 ? -8.232  7.076   11.306  1.00 19.14 ? 121 LYS A CB  1 
ATOM   830  N N   . ILE A 1 111 ? -8.389  3.893   12.262  1.00 11.14 ? 122 ILE A N   1 
ATOM   831  C CA  . ILE A 1 111 ? -8.622  2.620   11.578  1.00 8.82  ? 122 ILE A CA  1 
ATOM   832  C C   . ILE A 1 111 ? -9.387  1.680   12.509  1.00 7.36  ? 122 ILE A C   1 
ATOM   833  O O   . ILE A 1 111 ? -8.802  1.257   13.522  1.00 7.58  ? 122 ILE A O   1 
ATOM   834  C CB  . ILE A 1 111 ? -7.334  1.991   11.035  1.00 9.32  ? 122 ILE A CB  1 
ATOM   835  C CG1 . ILE A 1 111 ? -6.642  2.979   10.076  1.00 10.33 ? 122 ILE A CG1 1 
ATOM   836  C CG2 . ILE A 1 111 ? -7.601  0.646   10.369  1.00 8.95  ? 122 ILE A CG2 1 
ATOM   837  C CD1 . ILE A 1 111 ? -5.259  2.540   9.635   1.00 11.13 ? 122 ILE A CD1 1 
ATOM   838  N N   . PRO A 1 112 ? -10.626 1.333   12.184  1.00 7.60  ? 123 PRO A N   1 
ATOM   839  C CA  . PRO A 1 112 ? -11.411 0.447   13.043  1.00 7.28  ? 123 PRO A CA  1 
ATOM   840  C C   . PRO A 1 112 ? -10.910 -0.993  12.986  1.00 6.81  ? 123 PRO A C   1 
ATOM   841  O O   . PRO A 1 112 ? -10.135 -1.378  12.096  1.00 7.29  ? 123 PRO A O   1 
ATOM   842  C CB  . PRO A 1 112 ? -12.850 0.572   12.567  1.00 8.89  ? 123 PRO A CB  1 
ATOM   843  C CG  . PRO A 1 112 ? -12.689 0.908   11.142  1.00 10.94 ? 123 PRO A CG  1 
ATOM   844  C CD  . PRO A 1 112 ? -11.404 1.733   11.021  1.00 8.48  ? 123 PRO A CD  1 
ATOM   845  N N   . SER A 1 113 ? -11.441 -1.824  13.879  1.00 6.20  ? 124 SER A N   1 
ATOM   846  C CA  . SER A 1 113 ? -11.278 -3.257  13.785  1.00 6.02  ? 124 SER A CA  1 
ATOM   847  C C   . SER A 1 113 ? -11.792 -3.773  12.445  1.00 5.63  ? 124 SER A C   1 
ATOM   848  O O   . SER A 1 113 ? -12.831 -3.339  11.962  1.00 7.00  ? 124 SER A O   1 
ATOM   849  C CB  . SER A 1 113 ? -12.068 -3.898  14.945  1.00 6.34  ? 124 SER A CB  1 
ATOM   850  O OG  . SER A 1 113 ? -11.882 -5.271  15.000  1.00 6.73  ? 124 SER A OG  1 
ATOM   851  N N   . ASN A 1 114 ? -11.112 -4.787  11.922  1.00 5.87  ? 125 ASN A N   1 
ATOM   852  C CA  . ASN A 1 114 ? -11.584 -5.553  10.756  1.00 6.74  ? 125 ASN A CA  1 
ATOM   853  C C   . ASN A 1 114 ? -11.787 -4.642  9.529   1.00 6.42  ? 125 ASN A C   1 
ATOM   854  O O   . ASN A 1 114 ? -12.686 -4.857  8.759   1.00 7.36  ? 125 ASN A O   1 
ATOM   855  C CB  . ASN A 1 114 ? -12.866 -6.320  11.084  1.00 7.79  ? 125 ASN A CB  1 
ATOM   856  C CG  . ASN A 1 114 ? -12.716 -7.304  12.230  1.00 9.01  ? 125 ASN A CG  1 
ATOM   857  O OD1 . ASN A 1 114 ? -11.665 -7.842  12.469  1.00 9.26  ? 125 ASN A OD1 1 
ATOM   858  N ND2 . ASN A 1 114 ? -13.792 -7.566  12.958  1.00 12.52 ? 125 ASN A ND2 1 
ATOM   859  N N   . ALA A 1 115 ? -10.871 -3.729  9.313   1.00 6.45  ? 126 ALA A N   1 
ATOM   860  C CA  . ALA A 1 115 ? -11.018 -2.699  8.260   1.00 6.45  ? 126 ALA A CA  1 
ATOM   861  C C   . ALA A 1 115 ? -10.320 -3.136  6.954   1.00 6.02  ? 126 ALA A C   1 
ATOM   862  O O   . ALA A 1 115 ? -9.107  -3.449  6.940   1.00 7.07  ? 126 ALA A O   1 
ATOM   863  C CB  . ALA A 1 115 ? -10.405 -1.411  8.699   1.00 6.53  ? 126 ALA A CB  1 
ATOM   864  N N   . THR A 1 116 ? -11.071 -3.111  5.870   1.00 6.17  ? 127 THR A N   1 
ATOM   865  C CA  . THR A 1 116 ? -10.534 -3.174  4.509   1.00 6.09  ? 127 THR A CA  1 
ATOM   866  C C   . THR A 1 116 ? -10.094 -1.759  4.119   1.00 6.78  ? 127 THR A C   1 
ATOM   867  O O   . THR A 1 116 ? -10.885 -0.812  4.310   1.00 7.69  ? 127 THR A O   1 
ATOM   868  C CB  . THR A 1 116 ? -11.584 -3.755  3.574   1.00 6.68  ? 127 THR A CB  1 
ATOM   869  O OG1 . THR A 1 116 ? -11.777 -5.113  3.891   1.00 6.44  ? 127 THR A OG1 1 
ATOM   870  C CG2 . THR A 1 116 ? -11.168 -3.711  2.125   1.00 6.84  ? 127 THR A CG2 1 
ATOM   871  N N   . LEU A 1 117 ? -8.875  -1.620  3.613   1.00 6.44  ? 128 LEU A N   1 
ATOM   872  C CA  . LEU A 1 117 ? -8.263  -0.328  3.294   1.00 6.81  ? 128 LEU A CA  1 
ATOM   873  C C   . LEU A 1 117 ? -7.965  -0.187  1.803   1.00 5.81  ? 128 LEU A C   1 
ATOM   874  O O   . LEU A 1 117 ? -7.571  -1.141  1.151   1.00 6.51  ? 128 LEU A O   1 
ATOM   875  C CB  . LEU A 1 117 ? -6.980  -0.119  4.076   1.00 6.85  ? 128 LEU A CB  1 
ATOM   876  C CG  . LEU A 1 117 ? -7.089  -0.337  5.594   1.00 7.87  ? 128 LEU A CG  1 
ATOM   877  C CD1 . LEU A 1 117 ? -5.724  -0.200  6.222   1.00 9.50  ? 128 LEU A CD1 1 
ATOM   878  C CD2 . LEU A 1 117 ? -8.077  0.601   6.227   1.00 8.96  ? 128 LEU A CD2 1 
ATOM   879  N N   . PHE A 1 118 ? -8.100  1.039   1.317   1.00 5.41  ? 129 PHE A N   1 
ATOM   880  C CA  . PHE A 1 118 ? -7.747  1.414   -0.051  1.00 5.17  ? 129 PHE A CA  1 
ATOM   881  C C   . PHE A 1 118 ? -6.560  2.369   -0.024  1.00 5.03  ? 129 PHE A C   1 
ATOM   882  O O   . PHE A 1 118 ? -6.563  3.321   0.745   1.00 5.69  ? 129 PHE A O   1 
ATOM   883  C CB  . PHE A 1 118 ? -8.931  2.115   -0.725  1.00 5.25  ? 129 PHE A CB  1 
ATOM   884  C CG  . PHE A 1 118 ? -8.591  2.755   -2.041  1.00 5.28  ? 129 PHE A CG  1 
ATOM   885  C CD1 . PHE A 1 118 ? -8.567  2.038   -3.205  1.00 5.50  ? 129 PHE A CD1 1 
ATOM   886  C CD2 . PHE A 1 118 ? -8.270  4.110   -2.108  1.00 5.96  ? 129 PHE A CD2 1 
ATOM   887  C CE1 . PHE A 1 118 ? -8.250  2.645   -4.412  1.00 6.15  ? 129 PHE A CE1 1 
ATOM   888  C CE2 . PHE A 1 118 ? -7.914  4.721   -3.303  1.00 6.56  ? 129 PHE A CE2 1 
ATOM   889  C CZ  . PHE A 1 118 ? -7.869  3.968   -4.441  1.00 5.85  ? 129 PHE A CZ  1 
ATOM   890  N N   . PHE A 1 119 ? -5.559  2.140   -0.868  1.00 5.33  ? 130 PHE A N   1 
ATOM   891  C CA  . PHE A 1 119 ? -4.450  3.049   -1.027  1.00 5.45  ? 130 PHE A CA  1 
ATOM   892  C C   . PHE A 1 119 ? -4.180  3.364   -2.483  1.00 5.49  ? 130 PHE A C   1 
ATOM   893  O O   . PHE A 1 119 ? -4.264  2.480   -3.345  1.00 5.71  ? 130 PHE A O   1 
ATOM   894  C CB  . PHE A 1 119 ? -3.139  2.515   -0.441  1.00 6.56  ? 130 PHE A CB  1 
ATOM   895  C CG  . PHE A 1 119 ? -3.230  2.222   1.030   1.00 7.84  ? 130 PHE A CG  1 
ATOM   896  C CD1 . PHE A 1 119 ? -2.983  3.238   1.931   1.00 9.68  ? 130 PHE A CD1 1 
ATOM   897  C CD2 . PHE A 1 119 ? -3.509  0.954   1.507   1.00 9.12  ? 130 PHE A CD2 1 
ATOM   898  C CE1 . PHE A 1 119 ? -3.042  2.965   3.299   1.00 11.78 ? 130 PHE A CE1 1 
ATOM   899  C CE2 . PHE A 1 119 ? -3.578  0.716   2.875   1.00 10.45 ? 130 PHE A CE2 1 
ATOM   900  C CZ  . PHE A 1 119 ? -3.302  1.709   3.753   1.00 11.69 ? 130 PHE A CZ  1 
ATOM   901  N N   . GLU A 1 120 ? -3.759  4.599   -2.732  1.00 5.83  ? 131 GLU A N   1 
ATOM   902  C CA  . GLU A 1 120 ? -3.045  4.985   -3.921  1.00 6.08  ? 131 GLU A CA  1 
ATOM   903  C C   . GLU A 1 120 ? -1.583  5.212   -3.523  1.00 6.23  ? 131 GLU A C   1 
ATOM   904  O O   . GLU A 1 120 ? -1.339  5.988   -2.614  1.00 6.94  ? 131 GLU A O   1 
ATOM   905  C CB  . GLU A 1 120 ? -3.620  6.251   -4.564  1.00 7.13  ? 131 GLU A CB  1 
ATOM   906  C CG  . GLU A 1 120 ? -2.873  6.648   -5.828  1.00 8.59  ? 131 GLU A CG  1 
ATOM   907  C CD  . GLU A 1 120 ? -3.570  7.743   -6.587  1.00 12.25 ? 131 GLU A CD  1 
ATOM   908  O OE1 . GLU A 1 120 ? -4.614  7.527   -7.190  1.00 12.01 ? 131 GLU A OE1 1 
ATOM   909  O OE2 . GLU A 1 120 ? -3.034  8.892   -6.550  1.00 21.41 ? 131 GLU A OE2 1 
ATOM   910  N N   . ILE A 1 121 ? -0.645  4.506   -4.145  1.00 5.64  ? 132 ILE A N   1 
ATOM   911  C CA  . ILE A 1 121 ? 0.782   4.546   -3.788  1.00 5.71  ? 132 ILE A CA  1 
ATOM   912  C C   . ILE A 1 121 ? 1.557   4.881   -5.040  1.00 5.19  ? 132 ILE A C   1 
ATOM   913  O O   . ILE A 1 121 ? 1.413   4.245   -6.071  1.00 5.09  ? 132 ILE A O   1 
ATOM   914  C CB  . ILE A 1 121 ? 1.270   3.196   -3.237  1.00 6.89  ? 132 ILE A CB  1 
ATOM   915  C CG1 . ILE A 1 121 ? 0.492   2.828   -1.973  1.00 9.17  ? 132 ILE A CG1 1 
ATOM   916  C CG2 . ILE A 1 121 ? 2.763   3.200   -2.954  1.00 7.74  ? 132 ILE A CG2 1 
ATOM   917  C CD1 . ILE A 1 121 ? 0.774   1.468   -1.443  1.00 11.85 ? 132 ILE A CD1 1 
ATOM   918  N N   . GLU A 1 122 ? 2.524   5.808   -4.868  1.00 5.19  ? 133 GLU A N   1 
ATOM   919  C CA  . GLU A 1 122 ? 3.506   6.128   -5.862  1.00 5.47  ? 133 GLU A CA  1 
ATOM   920  C C   . GLU A 1 122 ? 4.896   5.741   -5.348  1.00 5.39  ? 133 GLU A C   1 
ATOM   921  O O   . GLU A 1 122 ? 5.282   6.182   -4.271  1.00 5.42  ? 133 GLU A O   1 
ATOM   922  C CB  . GLU A 1 122 ? 3.449   7.630   -6.169  1.00 6.28  ? 133 GLU A CB  1 
ATOM   923  C CG  . GLU A 1 122 ? 4.493   8.103   -7.159  1.00 7.95  ? 133 GLU A CG  1 
ATOM   924  C CD  . GLU A 1 122 ? 4.495   9.584   -7.509  1.00 10.85 ? 133 GLU A CD  1 
ATOM   925  O OE1 . GLU A 1 122 ? 3.820   10.368  -6.766  1.00 14.47 ? 133 GLU A OE1 1 
ATOM   926  O OE2 . GLU A 1 122 ? 5.276   9.959   -8.399  1.00 11.94 ? 133 GLU A OE2 1 
ATOM   927  N N   . LEU A 1 123 ? 5.597   4.910   -6.128  1.00 4.97  ? 134 LEU A N   1 
ATOM   928  C CA  . LEU A 1 123 ? 6.966   4.556   -5.750  1.00 5.08  ? 134 LEU A CA  1 
ATOM   929  C C   . LEU A 1 123 ? 7.917   5.584   -6.362  1.00 5.49  ? 134 LEU A C   1 
ATOM   930  O O   . LEU A 1 123 ? 8.123   5.632   -7.566  1.00 6.28  ? 134 LEU A O   1 
ATOM   931  C CB  . LEU A 1 123 ? 7.330   3.147   -6.221  1.00 4.80  ? 134 LEU A CB  1 
ATOM   932  C CG  . LEU A 1 123 ? 8.748   2.701   -5.846  1.00 5.59  ? 134 LEU A CG  1 
ATOM   933  C CD1 . LEU A 1 123 ? 9.066   2.814   -4.357  1.00 6.07  ? 134 LEU A CD1 1 
ATOM   934  C CD2 . LEU A 1 123 ? 9.008   1.262   -6.330  1.00 5.97  ? 134 LEU A CD2 1 
ATOM   935  N N   . LEU A 1 124 ? 8.419   6.462   -5.513  1.00 5.30  ? 135 LEU A N   1 
ATOM   936  C CA  . LEU A 1 124 ? 9.284   7.580   -5.988  1.00 6.20  ? 135 LEU A CA  1 
ATOM   937  C C   . LEU A 1 124 ? 10.697  7.108   -6.310  1.00 6.14  ? 135 LEU A C   1 
ATOM   938  O O   . LEU A 1 124 ? 11.251  7.561   -7.292  1.00 7.82  ? 135 LEU A O   1 
ATOM   939  C CB  . LEU A 1 124 ? 9.346   8.640   -4.885  1.00 6.43  ? 135 LEU A CB  1 
ATOM   940  C CG  . LEU A 1 124 ? 8.008   9.279   -4.501  1.00 7.20  ? 135 LEU A CG  1 
ATOM   941  C CD1 . LEU A 1 124 ? 8.134   10.019  -3.171  1.00 8.28  ? 135 LEU A CD1 1 
ATOM   942  C CD2 . LEU A 1 124 ? 7.479   10.192  -5.615  1.00 7.95  ? 135 LEU A CD2 1 
ATOM   943  N N   . ASP A 1 125 ? 11.212  6.223   -5.479  1.00 6.52  ? 136 ASP A N   1 
ATOM   944  C CA  . ASP A 1 125 ? 12.612  5.790   -5.627  1.00 7.61  ? 136 ASP A CA  1 
ATOM   945  C C   . ASP A 1 125 ? 12.845  4.600   -4.705  1.00 6.88  ? 136 ASP A C   1 
ATOM   946  O O   . ASP A 1 125 ? 12.076  4.361   -3.795  1.00 6.81  ? 136 ASP A O   1 
ATOM   947  C CB  . ASP A 1 125 ? 13.523  6.930   -5.141  1.00 9.58  ? 136 ASP A CB  1 
ATOM   948  C CG  . ASP A 1 125 ? 14.945  6.873   -5.672  1.00 12.94 ? 136 ASP A CG  1 
ATOM   949  O OD1 . ASP A 1 125 ? 15.217  6.061   -6.570  1.00 13.92 ? 136 ASP A OD1 1 
ATOM   950  O OD2 . ASP A 1 125 ? 15.717  7.682   -5.152  1.00 17.97 ? 136 ASP A OD2 1 
ATOM   951  N N   . PHE A 1 126 ? 13.924  3.879   -5.012  1.00 7.08  ? 137 PHE A N   1 
ATOM   952  C CA  . PHE A 1 126 ? 14.395  2.773   -4.146  1.00 7.97  ? 137 PHE A CA  1 
ATOM   953  C C   . PHE A 1 126 ? 15.929  2.757   -4.218  1.00 8.77  ? 137 PHE A C   1 
ATOM   954  O O   . PHE A 1 126 ? 16.455  3.064   -5.267  1.00 8.72  ? 137 PHE A O   1 
ATOM   955  C CB  . PHE A 1 126 ? 13.730  1.434   -4.471  1.00 7.71  ? 137 PHE A CB  1 
ATOM   956  C CG  . PHE A 1 126 ? 13.931  0.863   -5.849  1.00 7.53  ? 137 PHE A CG  1 
ATOM   957  C CD1 . PHE A 1 126 ? 14.986  -0.005  -6.118  1.00 8.04  ? 137 PHE A CD1 1 
ATOM   958  C CD2 . PHE A 1 126 ? 13.031  1.142   -6.866  1.00 8.89  ? 137 PHE A CD2 1 
ATOM   959  C CE1 . PHE A 1 126 ? 15.133  -0.579  -7.371  1.00 8.59  ? 137 PHE A CE1 1 
ATOM   960  C CE2 . PHE A 1 126 ? 13.188  0.557   -8.114  1.00 9.77  ? 137 PHE A CE2 1 
ATOM   961  C CZ  . PHE A 1 126 ? 14.243  -0.286  -8.368  1.00 9.03  ? 137 PHE A CZ  1 
ATOM   962  N N   . LYS A 1 127 ? 16.564  2.440   -3.109  1.00 9.52  ? 138 LYS A N   1 
ATOM   963  C CA  . LYS A 1 127 ? 18.004  2.440   -3.068  1.00 10.35 ? 138 LYS A CA  1 
ATOM   964  C C   . LYS A 1 127 ? 18.400  1.343   -2.090  1.00 10.03 ? 138 LYS A C   1 
ATOM   965  O O   . LYS A 1 127 ? 17.875  1.223   -1.034  1.00 9.99  ? 138 LYS A O   1 
ATOM   966  C CB  . LYS A 1 127 ? 18.527  3.783   -2.524  1.00 13.77 ? 138 LYS A CB  1 
ATOM   967  N N   . GLY A 1 128 ? 19.456  0.616   -2.443  1.00 11.35 ? 139 GLY A N   1 
ATOM   968  C CA  . GLY A 1 128 ? 20.141  -0.237  -1.508  1.00 12.32 ? 139 GLY A CA  1 
ATOM   969  C C   . GLY A 1 128 ? 21.005  0.599   -0.596  1.00 15.22 ? 139 GLY A C   1 
ATOM   970  O O   . GLY A 1 128 ? 21.445  1.691   -0.949  1.00 18.68 ? 139 GLY A O   1 
ATOM   971  N N   . GLU A 1 129 ? 21.258  0.147   0.537   1.00 30.00 ? 140 GLU A N   1 
ATOM   972  C CA  . GLU A 1 129 ? 22.075  0.808   1.548   1.00 30.00 ? 140 GLU A CA  1 
ATOM   973  C C   . GLU A 1 129 ? 23.439  0.140   1.676   1.00 30.00 ? 140 GLU A C   1 
ATOM   974  O O   . GLU A 1 129 ? 23.654  -0.973  1.238   1.00 30.00 ? 140 GLU A O   1 
ATOM   975  C CB  . GLU A 1 129 ? 21.358  0.807   2.900   1.00 30.00 ? 140 GLU A CB  1 
ATOM   976  N N   . ASP B 2 1   ? 0.246   6.073   14.580  1.00 31.09 ? 1   ASP B N   1 
ATOM   977  C CA  . ASP B 2 1   ? 0.438   4.592   14.427  1.00 29.54 ? 1   ASP B CA  1 
ATOM   978  C C   . ASP B 2 1   ? 0.685   4.271   12.943  1.00 27.57 ? 1   ASP B C   1 
ATOM   979  O O   . ASP B 2 1   ? 1.800   3.936   12.550  1.00 24.72 ? 1   ASP B O   1 
ATOM   980  C CB  . ASP B 2 1   ? -0.744  3.824   15.026  1.00 35.36 ? 1   ASP B CB  1 
ATOM   981  N N   . PHE B 2 2   ? -0.374  4.366   12.133  1.00 26.82 ? 2   PHE B N   1 
ATOM   982  C CA  . PHE B 2 2   ? -0.286  4.156   10.697  1.00 26.33 ? 2   PHE B CA  1 
ATOM   983  C C   . PHE B 2 2   ? 0.751   5.128   10.123  1.00 26.77 ? 2   PHE B C   1 
ATOM   984  O O   . PHE B 2 2   ? 0.870   6.244   10.617  1.00 29.54 ? 2   PHE B O   1 
ATOM   985  C CB  . PHE B 2 2   ? -1.679  4.341   10.086  1.00 27.66 ? 2   PHE B CB  1 
ATOM   986  C CG  . PHE B 2 2   ? -1.642  4.282   8.589   1.00 28.29 ? 2   PHE B CG  1 
ATOM   987  C CD1 . PHE B 2 2   ? -1.658  3.061   7.943   1.00 28.39 ? 2   PHE B CD1 1 
ATOM   988  C CD2 . PHE B 2 2   ? -1.495  5.429   7.843   1.00 32.67 ? 2   PHE B CD2 1 
ATOM   989  C CE1 . PHE B 2 2   ? -1.539  2.982   6.570   1.00 30.95 ? 2   PHE B CE1 1 
ATOM   990  C CE2 . PHE B 2 2   ? -1.386  5.348   6.464   1.00 33.73 ? 2   PHE B CE2 1 
ATOM   991  C CZ  . PHE B 2 2   ? -1.408  4.132   5.839   1.00 33.08 ? 2   PHE B CZ  1 
ATOM   992  N N   . PRO B 2 3   ? 1.480   4.743   9.062   1.00 31.03 ? 3   PRO B N   1 
ATOM   993  C CA  . PRO B 2 3   ? 1.429   3.444   8.416   1.00 33.60 ? 3   PRO B CA  1 
ATOM   994  C C   . PRO B 2 3   ? 2.445   2.440   8.980   1.00 33.21 ? 3   PRO B C   1 
ATOM   995  O O   . PRO B 2 3   ? 2.719   1.418   8.328   1.00 37.66 ? 3   PRO B O   1 
ATOM   996  C CB  . PRO B 2 3   ? 1.763   3.739   6.947   1.00 35.48 ? 3   PRO B CB  1 
ATOM   997  C CG  . PRO B 2 3   ? 2.703   4.904   7.029   1.00 34.31 ? 3   PRO B CG  1 
ATOM   998  C CD  . PRO B 2 3   ? 2.257   5.692   8.239   1.00 33.38 ? 3   PRO B CD  1 
ATOM   999  N N   . PHE B 2 4   ? 2.969   2.688   10.191  1.00 29.16 ? 4   PHE B N   1 
ATOM   1000 C CA  . PHE B 2 4   ? 3.794   1.662   10.849  1.00 29.88 ? 4   PHE B CA  1 
ATOM   1001 C C   . PHE B 2 4   ? 2.882   0.521   11.327  1.00 34.27 ? 4   PHE B C   1 
ATOM   1002 O O   . PHE B 2 4   ? 1.658   0.679   11.382  1.00 31.78 ? 4   PHE B O   1 
ATOM   1003 C CB  . PHE B 2 4   ? 4.603   2.242   12.008  1.00 28.49 ? 4   PHE B CB  1 
ATOM   1004 C CG  . PHE B 2 4   ? 5.470   3.420   11.651  1.00 29.53 ? 4   PHE B CG  1 
ATOM   1005 C CD1 . PHE B 2 4   ? 6.640   3.245   10.932  1.00 31.49 ? 4   PHE B CD1 1 
ATOM   1006 C CD2 . PHE B 2 4   ? 5.139   4.703   12.061  1.00 33.94 ? 4   PHE B CD2 1 
ATOM   1007 C CE1 . PHE B 2 4   ? 7.444   4.332   10.614  1.00 30.04 ? 4   PHE B CE1 1 
ATOM   1008 C CE2 . PHE B 2 4   ? 5.945   5.787   11.743  1.00 33.45 ? 4   PHE B CE2 1 
ATOM   1009 C CZ  . PHE B 2 4   ? 7.100   5.598   11.025  1.00 33.06 ? 4   PHE B CZ  1 
ATOM   1010 N N   . VAL B 2 5   ? 3.485   -0.627  11.656  1.00 38.07 ? 5   VAL B N   1 
ATOM   1011 C CA  . VAL B 2 5   ? 2.755   -1.856  11.976  1.00 41.63 ? 5   VAL B CA  1 
ATOM   1012 C C   . VAL B 2 5   ? 2.061   -2.346  10.702  1.00 43.73 ? 5   VAL B C   1 
ATOM   1013 O O   . VAL B 2 5   ? 2.284   -3.472  10.268  1.00 52.46 ? 5   VAL B O   1 
ATOM   1014 C CB  . VAL B 2 5   ? 1.739   -1.652  13.121  1.00 43.19 ? 5   VAL B CB  1 
HETATM 1015 O O   . HOH C 3 .   ? -18.372 8.541   8.470   1.00 25.84 ? 201 HOH A O   1 
HETATM 1016 O O   . HOH C 3 .   ? -1.300  0.844   15.102  1.00 26.85 ? 202 HOH A O   1 
HETATM 1017 O O   . HOH C 3 .   ? 16.695  0.135   4.091   1.00 21.60 ? 203 HOH A O   1 
HETATM 1018 O O   . HOH C 3 .   ? 10.553  -6.738  -5.208  1.00 14.30 ? 204 HOH A O   1 
HETATM 1019 O O   . HOH C 3 .   ? -4.075  15.010  5.570   1.00 30.78 ? 205 HOH A O   1 
HETATM 1020 O O   . HOH C 3 .   ? 16.905  -7.988  8.256   1.00 29.88 ? 206 HOH A O   1 
HETATM 1021 O O   . HOH C 3 .   ? 3.232   -10.132 -5.181  1.00 12.37 ? 207 HOH A O   1 
HETATM 1022 O O   . HOH C 3 .   ? -3.050  4.685   13.240  1.00 17.66 ? 208 HOH A O   1 
HETATM 1023 O O   . HOH C 3 .   ? -17.825 -5.425  -5.143  1.00 21.11 ? 209 HOH A O   1 
HETATM 1024 O O   . HOH C 3 .   ? 5.551   -7.681  5.891   1.00 14.10 ? 210 HOH A O   1 
HETATM 1025 O O   . HOH C 3 .   ? 5.125   -2.378  -15.366 1.00 23.00 ? 211 HOH A O   1 
HETATM 1026 O O   . HOH C 3 .   ? 7.436   8.797   -9.413  1.00 18.20 ? 212 HOH A O   1 
HETATM 1027 O O   . HOH C 3 .   ? 17.647  -2.649  -5.670  1.00 8.84  ? 213 HOH A O   1 
HETATM 1028 O O   . HOH C 3 .   ? -16.333 -2.874  -11.476 1.00 13.84 ? 214 HOH A O   1 
HETATM 1029 O O   . HOH C 3 .   ? 12.081  0.554   -11.856 1.00 7.66  ? 215 HOH A O   1 
HETATM 1030 O O   . HOH C 3 .   ? 3.369   17.226  -1.183  1.00 18.48 ? 216 HOH A O   1 
HETATM 1031 O O   . HOH C 3 .   ? 19.634  -3.115  -3.582  1.00 20.36 ? 217 HOH A O   1 
HETATM 1032 O O   . HOH C 3 .   ? -11.024 -10.325 5.227   1.00 14.33 ? 218 HOH A O   1 
HETATM 1033 O O   . HOH C 3 .   ? -3.466  13.473  -0.682  1.00 27.03 ? 219 HOH A O   1 
HETATM 1034 O O   . HOH C 3 .   ? -6.476  -6.216  -12.690 1.00 8.22  ? 220 HOH A O   1 
HETATM 1035 O O   . HOH C 3 .   ? 4.716   -3.331  -11.633 1.00 12.30 ? 221 HOH A O   1 
HETATM 1036 O O   . HOH C 3 .   ? -10.575 -9.187  -9.458  1.00 10.97 ? 222 HOH A O   1 
HETATM 1037 O O   . HOH C 3 .   ? 1.013   20.012  -0.303  1.00 16.92 ? 223 HOH A O   1 
HETATM 1038 O O   . HOH C 3 .   ? 16.252  -4.439  -7.245  1.00 7.20  ? 224 HOH A O   1 
HETATM 1039 O O   . HOH C 3 .   ? 7.442   10.764  6.595   1.00 20.15 ? 225 HOH A O   1 
HETATM 1040 O O   . HOH C 3 .   ? 10.521  11.781  4.508   1.00 17.32 ? 226 HOH A O   1 
HETATM 1041 O O   . HOH C 3 .   ? 16.438  -0.106  -12.673 1.00 13.36 ? 227 HOH A O   1 
HETATM 1042 O O   . HOH C 3 .   ? -6.914  -15.223 -6.433  1.00 11.75 ? 228 HOH A O   1 
HETATM 1043 O O   . HOH C 3 .   ? -9.691  -15.590 0.911   1.00 19.21 ? 229 HOH A O   1 
HETATM 1044 O O   . HOH C 3 .   ? 4.475   11.765  -10.271 1.00 18.79 ? 230 HOH A O   1 
HETATM 1045 O O   . HOH C 3 .   ? 8.953   -3.210  5.891   1.00 7.58  ? 231 HOH A O   1 
HETATM 1046 O O   . HOH C 3 .   ? 4.897   -0.044  -13.767 1.00 11.03 ? 232 HOH A O   1 
HETATM 1047 O O   . HOH C 3 .   ? -9.611  1.748   16.077  1.00 11.31 ? 233 HOH A O   1 
HETATM 1048 O O   . HOH C 3 .   ? 5.931   -6.640  -10.587 1.00 20.45 ? 234 HOH A O   1 
HETATM 1049 O O   . HOH C 3 .   ? -12.070 -10.382 13.400  1.00 16.41 ? 235 HOH A O   1 
HETATM 1050 O O   . HOH C 3 .   ? -13.078 -5.874  6.175   1.00 8.49  ? 236 HOH A O   1 
HETATM 1051 O O   . HOH C 3 .   ? -0.581  20.426  3.364   1.00 12.70 ? 237 HOH A O   1 
HETATM 1052 O O   . HOH C 3 .   ? -12.056 0.661   6.306   1.00 10.32 ? 238 HOH A O   1 
HETATM 1053 O O   . HOH C 3 .   ? -8.349  -3.225  11.095  1.00 6.87  ? 239 HOH A O   1 
HETATM 1054 O O   . HOH C 3 .   ? 10.426  -10.270 3.616   1.00 10.16 ? 240 HOH A O   1 
HETATM 1055 O O   . HOH C 3 .   ? -4.253  3.851   -16.012 1.00 8.79  ? 241 HOH A O   1 
HETATM 1056 O O   . HOH C 3 .   ? -14.641 -9.356  -9.635  1.00 24.36 ? 242 HOH A O   1 
HETATM 1057 O O   . HOH C 3 .   ? 1.826   -12.602 -0.478  1.00 10.27 ? 243 HOH A O   1 
HETATM 1058 O O   . HOH C 3 .   ? 7.860   -0.217  -17.276 1.00 21.14 ? 244 HOH A O   1 
HETATM 1059 O O   . HOH C 3 .   ? 19.356  -0.749  -9.689  1.00 12.53 ? 245 HOH A O   1 
HETATM 1060 O O   . HOH C 3 .   ? -5.972  8.429   -9.410  1.00 22.00 ? 246 HOH A O   1 
HETATM 1061 O O   . HOH C 3 .   ? -13.893 -2.399  5.946   1.00 10.02 ? 247 HOH A O   1 
HETATM 1062 O O   . HOH C 3 .   ? -18.321 8.681   5.967   1.00 19.17 ? 248 HOH A O   1 
HETATM 1063 O O   . HOH C 3 .   ? 4.120   -6.454  7.924   1.00 16.69 ? 249 HOH A O   1 
HETATM 1064 O O   . HOH C 3 .   ? -12.586 -8.477  -4.299  1.00 7.13  ? 250 HOH A O   1 
HETATM 1065 O O   . HOH C 3 .   ? 5.806   -6.579  11.559  1.00 33.24 ? 251 HOH A O   1 
HETATM 1066 O O   . HOH C 3 .   ? 10.400  -4.479  11.590  1.00 24.67 ? 252 HOH A O   1 
HETATM 1067 O O   . HOH C 3 .   ? -8.629  -7.437  -1.338  1.00 8.83  ? 253 HOH A O   1 
HETATM 1068 O O   . HOH C 3 .   ? -9.693  -8.812  10.780  1.00 11.81 ? 254 HOH A O   1 
HETATM 1069 O O   . HOH C 3 .   ? -8.938  -12.831 10.233  1.00 15.55 ? 255 HOH A O   1 
HETATM 1070 O O   . HOH C 3 .   ? 1.212   10.153  -5.835  1.00 22.76 ? 256 HOH A O   1 
HETATM 1071 O O   . HOH C 3 .   ? -12.573 -11.988 -3.179  1.00 14.75 ? 257 HOH A O   1 
HETATM 1072 O O   . HOH C 3 .   ? 5.172   -9.039  -3.494  1.00 8.33  ? 258 HOH A O   1 
HETATM 1073 O O   . HOH C 3 .   ? -9.082  1.623   -8.734  1.00 6.51  ? 259 HOH A O   1 
HETATM 1074 O O   . HOH C 3 .   ? -14.620 -2.007  10.290  1.00 17.25 ? 260 HOH A O   1 
HETATM 1075 O O   . HOH C 3 .   ? 17.783  1.903   -7.430  1.00 17.28 ? 261 HOH A O   1 
HETATM 1076 O O   . HOH C 3 .   ? 18.554  -4.044  0.030   1.00 13.42 ? 262 HOH A O   1 
HETATM 1077 O O   . HOH C 3 .   ? 5.614   12.648  8.577   1.00 27.81 ? 263 HOH A O   1 
HETATM 1078 O O   . HOH C 3 .   ? -0.140  -6.212  8.318   1.00 10.23 ? 264 HOH A O   1 
HETATM 1079 O O   . HOH C 3 .   ? 17.678  -2.946  5.112   1.00 17.42 ? 265 HOH A O   1 
HETATM 1080 O O   . HOH C 3 .   ? -13.341 -6.756  -0.402  1.00 7.10  ? 266 HOH A O   1 
HETATM 1081 O O   . HOH C 3 .   ? -11.287 -10.157 9.086   1.00 14.32 ? 267 HOH A O   1 
HETATM 1082 O O   . HOH C 3 .   ? -6.983  -2.953  8.714   1.00 7.11  ? 268 HOH A O   1 
HETATM 1083 O O   . HOH C 3 .   ? 7.543   -0.305  12.153  1.00 24.34 ? 269 HOH A O   1 
HETATM 1084 O O   . HOH C 3 .   ? -0.394  -11.391 -9.601  1.00 19.68 ? 270 HOH A O   1 
HETATM 1085 O O   . HOH C 3 .   ? 5.054   12.880  -6.463  1.00 22.39 ? 271 HOH A O   1 
HETATM 1086 O O   . HOH C 3 .   ? 1.736   -5.391  -11.004 1.00 16.20 ? 272 HOH A O   1 
HETATM 1087 O O   . HOH C 3 .   ? 5.188   11.258  4.941   1.00 14.82 ? 273 HOH A O   1 
HETATM 1088 O O   . HOH C 3 .   ? 0.455   -20.372 -4.125  1.00 19.60 ? 274 HOH A O   1 
HETATM 1089 O O   . HOH C 3 .   ? 9.354   -8.122  -7.574  1.00 19.84 ? 275 HOH A O   1 
HETATM 1090 O O   . HOH C 3 .   ? 10.184  16.795  1.751   1.00 12.34 ? 276 HOH A O   1 
HETATM 1091 O O   . HOH C 3 .   ? 10.001  9.047   -9.340  1.00 17.75 ? 277 HOH A O   1 
HETATM 1092 O O   . HOH C 3 .   ? -3.872  -13.214 -9.498  1.00 10.23 ? 278 HOH A O   1 
HETATM 1093 O O   . HOH C 3 .   ? 8.346   -6.893  0.700   1.00 11.20 ? 279 HOH A O   1 
HETATM 1094 O O   . HOH C 3 .   ? -7.868  0.235   17.523  1.00 12.80 ? 280 HOH A O   1 
HETATM 1095 O O   . HOH C 3 .   ? -2.291  -5.076  -11.249 1.00 14.55 ? 281 HOH A O   1 
HETATM 1096 O O   . HOH C 3 .   ? -5.220  1.597   -14.735 1.00 7.50  ? 282 HOH A O   1 
HETATM 1097 O O   . HOH C 3 .   ? 10.434  2.077   -19.225 1.00 24.72 ? 283 HOH A O   1 
HETATM 1098 O O   . HOH C 3 .   ? -5.949  -13.940 4.380   1.00 17.52 ? 284 HOH A O   1 
HETATM 1099 O O   . HOH C 3 .   ? -7.301  -11.652 3.689   1.00 13.24 ? 285 HOH A O   1 
HETATM 1100 O O   . HOH C 3 .   ? -15.585 -0.359  -12.049 1.00 15.40 ? 286 HOH A O   1 
HETATM 1101 O O   . HOH C 3 .   ? 14.125  -0.707  -14.265 1.00 17.81 ? 287 HOH A O   1 
HETATM 1102 O O   . HOH C 3 .   ? -3.001  -3.442  -13.417 1.00 10.84 ? 288 HOH A O   1 
HETATM 1103 O O   . HOH C 3 .   ? 13.526  5.731   -13.427 1.00 22.01 ? 289 HOH A O   1 
HETATM 1104 O O   . HOH C 3 .   ? -1.343  0.126   -16.189 1.00 12.37 ? 290 HOH A O   1 
HETATM 1105 O O   . HOH C 3 .   ? -14.756 -8.849  3.686   1.00 20.68 ? 291 HOH A O   1 
HETATM 1106 O O   . HOH C 3 .   ? 20.692  0.429   -5.022  1.00 22.13 ? 292 HOH A O   1 
HETATM 1107 O O   . HOH C 3 .   ? -0.136  -14.367 0.813   1.00 11.70 ? 293 HOH A O   1 
HETATM 1108 O O   . HOH C 3 .   ? -8.966  2.348   -11.461 1.00 17.53 ? 294 HOH A O   1 
HETATM 1109 O O   . HOH C 3 .   ? -12.828 7.422   -6.572  1.00 17.15 ? 295 HOH A O   1 
HETATM 1110 O O   . HOH C 3 .   ? 6.696   4.326   -18.266 1.00 15.84 ? 296 HOH A O   1 
HETATM 1111 O O   . HOH C 3 .   ? -17.411 0.937   6.283   1.00 19.87 ? 297 HOH A O   1 
HETATM 1112 O O   . HOH C 3 .   ? -13.453 -7.249  -16.341 1.00 12.91 ? 298 HOH A O   1 
HETATM 1113 O O   . HOH C 3 .   ? -8.897  -12.159 1.639   1.00 17.95 ? 299 HOH A O   1 
HETATM 1114 O O   . HOH C 3 .   ? -0.398  -6.741  -11.751 1.00 28.18 ? 300 HOH A O   1 
HETATM 1115 O O   . HOH C 3 .   ? 3.623   6.001   -17.801 1.00 12.01 ? 301 HOH A O   1 
HETATM 1116 O O   . HOH C 3 .   ? -8.682  -16.763 -4.821  1.00 19.81 ? 302 HOH A O   1 
HETATM 1117 O O   . HOH C 3 .   ? -1.219  17.920  -0.611  1.00 26.11 ? 303 HOH A O   1 
HETATM 1118 O O   . HOH C 3 .   ? 20.069  -2.268  1.659   1.00 16.61 ? 304 HOH A O   1 
HETATM 1119 O O   . HOH C 3 .   ? -16.541 -6.591  -14.813 1.00 21.02 ? 305 HOH A O   1 
HETATM 1120 O O   . HOH C 3 .   ? -5.337  6.031   12.136  1.00 18.12 ? 306 HOH A O   1 
HETATM 1121 O O   . HOH C 3 .   ? -1.503  14.199  6.308   1.00 30.74 ? 307 HOH A O   1 
HETATM 1122 O O   . HOH C 3 .   ? -8.203  -13.544 -8.171  1.00 8.59  ? 308 HOH A O   1 
HETATM 1123 O O   . HOH C 3 .   ? 17.529  -9.341  3.984   1.00 19.32 ? 309 HOH A O   1 
HETATM 1124 O O   . HOH C 3 .   ? -16.540 1.915   -9.502  1.00 10.39 ? 310 HOH A O   1 
HETATM 1125 O O   . HOH C 3 .   ? -13.565 -0.944  15.720  1.00 6.66  ? 311 HOH A O   1 
HETATM 1126 O O   . HOH C 3 .   ? 12.810  -3.226  11.158  1.00 19.55 ? 312 HOH A O   1 
HETATM 1127 O O   . HOH C 3 .   ? -0.034  8.726   -3.940  1.00 18.11 ? 313 HOH A O   1 
HETATM 1128 O O   . HOH C 3 .   ? 9.277   8.439   6.539   1.00 18.25 ? 314 HOH A O   1 
HETATM 1129 O O   . HOH C 3 .   ? -4.179  8.373   11.028  1.00 26.54 ? 315 HOH A O   1 
HETATM 1130 O O   . HOH C 3 .   ? -1.685  -12.279 6.219   1.00 22.68 ? 316 HOH A O   1 
HETATM 1131 O O   . HOH C 3 .   ? 15.088  -2.655  -16.245 1.00 22.24 ? 317 HOH A O   1 
HETATM 1132 O O   . HOH C 3 .   ? -2.122  7.648   -14.685 1.00 11.65 ? 318 HOH A O   1 
HETATM 1133 O O   . HOH C 3 .   ? 3.378   15.761  -3.405  1.00 20.84 ? 319 HOH A O   1 
HETATM 1134 O O   . HOH C 3 .   ? -4.530  -1.364  17.950  1.00 20.89 ? 320 HOH A O   1 
HETATM 1135 O O   . HOH C 3 .   ? 14.454  2.897   6.270   1.00 33.77 ? 321 HOH A O   1 
HETATM 1136 O O   . HOH C 3 .   ? -14.026 -0.594  8.046   1.00 16.36 ? 322 HOH A O   1 
HETATM 1137 O O   . HOH C 3 .   ? -18.328 -0.250  -9.269  1.00 28.91 ? 323 HOH A O   1 
HETATM 1138 O O   . HOH C 3 .   ? -6.009  -9.914  13.544  1.00 20.85 ? 324 HOH A O   1 
HETATM 1139 O O   . HOH C 3 .   ? -3.826  1.210   18.066  1.00 28.06 ? 325 HOH A O   1 
HETATM 1140 O O   . HOH C 3 .   ? 4.150   -8.946  3.869   1.00 16.29 ? 326 HOH A O   1 
HETATM 1141 O O   . HOH C 3 .   ? -18.601 6.166   10.099  1.00 25.66 ? 327 HOH A O   1 
HETATM 1142 O O   . HOH C 3 .   ? -14.411 -11.612 -7.725  1.00 22.74 ? 328 HOH A O   1 
HETATM 1143 O O   . HOH C 3 .   ? 0.211   11.323  -13.126 1.00 23.06 ? 329 HOH A O   1 
HETATM 1144 O O   . HOH C 3 .   ? -13.756 -10.012 15.295  1.00 16.69 ? 330 HOH A O   1 
HETATM 1145 O O   . HOH C 3 .   ? 3.126   -4.464  -13.506 1.00 16.88 ? 331 HOH A O   1 
HETATM 1146 O O   . HOH C 3 .   ? 15.092  -7.558  -15.780 1.00 23.73 ? 332 HOH A O   1 
HETATM 1147 O O   . HOH C 3 .   ? -14.442 6.160   -0.981  1.00 16.03 ? 333 HOH A O   1 
HETATM 1148 O O   . HOH C 3 .   ? -0.321  -18.574 -10.812 1.00 28.08 ? 334 HOH A O   1 
HETATM 1149 O O   . HOH C 3 .   ? 0.828   5.991   -17.455 1.00 14.72 ? 335 HOH A O   1 
HETATM 1150 O O   . HOH C 3 .   ? -8.370  -10.872 11.951  1.00 18.24 ? 336 HOH A O   1 
HETATM 1151 O O   . HOH C 3 .   ? 1.405   -15.078 2.987   1.00 23.97 ? 337 HOH A O   1 
HETATM 1152 O O   . HOH C 3 .   ? 4.598   9.104   8.966   1.00 35.87 ? 338 HOH A O   1 
HETATM 1153 O O   . HOH C 3 .   ? 10.870  -7.437  -0.198  1.00 9.48  ? 339 HOH A O   1 
HETATM 1154 O O   . HOH C 3 .   ? -15.439 -4.990  5.174   1.00 19.69 ? 340 HOH A O   1 
HETATM 1155 O O   . HOH C 3 .   ? -13.015 -8.524  5.977   1.00 19.90 ? 341 HOH A O   1 
HETATM 1156 O O   . HOH C 3 .   ? -11.353 -8.017  -1.837  1.00 9.58  ? 342 HOH A O   1 
HETATM 1157 O O   . HOH C 3 .   ? -14.844 -11.341 -4.699  1.00 27.74 ? 343 HOH A O   1 
HETATM 1158 O O   . HOH C 3 .   ? -3.812  -14.124 6.028   1.00 24.56 ? 344 HOH A O   1 
HETATM 1159 O O   . HOH C 3 .   ? 0.822   -12.963 4.893   1.00 23.81 ? 345 HOH A O   1 
HETATM 1160 O O   . HOH C 3 .   ? -2.634  -17.457 -11.535 1.00 21.69 ? 346 HOH A O   1 
HETATM 1161 O O   . HOH C 3 .   ? 18.802  -0.555  -7.014  1.00 13.22 ? 347 HOH A O   1 
HETATM 1162 O O   . HOH C 3 .   ? 7.138   -9.633  7.012   1.00 21.45 ? 348 HOH A O   1 
HETATM 1163 O O   . HOH C 3 .   ? -12.114 -14.402 0.358   1.00 20.55 ? 349 HOH A O   1 
HETATM 1164 O O   . HOH C 3 .   ? -11.386 -11.928 1.101   1.00 24.00 ? 350 HOH A O   1 
HETATM 1165 O O   . HOH C 3 .   ? 14.730  3.594   -13.610 1.00 23.63 ? 351 HOH A O   1 
HETATM 1166 O O   . HOH C 3 .   ? -15.309 -8.756  -3.917  1.00 16.04 ? 352 HOH A O   1 
HETATM 1167 O O   . HOH C 3 .   ? -10.090 -17.681 -0.573  1.00 24.14 ? 353 HOH A O   1 
HETATM 1168 O O   . HOH C 3 .   ? -15.327 -11.184 11.275  1.00 21.40 ? 354 HOH A O   1 
HETATM 1169 O O   . HOH C 3 .   ? 10.050  1.326   11.725  1.00 29.29 ? 355 HOH A O   1 
HETATM 1170 O O   . HOH C 3 .   ? 8.017   -11.051 4.707   1.00 20.63 ? 356 HOH A O   1 
HETATM 1171 O O   . HOH C 3 .   ? 4.466   4.484   -19.946 1.00 19.83 ? 357 HOH A O   1 
HETATM 1172 O O   . HOH C 3 .   ? -12.252 -10.456 -0.918  1.00 19.43 ? 358 HOH A O   1 
HETATM 1173 O O   . HOH C 3 .   ? 14.597  1.731   -11.536 1.00 12.52 ? 359 HOH A O   1 
HETATM 1174 O O   . HOH C 3 .   ? 11.622  10.023  6.284   1.00 24.14 ? 360 HOH A O   1 
HETATM 1175 O O   . HOH C 3 .   ? 2.485   -3.398  -15.565 1.00 24.95 ? 361 HOH A O   1 
HETATM 1176 O O   . HOH C 3 .   ? 7.702   -9.516  0.732   1.00 16.84 ? 362 HOH A O   1 
HETATM 1177 O O   . HOH C 3 .   ? -2.668  -14.643 -11.689 1.00 26.09 ? 363 HOH A O   1 
HETATM 1178 O O   . HOH C 3 .   ? 16.365  2.828   -9.828  1.00 23.17 ? 364 HOH A O   1 
HETATM 1179 O O   . HOH C 3 .   ? 10.430  -9.926  0.840   1.00 10.59 ? 365 HOH A O   1 
HETATM 1180 O O   . HOH C 3 .   ? -13.801 3.949   14.396  1.00 24.10 ? 366 HOH A O   1 
HETATM 1181 O O   . HOH C 3 .   ? -4.386  -13.990 8.963   1.00 26.63 ? 367 HOH A O   1 
HETATM 1182 O O   . HOH C 3 .   ? -10.886 -16.651 -3.149  1.00 22.53 ? 368 HOH A O   1 
HETATM 1183 O O   . HOH C 3 .   ? 6.039   2.293   -20.768 1.00 27.74 ? 369 HOH A O   1 
HETATM 1184 O O   . HOH C 3 .   ? 14.230  -12.257 5.405   1.00 21.03 ? 370 HOH A O   1 
HETATM 1185 O O   . HOH C 3 .   ? 11.946  -12.550 4.040   1.00 12.76 ? 371 HOH A O   1 
HETATM 1186 O O   . HOH C 3 .   ? -18.414 0.282   -12.345 1.00 27.01 ? 372 HOH A O   1 
HETATM 1187 O O   . HOH C 3 .   ? -1.310  -4.000  -15.519 1.00 14.76 ? 373 HOH A O   1 
HETATM 1188 O O   . HOH C 3 .   ? 0.319   -2.009  -16.419 1.00 12.78 ? 374 HOH A O   1 
HETATM 1189 O O   . HOH C 3 .   ? -1.481  9.185   -12.582 1.00 23.85 ? 375 HOH A O   1 
HETATM 1190 O O   . HOH C 3 .   ? 6.206   -10.624 2.721   1.00 24.06 ? 376 HOH A O   1 
HETATM 1191 O O   . HOH C 3 .   ? 8.007   -13.814 5.811   1.00 29.18 ? 377 HOH A O   1 
HETATM 1192 O O   . HOH C 3 .   ? 10.357  -14.608 5.237   1.00 22.42 ? 378 HOH A O   1 
HETATM 1193 O O   . HOH D 3 .   ? 1.676   0.598   6.488   1.00 18.32 ? 101 HOH B O   1 
HETATM 1194 O O   . HOH D 3 .   ? -1.376  8.179   11.608  1.00 27.55 ? 102 HOH B O   1 
HETATM 1195 O O   . HOH D 3 .   ? 3.661   -7.786  10.222  1.00 24.17 ? 103 HOH B O   1 
# 
loop_
_pdbx_poly_seq_scheme.asym_id 
_pdbx_poly_seq_scheme.entity_id 
_pdbx_poly_seq_scheme.seq_id 
_pdbx_poly_seq_scheme.mon_id 
_pdbx_poly_seq_scheme.ndb_seq_num 
_pdbx_poly_seq_scheme.pdb_seq_num 
_pdbx_poly_seq_scheme.auth_seq_num 
_pdbx_poly_seq_scheme.pdb_mon_id 
_pdbx_poly_seq_scheme.auth_mon_id 
_pdbx_poly_seq_scheme.pdb_strand_id 
_pdbx_poly_seq_scheme.pdb_ins_code 
_pdbx_poly_seq_scheme.hetero 
A 1 1   MET 1   12  ?   ?   ?   A . n 
A 1 2   GLY 2   13  13  GLY GLY A . n 
A 1 3   ALA 3   14  14  ALA ALA A . n 
A 1 4   PRO 4   15  15  PRO PRO A . n 
A 1 5   ALA 5   16  16  ALA ALA A . n 
A 1 6   THR 6   17  17  THR THR A . n 
A 1 7   VAL 7   18  18  VAL VAL A . n 
A 1 8   THR 8   19  19  THR THR A . n 
A 1 9   GLU 9   20  20  GLU GLU A . n 
A 1 10  GLN 10  21  21  GLN GLN A . n 
A 1 11  GLY 11  22  22  GLY GLY A . n 
A 1 12  GLU 12  23  23  GLU GLU A . n 
A 1 13  ASP 13  24  24  ASP ASP A . n 
A 1 14  ILE 14  25  25  ILE ILE A . n 
A 1 15  THR 15  26  26  THR THR A . n 
A 1 16  SER 16  27  27  SER SER A . n 
A 1 17  LYS 17  28  28  LYS LYS A . n 
A 1 18  LYS 18  29  29  LYS LYS A . n 
A 1 19  ASP 19  30  30  ASP ASP A . n 
A 1 20  ARG 20  31  31  ARG ARG A . n 
A 1 21  GLY 21  32  32  GLY GLY A . n 
A 1 22  VAL 22  33  33  VAL VAL A . n 
A 1 23  LEU 23  34  34  LEU LEU A . n 
A 1 24  LYS 24  35  35  LYS LYS A . n 
A 1 25  ILE 25  36  36  ILE ILE A . n 
A 1 26  VAL 26  37  37  VAL VAL A . n 
A 1 27  LYS 27  38  38  LYS LYS A . n 
A 1 28  ARG 28  39  39  ARG ARG A . n 
A 1 29  VAL 29  40  40  VAL VAL A . n 
A 1 30  GLY 30  41  41  GLY GLY A . n 
A 1 31  ASN 31  42  42  ASN ASN A . n 
A 1 32  GLY 32  43  43  GLY GLY A . n 
A 1 33  GLU 33  44  44  GLU GLU A . n 
A 1 34  GLU 34  45  45  GLU GLU A . n 
A 1 35  THR 35  46  46  THR THR A . n 
A 1 36  PRO 36  47  47  PRO PRO A . n 
A 1 37  MET 37  48  48  MET MET A . n 
A 1 38  ILE 38  49  49  ILE ILE A . n 
A 1 39  GLY 39  50  50  GLY GLY A . n 
A 1 40  ASP 40  51  51  ASP ASP A . n 
A 1 41  LYS 41  52  52  LYS LYS A . n 
A 1 42  VAL 42  53  53  VAL VAL A . n 
A 1 43  TYR 43  54  54  TYR TYR A . n 
A 1 44  VAL 44  55  55  VAL VAL A . n 
A 1 45  HIS 45  56  56  HIS HIS A . n 
A 1 46  TYR 46  57  57  TYR TYR A . n 
A 1 47  LYS 47  58  58  LYS LYS A . n 
A 1 48  GLY 48  59  59  GLY GLY A . n 
A 1 49  LYS 49  60  60  LYS LYS A . n 
A 1 50  LEU 50  61  61  LEU LEU A . n 
A 1 51  SER 51  62  62  SER SER A . n 
A 1 52  ASN 52  63  63  ASN ASN A . n 
A 1 53  GLY 53  64  64  GLY GLY A . n 
A 1 54  LYS 54  65  65  LYS LYS A . n 
A 1 55  LYS 55  66  66  LYS LYS A . n 
A 1 56  PHE 56  67  67  PHE PHE A . n 
A 1 57  ASP 57  68  68  ASP ASP A . n 
A 1 58  SER 58  69  69  SER SER A . n 
A 1 59  SER 59  70  70  SER SER A . n 
A 1 60  HIS 60  71  71  HIS HIS A . n 
A 1 61  ASP 61  72  72  ASP ASP A . n 
A 1 62  ARG 62  73  73  ARG ARG A . n 
A 1 63  ASN 63  74  74  ASN ASN A . n 
A 1 64  GLU 64  75  75  GLU GLU A . n 
A 1 65  PRO 65  76  76  PRO PRO A . n 
A 1 66  PHE 66  77  77  PHE PHE A . n 
A 1 67  VAL 67  78  78  VAL VAL A . n 
A 1 68  PHE 68  79  79  PHE PHE A . n 
A 1 69  SER 69  80  80  SER SER A . n 
A 1 70  LEU 70  81  81  LEU LEU A . n 
A 1 71  GLY 71  82  82  GLY GLY A . n 
A 1 72  LYS 72  83  83  LYS LYS A . n 
A 1 73  GLY 73  84  84  GLY GLY A . n 
A 1 74  GLN 74  85  85  GLN GLN A . n 
A 1 75  VAL 75  86  86  VAL VAL A . n 
A 1 76  ILE 76  87  87  ILE ILE A . n 
A 1 77  LYS 77  88  88  LYS LYS A . n 
A 1 78  ALA 78  89  89  ALA ALA A . n 
A 1 79  TRP 79  90  90  TRP TRP A . n 
A 1 80  ASP 80  91  91  ASP ASP A . n 
A 1 81  ILE 81  92  92  ILE ILE A . n 
A 1 82  GLY 82  93  93  GLY GLY A . n 
A 1 83  VAL 83  94  94  VAL VAL A . n 
A 1 84  ALA 84  95  95  ALA ALA A . n 
A 1 85  THR 85  96  96  THR THR A . n 
A 1 86  MET 86  97  97  MET MET A . n 
A 1 87  LYS 87  98  98  LYS LYS A . n 
A 1 88  LYS 88  99  99  LYS LYS A . n 
A 1 89  GLY 89  100 100 GLY GLY A . n 
A 1 90  GLU 90  101 101 GLU GLU A . n 
A 1 91  ILE 91  102 102 ILE ILE A . n 
A 1 92  CYS 92  103 103 CYS CYS A . n 
A 1 93  HIS 93  104 104 HIS HIS A . n 
A 1 94  LEU 94  105 105 LEU LEU A . n 
A 1 95  LEU 95  106 106 LEU LEU A . n 
A 1 96  CYS 96  107 107 CYS CYS A . n 
A 1 97  LYS 97  108 108 LYS LYS A . n 
A 1 98  PRO 98  109 109 PRO PRO A . n 
A 1 99  GLU 99  110 110 GLU GLU A . n 
A 1 100 TYR 100 111 111 TYR TYR A . n 
A 1 101 ALA 101 112 112 ALA ALA A . n 
A 1 102 TYR 102 113 113 TYR TYR A . n 
A 1 103 GLY 103 114 114 GLY GLY A . n 
A 1 104 SER 104 115 115 SER SER A . n 
A 1 105 ALA 105 116 116 ALA ALA A . n 
A 1 106 GLY 106 117 117 GLY GLY A . n 
A 1 107 SER 107 118 118 SER SER A . n 
A 1 108 LEU 108 119 119 LEU LEU A . n 
A 1 109 PRO 109 120 120 PRO PRO A . n 
A 1 110 LYS 110 121 121 LYS LYS A . n 
A 1 111 ILE 111 122 122 ILE ILE A . n 
A 1 112 PRO 112 123 123 PRO PRO A . n 
A 1 113 SER 113 124 124 SER SER A . n 
A 1 114 ASN 114 125 125 ASN ASN A . n 
A 1 115 ALA 115 126 126 ALA ALA A . n 
A 1 116 THR 116 127 127 THR THR A . n 
A 1 117 LEU 117 128 128 LEU LEU A . n 
A 1 118 PHE 118 129 129 PHE PHE A . n 
A 1 119 PHE 119 130 130 PHE PHE A . n 
A 1 120 GLU 120 131 131 GLU GLU A . n 
A 1 121 ILE 121 132 132 ILE ILE A . n 
A 1 122 GLU 122 133 133 GLU GLU A . n 
A 1 123 LEU 123 134 134 LEU LEU A . n 
A 1 124 LEU 124 135 135 LEU LEU A . n 
A 1 125 ASP 125 136 136 ASP ASP A . n 
A 1 126 PHE 126 137 137 PHE PHE A . n 
A 1 127 LYS 127 138 138 LYS LYS A . n 
A 1 128 GLY 128 139 139 GLY GLY A . n 
A 1 129 GLU 129 140 140 GLU GLU A . n 
B 2 1   ASP 1   1   1   ASP ASP B . n 
B 2 2   PHE 2   2   2   PHE PHE B . n 
B 2 3   PRO 3   3   3   PRO PRO B . n 
B 2 4   PHE 4   4   4   PHE PHE B . n 
B 2 5   VAL 5   5   5   VAL VAL B . n 
# 
loop_
_pdbx_nonpoly_scheme.asym_id 
_pdbx_nonpoly_scheme.entity_id 
_pdbx_nonpoly_scheme.mon_id 
_pdbx_nonpoly_scheme.ndb_seq_num 
_pdbx_nonpoly_scheme.pdb_seq_num 
_pdbx_nonpoly_scheme.auth_seq_num 
_pdbx_nonpoly_scheme.pdb_mon_id 
_pdbx_nonpoly_scheme.auth_mon_id 
_pdbx_nonpoly_scheme.pdb_strand_id 
_pdbx_nonpoly_scheme.pdb_ins_code 
C 3 HOH 1   201 142 HOH HOH A . 
C 3 HOH 2   202 158 HOH HOH A . 
C 3 HOH 3   203 151 HOH HOH A . 
C 3 HOH 4   204 84  HOH HOH A . 
C 3 HOH 5   205 219 HOH HOH A . 
C 3 HOH 6   206 139 HOH HOH A . 
C 3 HOH 7   207 52  HOH HOH A . 
C 3 HOH 8   208 101 HOH HOH A . 
C 3 HOH 9   209 97  HOH HOH A . 
C 3 HOH 10  210 93  HOH HOH A . 
C 3 HOH 11  211 106 HOH HOH A . 
C 3 HOH 12  212 78  HOH HOH A . 
C 3 HOH 13  213 22  HOH HOH A . 
C 3 HOH 14  214 30  HOH HOH A . 
C 3 HOH 15  215 11  HOH HOH A . 
C 3 HOH 16  216 145 HOH HOH A . 
C 3 HOH 17  217 176 HOH HOH A . 
C 3 HOH 18  218 50  HOH HOH A . 
C 3 HOH 19  219 131 HOH HOH A . 
C 3 HOH 20  220 16  HOH HOH A . 
C 3 HOH 21  221 40  HOH HOH A . 
C 3 HOH 22  222 28  HOH HOH A . 
C 3 HOH 23  223 104 HOH HOH A . 
C 3 HOH 24  224 2   HOH HOH A . 
C 3 HOH 25  225 115 HOH HOH A . 
C 3 HOH 26  226 83  HOH HOH A . 
C 3 HOH 27  227 42  HOH HOH A . 
C 3 HOH 28  228 32  HOH HOH A . 
C 3 HOH 29  229 87  HOH HOH A . 
C 3 HOH 30  230 125 HOH HOH A . 
C 3 HOH 31  231 8   HOH HOH A . 
C 3 HOH 32  232 23  HOH HOH A . 
C 3 HOH 33  233 39  HOH HOH A . 
C 3 HOH 34  234 98  HOH HOH A . 
C 3 HOH 35  235 67  HOH HOH A . 
C 3 HOH 36  236 14  HOH HOH A . 
C 3 HOH 37  237 53  HOH HOH A . 
C 3 HOH 38  238 36  HOH HOH A . 
C 3 HOH 39  239 5   HOH HOH A . 
C 3 HOH 40  240 18  HOH HOH A . 
C 3 HOH 41  241 12  HOH HOH A . 
C 3 HOH 42  242 118 HOH HOH A . 
C 3 HOH 43  243 35  HOH HOH A . 
C 3 HOH 44  244 123 HOH HOH A . 
C 3 HOH 45  245 25  HOH HOH A . 
C 3 HOH 46  246 124 HOH HOH A . 
C 3 HOH 47  247 24  HOH HOH A . 
C 3 HOH 48  248 77  HOH HOH A . 
C 3 HOH 49  249 59  HOH HOH A . 
C 3 HOH 50  250 13  HOH HOH A . 
C 3 HOH 51  251 175 HOH HOH A . 
C 3 HOH 52  252 205 HOH HOH A . 
C 3 HOH 53  253 43  HOH HOH A . 
C 3 HOH 54  254 31  HOH HOH A . 
C 3 HOH 55  255 64  HOH HOH A . 
C 3 HOH 56  256 180 HOH HOH A . 
C 3 HOH 57  257 58  HOH HOH A . 
C 3 HOH 58  258 3   HOH HOH A . 
C 3 HOH 59  259 4   HOH HOH A . 
C 3 HOH 60  260 70  HOH HOH A . 
C 3 HOH 61  261 95  HOH HOH A . 
C 3 HOH 62  262 49  HOH HOH A . 
C 3 HOH 63  263 150 HOH HOH A . 
C 3 HOH 64  264 10  HOH HOH A . 
C 3 HOH 65  265 119 HOH HOH A . 
C 3 HOH 66  266 7   HOH HOH A . 
C 3 HOH 67  267 60  HOH HOH A . 
C 3 HOH 68  268 1   HOH HOH A . 
C 3 HOH 69  269 204 HOH HOH A . 
C 3 HOH 70  270 143 HOH HOH A . 
C 3 HOH 71  271 147 HOH HOH A . 
C 3 HOH 72  272 45  HOH HOH A . 
C 3 HOH 73  273 71  HOH HOH A . 
C 3 HOH 74  274 91  HOH HOH A . 
C 3 HOH 75  275 140 HOH HOH A . 
C 3 HOH 76  276 34  HOH HOH A . 
C 3 HOH 77  277 88  HOH HOH A . 
C 3 HOH 78  278 26  HOH HOH A . 
C 3 HOH 79  279 29  HOH HOH A . 
C 3 HOH 80  280 54  HOH HOH A . 
C 3 HOH 81  281 61  HOH HOH A . 
C 3 HOH 82  282 9   HOH HOH A . 
C 3 HOH 83  283 156 HOH HOH A . 
C 3 HOH 84  284 80  HOH HOH A . 
C 3 HOH 85  285 56  HOH HOH A . 
C 3 HOH 86  286 85  HOH HOH A . 
C 3 HOH 87  287 105 HOH HOH A . 
C 3 HOH 88  288 15  HOH HOH A . 
C 3 HOH 89  289 162 HOH HOH A . 
C 3 HOH 90  290 51  HOH HOH A . 
C 3 HOH 91  291 160 HOH HOH A . 
C 3 HOH 92  292 99  HOH HOH A . 
C 3 HOH 93  293 33  HOH HOH A . 
C 3 HOH 94  294 81  HOH HOH A . 
C 3 HOH 95  295 65  HOH HOH A . 
C 3 HOH 96  296 48  HOH HOH A . 
C 3 HOH 97  297 111 HOH HOH A . 
C 3 HOH 98  298 27  HOH HOH A . 
C 3 HOH 99  299 89  HOH HOH A . 
C 3 HOH 100 300 121 HOH HOH A . 
C 3 HOH 101 301 47  HOH HOH A . 
C 3 HOH 102 302 133 HOH HOH A . 
C 3 HOH 103 303 166 HOH HOH A . 
C 3 HOH 104 304 135 HOH HOH A . 
C 3 HOH 105 305 94  HOH HOH A . 
C 3 HOH 106 306 86  HOH HOH A . 
C 3 HOH 107 307 168 HOH HOH A . 
C 3 HOH 108 308 17  HOH HOH A . 
C 3 HOH 109 309 75  HOH HOH A . 
C 3 HOH 110 310 38  HOH HOH A . 
C 3 HOH 111 311 6   HOH HOH A . 
C 3 HOH 112 312 114 HOH HOH A . 
C 3 HOH 113 313 74  HOH HOH A . 
C 3 HOH 114 314 82  HOH HOH A . 
C 3 HOH 115 315 184 HOH HOH A . 
C 3 HOH 116 316 144 HOH HOH A . 
C 3 HOH 117 317 122 HOH HOH A . 
C 3 HOH 118 318 44  HOH HOH A . 
C 3 HOH 119 319 138 HOH HOH A . 
C 3 HOH 120 320 155 HOH HOH A . 
C 3 HOH 121 321 161 HOH HOH A . 
C 3 HOH 122 322 117 HOH HOH A . 
C 3 HOH 123 323 194 HOH HOH A . 
C 3 HOH 124 324 177 HOH HOH A . 
C 3 HOH 125 325 196 HOH HOH A . 
C 3 HOH 126 326 63  HOH HOH A . 
C 3 HOH 127 327 185 HOH HOH A . 
C 3 HOH 128 328 152 HOH HOH A . 
C 3 HOH 129 329 102 HOH HOH A . 
C 3 HOH 130 330 66  HOH HOH A . 
C 3 HOH 131 331 62  HOH HOH A . 
C 3 HOH 132 332 141 HOH HOH A . 
C 3 HOH 133 333 76  HOH HOH A . 
C 3 HOH 134 334 128 HOH HOH A . 
C 3 HOH 135 335 79  HOH HOH A . 
C 3 HOH 136 336 72  HOH HOH A . 
C 3 HOH 137 337 173 HOH HOH A . 
C 3 HOH 138 338 188 HOH HOH A . 
C 3 HOH 139 339 21  HOH HOH A . 
C 3 HOH 140 340 68  HOH HOH A . 
C 3 HOH 141 341 100 HOH HOH A . 
C 3 HOH 142 342 19  HOH HOH A . 
C 3 HOH 143 343 198 HOH HOH A . 
C 3 HOH 144 344 107 HOH HOH A . 
C 3 HOH 145 345 120 HOH HOH A . 
C 3 HOH 146 346 92  HOH HOH A . 
C 3 HOH 147 347 57  HOH HOH A . 
C 3 HOH 148 348 109 HOH HOH A . 
C 3 HOH 149 349 96  HOH HOH A . 
C 3 HOH 150 350 103 HOH HOH A . 
C 3 HOH 151 351 134 HOH HOH A . 
C 3 HOH 152 352 69  HOH HOH A . 
C 3 HOH 153 353 164 HOH HOH A . 
C 3 HOH 154 354 108 HOH HOH A . 
C 3 HOH 155 355 200 HOH HOH A . 
C 3 HOH 156 356 112 HOH HOH A . 
C 3 HOH 157 357 113 HOH HOH A . 
C 3 HOH 158 358 136 HOH HOH A . 
C 3 HOH 159 359 37  HOH HOH A . 
C 3 HOH 160 360 148 HOH HOH A . 
C 3 HOH 161 361 110 HOH HOH A . 
C 3 HOH 162 362 73  HOH HOH A . 
C 3 HOH 163 363 90  HOH HOH A . 
C 3 HOH 164 364 182 HOH HOH A . 
C 3 HOH 165 365 20  HOH HOH A . 
C 3 HOH 166 366 171 HOH HOH A . 
C 3 HOH 167 367 187 HOH HOH A . 
C 3 HOH 168 368 170 HOH HOH A . 
C 3 HOH 169 369 203 HOH HOH A . 
C 3 HOH 170 370 116 HOH HOH A . 
C 3 HOH 171 371 46  HOH HOH A . 
C 3 HOH 172 372 146 HOH HOH A . 
C 3 HOH 173 373 55  HOH HOH A . 
C 3 HOH 174 374 41  HOH HOH A . 
C 3 HOH 175 375 189 HOH HOH A . 
C 3 HOH 176 376 179 HOH HOH A . 
C 3 HOH 177 377 191 HOH HOH A . 
C 3 HOH 178 378 178 HOH HOH A . 
D 3 HOH 1   101 129 HOH HOH B . 
D 3 HOH 2   102 210 HOH HOH B . 
D 3 HOH 3   103 163 HOH HOH B . 
# 
_pdbx_struct_assembly.id                   1 
_pdbx_struct_assembly.details              author_and_software_defined_assembly 
_pdbx_struct_assembly.method_details       PISA 
_pdbx_struct_assembly.oligomeric_details   dimeric 
_pdbx_struct_assembly.oligomeric_count     2 
# 
_pdbx_struct_assembly_gen.assembly_id       1 
_pdbx_struct_assembly_gen.oper_expression   1 
_pdbx_struct_assembly_gen.asym_id_list      A,B,C,D 
# 
loop_
_pdbx_struct_assembly_prop.biol_id 
_pdbx_struct_assembly_prop.type 
_pdbx_struct_assembly_prop.value 
_pdbx_struct_assembly_prop.details 
1 'ABSA (A^2)' 730  ? 
1 MORE         -6   ? 
1 'SSA (A^2)'  7050 ? 
# 
_pdbx_struct_oper_list.id                   1 
_pdbx_struct_oper_list.type                 'identity operation' 
_pdbx_struct_oper_list.name                 1_555 
_pdbx_struct_oper_list.symmetry_operation   x,y,z 
_pdbx_struct_oper_list.matrix[1][1]         1.0000000000 
_pdbx_struct_oper_list.matrix[1][2]         0.0000000000 
_pdbx_struct_oper_list.matrix[1][3]         0.0000000000 
_pdbx_struct_oper_list.vector[1]            0.0000000000 
_pdbx_struct_oper_list.matrix[2][1]         0.0000000000 
_pdbx_struct_oper_list.matrix[2][2]         1.0000000000 
_pdbx_struct_oper_list.matrix[2][3]         0.0000000000 
_pdbx_struct_oper_list.vector[2]            0.0000000000 
_pdbx_struct_oper_list.matrix[3][1]         0.0000000000 
_pdbx_struct_oper_list.matrix[3][2]         0.0000000000 
_pdbx_struct_oper_list.matrix[3][3]         1.0000000000 
_pdbx_struct_oper_list.vector[3]            0.0000000000 
# 
loop_
_pdbx_audit_revision_history.ordinal 
_pdbx_audit_revision_history.data_content_type 
_pdbx_audit_revision_history.major_revision 
_pdbx_audit_revision_history.minor_revision 
_pdbx_audit_revision_history.revision_date 
1 'Structure model' 1 0 2022-02-23 
2 'Structure model' 1 1 2023-11-29 
# 
_pdbx_audit_revision_details.ordinal             1 
_pdbx_audit_revision_details.revision_ordinal    1 
_pdbx_audit_revision_details.data_content_type   'Structure model' 
_pdbx_audit_revision_details.provider            repository 
_pdbx_audit_revision_details.type                'Initial release' 
_pdbx_audit_revision_details.description         ? 
_pdbx_audit_revision_details.details             ? 
# 
loop_
_pdbx_audit_revision_group.ordinal 
_pdbx_audit_revision_group.revision_ordinal 
_pdbx_audit_revision_group.data_content_type 
_pdbx_audit_revision_group.group 
1 2 'Structure model' 'Data collection'        
2 2 'Structure model' 'Refinement description' 
# 
loop_
_pdbx_audit_revision_category.ordinal 
_pdbx_audit_revision_category.revision_ordinal 
_pdbx_audit_revision_category.data_content_type 
_pdbx_audit_revision_category.category 
1 2 'Structure model' chem_comp_atom                
2 2 'Structure model' chem_comp_bond                
3 2 'Structure model' pdbx_initial_refinement_model 
# 
loop_
_software.citation_id 
_software.classification 
_software.compiler_name 
_software.compiler_version 
_software.contact_author 
_software.contact_author_email 
_software.date 
_software.description 
_software.dependencies 
_software.hardware 
_software.language 
_software.location 
_software.mods 
_software.name 
_software.os 
_software.os_version 
_software.type 
_software.version 
_software.pdbx_ordinal 
? refinement        ? ? ? ? ? ? ? ? ? ? ? REFMAC      ? ? ? 5.8.0230 1 
? 'data scaling'    ? ? ? ? ? ? ? ? ? ? ? Aimless     ? ? ? .        2 
? 'data extraction' ? ? ? ? ? ? ? ? ? ? ? PDB_EXTRACT ? ? ? 3.27     3 
? 'data reduction'  ? ? ? ? ? ? ? ? ? ? ? autoPROC    ? ? ? .        4 
? phasing           ? ? ? ? ? ? ? ? ? ? ? MOLREP      ? ? ? .        5 
# 
_pdbx_validate_torsion.id              1 
_pdbx_validate_torsion.PDB_model_num   1 
_pdbx_validate_torsion.auth_comp_id    ALA 
_pdbx_validate_torsion.auth_asym_id    A 
_pdbx_validate_torsion.auth_seq_id     112 
_pdbx_validate_torsion.PDB_ins_code    ? 
_pdbx_validate_torsion.label_alt_id    ? 
_pdbx_validate_torsion.phi             -134.83 
_pdbx_validate_torsion.psi             -115.26 
# 
loop_
_pdbx_distant_solvent_atoms.id 
_pdbx_distant_solvent_atoms.PDB_model_num 
_pdbx_distant_solvent_atoms.auth_atom_id 
_pdbx_distant_solvent_atoms.label_alt_id 
_pdbx_distant_solvent_atoms.auth_asym_id 
_pdbx_distant_solvent_atoms.auth_comp_id 
_pdbx_distant_solvent_atoms.auth_seq_id 
_pdbx_distant_solvent_atoms.PDB_ins_code 
_pdbx_distant_solvent_atoms.neighbor_macromolecule_distance 
_pdbx_distant_solvent_atoms.neighbor_ligand_distance 
1 1 O ? A HOH 377 ? 6.59 . 
2 1 O ? A HOH 378 ? 6.66 . 
# 
loop_
_pdbx_unobs_or_zero_occ_atoms.id 
_pdbx_unobs_or_zero_occ_atoms.PDB_model_num 
_pdbx_unobs_or_zero_occ_atoms.polymer_flag 
_pdbx_unobs_or_zero_occ_atoms.occupancy_flag 
_pdbx_unobs_or_zero_occ_atoms.auth_asym_id 
_pdbx_unobs_or_zero_occ_atoms.auth_comp_id 
_pdbx_unobs_or_zero_occ_atoms.auth_seq_id 
_pdbx_unobs_or_zero_occ_atoms.PDB_ins_code 
_pdbx_unobs_or_zero_occ_atoms.auth_atom_id 
_pdbx_unobs_or_zero_occ_atoms.label_alt_id 
_pdbx_unobs_or_zero_occ_atoms.label_asym_id 
_pdbx_unobs_or_zero_occ_atoms.label_comp_id 
_pdbx_unobs_or_zero_occ_atoms.label_seq_id 
_pdbx_unobs_or_zero_occ_atoms.label_atom_id 
1  1 Y 1 A LYS 58  ? CG  ? A LYS 47  CG  
2  1 Y 1 A LYS 58  ? CD  ? A LYS 47  CD  
3  1 Y 1 A LYS 58  ? CE  ? A LYS 47  CE  
4  1 Y 1 A LYS 58  ? NZ  ? A LYS 47  NZ  
5  1 Y 1 A LYS 121 ? CG  ? A LYS 110 CG  
6  1 Y 1 A LYS 121 ? CD  ? A LYS 110 CD  
7  1 Y 1 A LYS 121 ? CE  ? A LYS 110 CE  
8  1 Y 1 A LYS 121 ? NZ  ? A LYS 110 NZ  
9  1 Y 1 A LYS 138 ? CG  ? A LYS 127 CG  
10 1 Y 1 A LYS 138 ? CD  ? A LYS 127 CD  
11 1 Y 1 A LYS 138 ? CE  ? A LYS 127 CE  
12 1 Y 1 A LYS 138 ? NZ  ? A LYS 127 NZ  
13 1 Y 1 A GLU 140 ? CG  ? A GLU 129 CG  
14 1 Y 1 A GLU 140 ? CD  ? A GLU 129 CD  
15 1 Y 1 A GLU 140 ? OE1 ? A GLU 129 OE1 
16 1 Y 1 A GLU 140 ? OE2 ? A GLU 129 OE2 
17 1 Y 1 B ASP 1   ? CG  ? B ASP 1   CG  
18 1 Y 1 B ASP 1   ? OD1 ? B ASP 1   OD1 
19 1 Y 1 B ASP 1   ? OD2 ? B ASP 1   OD2 
20 1 Y 1 B VAL 5   ? CG1 ? B VAL 5   CG1 
21 1 Y 1 B VAL 5   ? CG2 ? B VAL 5   CG2 
# 
_pdbx_unobs_or_zero_occ_residues.id               1 
_pdbx_unobs_or_zero_occ_residues.PDB_model_num    1 
_pdbx_unobs_or_zero_occ_residues.polymer_flag     Y 
_pdbx_unobs_or_zero_occ_residues.occupancy_flag   1 
_pdbx_unobs_or_zero_occ_residues.auth_asym_id     A 
_pdbx_unobs_or_zero_occ_residues.auth_comp_id     MET 
_pdbx_unobs_or_zero_occ_residues.auth_seq_id      12 
_pdbx_unobs_or_zero_occ_residues.PDB_ins_code     ? 
_pdbx_unobs_or_zero_occ_residues.label_asym_id    A 
_pdbx_unobs_or_zero_occ_residues.label_comp_id    MET 
_pdbx_unobs_or_zero_occ_residues.label_seq_id     1 
# 
loop_
_chem_comp_atom.comp_id 
_chem_comp_atom.atom_id 
_chem_comp_atom.type_symbol 
_chem_comp_atom.pdbx_aromatic_flag 
_chem_comp_atom.pdbx_stereo_config 
_chem_comp_atom.pdbx_ordinal 
ALA N    N N N 1   
ALA CA   C N S 2   
ALA C    C N N 3   
ALA O    O N N 4   
ALA CB   C N N 5   
ALA OXT  O N N 6   
ALA H    H N N 7   
ALA H2   H N N 8   
ALA HA   H N N 9   
ALA HB1  H N N 10  
ALA HB2  H N N 11  
ALA HB3  H N N 12  
ALA HXT  H N N 13  
ARG N    N N N 14  
ARG CA   C N S 15  
ARG C    C N N 16  
ARG O    O N N 17  
ARG CB   C N N 18  
ARG CG   C N N 19  
ARG CD   C N N 20  
ARG NE   N N N 21  
ARG CZ   C N N 22  
ARG NH1  N N N 23  
ARG NH2  N N N 24  
ARG OXT  O N N 25  
ARG H    H N N 26  
ARG H2   H N N 27  
ARG HA   H N N 28  
ARG HB2  H N N 29  
ARG HB3  H N N 30  
ARG HG2  H N N 31  
ARG HG3  H N N 32  
ARG HD2  H N N 33  
ARG HD3  H N N 34  
ARG HE   H N N 35  
ARG HH11 H N N 36  
ARG HH12 H N N 37  
ARG HH21 H N N 38  
ARG HH22 H N N 39  
ARG HXT  H N N 40  
ASN N    N N N 41  
ASN CA   C N S 42  
ASN C    C N N 43  
ASN O    O N N 44  
ASN CB   C N N 45  
ASN CG   C N N 46  
ASN OD1  O N N 47  
ASN ND2  N N N 48  
ASN OXT  O N N 49  
ASN H    H N N 50  
ASN H2   H N N 51  
ASN HA   H N N 52  
ASN HB2  H N N 53  
ASN HB3  H N N 54  
ASN HD21 H N N 55  
ASN HD22 H N N 56  
ASN HXT  H N N 57  
ASP N    N N N 58  
ASP CA   C N S 59  
ASP C    C N N 60  
ASP O    O N N 61  
ASP CB   C N N 62  
ASP CG   C N N 63  
ASP OD1  O N N 64  
ASP OD2  O N N 65  
ASP OXT  O N N 66  
ASP H    H N N 67  
ASP H2   H N N 68  
ASP HA   H N N 69  
ASP HB2  H N N 70  
ASP HB3  H N N 71  
ASP HD2  H N N 72  
ASP HXT  H N N 73  
CYS N    N N N 74  
CYS CA   C N R 75  
CYS C    C N N 76  
CYS O    O N N 77  
CYS CB   C N N 78  
CYS SG   S N N 79  
CYS OXT  O N N 80  
CYS H    H N N 81  
CYS H2   H N N 82  
CYS HA   H N N 83  
CYS HB2  H N N 84  
CYS HB3  H N N 85  
CYS HG   H N N 86  
CYS HXT  H N N 87  
GLN N    N N N 88  
GLN CA   C N S 89  
GLN C    C N N 90  
GLN O    O N N 91  
GLN CB   C N N 92  
GLN CG   C N N 93  
GLN CD   C N N 94  
GLN OE1  O N N 95  
GLN NE2  N N N 96  
GLN OXT  O N N 97  
GLN H    H N N 98  
GLN H2   H N N 99  
GLN HA   H N N 100 
GLN HB2  H N N 101 
GLN HB3  H N N 102 
GLN HG2  H N N 103 
GLN HG3  H N N 104 
GLN HE21 H N N 105 
GLN HE22 H N N 106 
GLN HXT  H N N 107 
GLU N    N N N 108 
GLU CA   C N S 109 
GLU C    C N N 110 
GLU O    O N N 111 
GLU CB   C N N 112 
GLU CG   C N N 113 
GLU CD   C N N 114 
GLU OE1  O N N 115 
GLU OE2  O N N 116 
GLU OXT  O N N 117 
GLU H    H N N 118 
GLU H2   H N N 119 
GLU HA   H N N 120 
GLU HB2  H N N 121 
GLU HB3  H N N 122 
GLU HG2  H N N 123 
GLU HG3  H N N 124 
GLU HE2  H N N 125 
GLU HXT  H N N 126 
GLY N    N N N 127 
GLY CA   C N N 128 
GLY C    C N N 129 
GLY O    O N N 130 
GLY OXT  O N N 131 
GLY H    H N N 132 
GLY H2   H N N 133 
GLY HA2  H N N 134 
GLY HA3  H N N 135 
GLY HXT  H N N 136 
HIS N    N N N 137 
HIS CA   C N S 138 
HIS C    C N N 139 
HIS O    O N N 140 
HIS CB   C N N 141 
HIS CG   C Y N 142 
HIS ND1  N Y N 143 
HIS CD2  C Y N 144 
HIS CE1  C Y N 145 
HIS NE2  N Y N 146 
HIS OXT  O N N 147 
HIS H    H N N 148 
HIS H2   H N N 149 
HIS HA   H N N 150 
HIS HB2  H N N 151 
HIS HB3  H N N 152 
HIS HD1  H N N 153 
HIS HD2  H N N 154 
HIS HE1  H N N 155 
HIS HE2  H N N 156 
HIS HXT  H N N 157 
HOH O    O N N 158 
HOH H1   H N N 159 
HOH H2   H N N 160 
ILE N    N N N 161 
ILE CA   C N S 162 
ILE C    C N N 163 
ILE O    O N N 164 
ILE CB   C N S 165 
ILE CG1  C N N 166 
ILE CG2  C N N 167 
ILE CD1  C N N 168 
ILE OXT  O N N 169 
ILE H    H N N 170 
ILE H2   H N N 171 
ILE HA   H N N 172 
ILE HB   H N N 173 
ILE HG12 H N N 174 
ILE HG13 H N N 175 
ILE HG21 H N N 176 
ILE HG22 H N N 177 
ILE HG23 H N N 178 
ILE HD11 H N N 179 
ILE HD12 H N N 180 
ILE HD13 H N N 181 
ILE HXT  H N N 182 
LEU N    N N N 183 
LEU CA   C N S 184 
LEU C    C N N 185 
LEU O    O N N 186 
LEU CB   C N N 187 
LEU CG   C N N 188 
LEU CD1  C N N 189 
LEU CD2  C N N 190 
LEU OXT  O N N 191 
LEU H    H N N 192 
LEU H2   H N N 193 
LEU HA   H N N 194 
LEU HB2  H N N 195 
LEU HB3  H N N 196 
LEU HG   H N N 197 
LEU HD11 H N N 198 
LEU HD12 H N N 199 
LEU HD13 H N N 200 
LEU HD21 H N N 201 
LEU HD22 H N N 202 
LEU HD23 H N N 203 
LEU HXT  H N N 204 
LYS N    N N N 205 
LYS CA   C N S 206 
LYS C    C N N 207 
LYS O    O N N 208 
LYS CB   C N N 209 
LYS CG   C N N 210 
LYS CD   C N N 211 
LYS CE   C N N 212 
LYS NZ   N N N 213 
LYS OXT  O N N 214 
LYS H    H N N 215 
LYS H2   H N N 216 
LYS HA   H N N 217 
LYS HB2  H N N 218 
LYS HB3  H N N 219 
LYS HG2  H N N 220 
LYS HG3  H N N 221 
LYS HD2  H N N 222 
LYS HD3  H N N 223 
LYS HE2  H N N 224 
LYS HE3  H N N 225 
LYS HZ1  H N N 226 
LYS HZ2  H N N 227 
LYS HZ3  H N N 228 
LYS HXT  H N N 229 
MET N    N N N 230 
MET CA   C N S 231 
MET C    C N N 232 
MET O    O N N 233 
MET CB   C N N 234 
MET CG   C N N 235 
MET SD   S N N 236 
MET CE   C N N 237 
MET OXT  O N N 238 
MET H    H N N 239 
MET H2   H N N 240 
MET HA   H N N 241 
MET HB2  H N N 242 
MET HB3  H N N 243 
MET HG2  H N N 244 
MET HG3  H N N 245 
MET HE1  H N N 246 
MET HE2  H N N 247 
MET HE3  H N N 248 
MET HXT  H N N 249 
PHE N    N N N 250 
PHE CA   C N S 251 
PHE C    C N N 252 
PHE O    O N N 253 
PHE CB   C N N 254 
PHE CG   C Y N 255 
PHE CD1  C Y N 256 
PHE CD2  C Y N 257 
PHE CE1  C Y N 258 
PHE CE2  C Y N 259 
PHE CZ   C Y N 260 
PHE OXT  O N N 261 
PHE H    H N N 262 
PHE H2   H N N 263 
PHE HA   H N N 264 
PHE HB2  H N N 265 
PHE HB3  H N N 266 
PHE HD1  H N N 267 
PHE HD2  H N N 268 
PHE HE1  H N N 269 
PHE HE2  H N N 270 
PHE HZ   H N N 271 
PHE HXT  H N N 272 
PRO N    N N N 273 
PRO CA   C N S 274 
PRO C    C N N 275 
PRO O    O N N 276 
PRO CB   C N N 277 
PRO CG   C N N 278 
PRO CD   C N N 279 
PRO OXT  O N N 280 
PRO H    H N N 281 
PRO HA   H N N 282 
PRO HB2  H N N 283 
PRO HB3  H N N 284 
PRO HG2  H N N 285 
PRO HG3  H N N 286 
PRO HD2  H N N 287 
PRO HD3  H N N 288 
PRO HXT  H N N 289 
SER N    N N N 290 
SER CA   C N S 291 
SER C    C N N 292 
SER O    O N N 293 
SER CB   C N N 294 
SER OG   O N N 295 
SER OXT  O N N 296 
SER H    H N N 297 
SER H2   H N N 298 
SER HA   H N N 299 
SER HB2  H N N 300 
SER HB3  H N N 301 
SER HG   H N N 302 
SER HXT  H N N 303 
THR N    N N N 304 
THR CA   C N S 305 
THR C    C N N 306 
THR O    O N N 307 
THR CB   C N R 308 
THR OG1  O N N 309 
THR CG2  C N N 310 
THR OXT  O N N 311 
THR H    H N N 312 
THR H2   H N N 313 
THR HA   H N N 314 
THR HB   H N N 315 
THR HG1  H N N 316 
THR HG21 H N N 317 
THR HG22 H N N 318 
THR HG23 H N N 319 
THR HXT  H N N 320 
TRP N    N N N 321 
TRP CA   C N S 322 
TRP C    C N N 323 
TRP O    O N N 324 
TRP CB   C N N 325 
TRP CG   C Y N 326 
TRP CD1  C Y N 327 
TRP CD2  C Y N 328 
TRP NE1  N Y N 329 
TRP CE2  C Y N 330 
TRP CE3  C Y N 331 
TRP CZ2  C Y N 332 
TRP CZ3  C Y N 333 
TRP CH2  C Y N 334 
TRP OXT  O N N 335 
TRP H    H N N 336 
TRP H2   H N N 337 
TRP HA   H N N 338 
TRP HB2  H N N 339 
TRP HB3  H N N 340 
TRP HD1  H N N 341 
TRP HE1  H N N 342 
TRP HE3  H N N 343 
TRP HZ2  H N N 344 
TRP HZ3  H N N 345 
TRP HH2  H N N 346 
TRP HXT  H N N 347 
TYR N    N N N 348 
TYR CA   C N S 349 
TYR C    C N N 350 
TYR O    O N N 351 
TYR CB   C N N 352 
TYR CG   C Y N 353 
TYR CD1  C Y N 354 
TYR CD2  C Y N 355 
TYR CE1  C Y N 356 
TYR CE2  C Y N 357 
TYR CZ   C Y N 358 
TYR OH   O N N 359 
TYR OXT  O N N 360 
TYR H    H N N 361 
TYR H2   H N N 362 
TYR HA   H N N 363 
TYR HB2  H N N 364 
TYR HB3  H N N 365 
TYR HD1  H N N 366 
TYR HD2  H N N 367 
TYR HE1  H N N 368 
TYR HE2  H N N 369 
TYR HH   H N N 370 
TYR HXT  H N N 371 
VAL N    N N N 372 
VAL CA   C N S 373 
VAL C    C N N 374 
VAL O    O N N 375 
VAL CB   C N N 376 
VAL CG1  C N N 377 
VAL CG2  C N N 378 
VAL OXT  O N N 379 
VAL H    H N N 380 
VAL H2   H N N 381 
VAL HA   H N N 382 
VAL HB   H N N 383 
VAL HG11 H N N 384 
VAL HG12 H N N 385 
VAL HG13 H N N 386 
VAL HG21 H N N 387 
VAL HG22 H N N 388 
VAL HG23 H N N 389 
VAL HXT  H N N 390 
# 
loop_
_chem_comp_bond.comp_id 
_chem_comp_bond.atom_id_1 
_chem_comp_bond.atom_id_2 
_chem_comp_bond.value_order 
_chem_comp_bond.pdbx_aromatic_flag 
_chem_comp_bond.pdbx_stereo_config 
_chem_comp_bond.pdbx_ordinal 
ALA N   CA   sing N N 1   
ALA N   H    sing N N 2   
ALA N   H2   sing N N 3   
ALA CA  C    sing N N 4   
ALA CA  CB   sing N N 5   
ALA CA  HA   sing N N 6   
ALA C   O    doub N N 7   
ALA C   OXT  sing N N 8   
ALA CB  HB1  sing N N 9   
ALA CB  HB2  sing N N 10  
ALA CB  HB3  sing N N 11  
ALA OXT HXT  sing N N 12  
ARG N   CA   sing N N 13  
ARG N   H    sing N N 14  
ARG N   H2   sing N N 15  
ARG CA  C    sing N N 16  
ARG CA  CB   sing N N 17  
ARG CA  HA   sing N N 18  
ARG C   O    doub N N 19  
ARG C   OXT  sing N N 20  
ARG CB  CG   sing N N 21  
ARG CB  HB2  sing N N 22  
ARG CB  HB3  sing N N 23  
ARG CG  CD   sing N N 24  
ARG CG  HG2  sing N N 25  
ARG CG  HG3  sing N N 26  
ARG CD  NE   sing N N 27  
ARG CD  HD2  sing N N 28  
ARG CD  HD3  sing N N 29  
ARG NE  CZ   sing N N 30  
ARG NE  HE   sing N N 31  
ARG CZ  NH1  sing N N 32  
ARG CZ  NH2  doub N N 33  
ARG NH1 HH11 sing N N 34  
ARG NH1 HH12 sing N N 35  
ARG NH2 HH21 sing N N 36  
ARG NH2 HH22 sing N N 37  
ARG OXT HXT  sing N N 38  
ASN N   CA   sing N N 39  
ASN N   H    sing N N 40  
ASN N   H2   sing N N 41  
ASN CA  C    sing N N 42  
ASN CA  CB   sing N N 43  
ASN CA  HA   sing N N 44  
ASN C   O    doub N N 45  
ASN C   OXT  sing N N 46  
ASN CB  CG   sing N N 47  
ASN CB  HB2  sing N N 48  
ASN CB  HB3  sing N N 49  
ASN CG  OD1  doub N N 50  
ASN CG  ND2  sing N N 51  
ASN ND2 HD21 sing N N 52  
ASN ND2 HD22 sing N N 53  
ASN OXT HXT  sing N N 54  
ASP N   CA   sing N N 55  
ASP N   H    sing N N 56  
ASP N   H2   sing N N 57  
ASP CA  C    sing N N 58  
ASP CA  CB   sing N N 59  
ASP CA  HA   sing N N 60  
ASP C   O    doub N N 61  
ASP C   OXT  sing N N 62  
ASP CB  CG   sing N N 63  
ASP CB  HB2  sing N N 64  
ASP CB  HB3  sing N N 65  
ASP CG  OD1  doub N N 66  
ASP CG  OD2  sing N N 67  
ASP OD2 HD2  sing N N 68  
ASP OXT HXT  sing N N 69  
CYS N   CA   sing N N 70  
CYS N   H    sing N N 71  
CYS N   H2   sing N N 72  
CYS CA  C    sing N N 73  
CYS CA  CB   sing N N 74  
CYS CA  HA   sing N N 75  
CYS C   O    doub N N 76  
CYS C   OXT  sing N N 77  
CYS CB  SG   sing N N 78  
CYS CB  HB2  sing N N 79  
CYS CB  HB3  sing N N 80  
CYS SG  HG   sing N N 81  
CYS OXT HXT  sing N N 82  
GLN N   CA   sing N N 83  
GLN N   H    sing N N 84  
GLN N   H2   sing N N 85  
GLN CA  C    sing N N 86  
GLN CA  CB   sing N N 87  
GLN CA  HA   sing N N 88  
GLN C   O    doub N N 89  
GLN C   OXT  sing N N 90  
GLN CB  CG   sing N N 91  
GLN CB  HB2  sing N N 92  
GLN CB  HB3  sing N N 93  
GLN CG  CD   sing N N 94  
GLN CG  HG2  sing N N 95  
GLN CG  HG3  sing N N 96  
GLN CD  OE1  doub N N 97  
GLN CD  NE2  sing N N 98  
GLN NE2 HE21 sing N N 99  
GLN NE2 HE22 sing N N 100 
GLN OXT HXT  sing N N 101 
GLU N   CA   sing N N 102 
GLU N   H    sing N N 103 
GLU N   H2   sing N N 104 
GLU CA  C    sing N N 105 
GLU CA  CB   sing N N 106 
GLU CA  HA   sing N N 107 
GLU C   O    doub N N 108 
GLU C   OXT  sing N N 109 
GLU CB  CG   sing N N 110 
GLU CB  HB2  sing N N 111 
GLU CB  HB3  sing N N 112 
GLU CG  CD   sing N N 113 
GLU CG  HG2  sing N N 114 
GLU CG  HG3  sing N N 115 
GLU CD  OE1  doub N N 116 
GLU CD  OE2  sing N N 117 
GLU OE2 HE2  sing N N 118 
GLU OXT HXT  sing N N 119 
GLY N   CA   sing N N 120 
GLY N   H    sing N N 121 
GLY N   H2   sing N N 122 
GLY CA  C    sing N N 123 
GLY CA  HA2  sing N N 124 
GLY CA  HA3  sing N N 125 
GLY C   O    doub N N 126 
GLY C   OXT  sing N N 127 
GLY OXT HXT  sing N N 128 
HIS N   CA   sing N N 129 
HIS N   H    sing N N 130 
HIS N   H2   sing N N 131 
HIS CA  C    sing N N 132 
HIS CA  CB   sing N N 133 
HIS CA  HA   sing N N 134 
HIS C   O    doub N N 135 
HIS C   OXT  sing N N 136 
HIS CB  CG   sing N N 137 
HIS CB  HB2  sing N N 138 
HIS CB  HB3  sing N N 139 
HIS CG  ND1  sing Y N 140 
HIS CG  CD2  doub Y N 141 
HIS ND1 CE1  doub Y N 142 
HIS ND1 HD1  sing N N 143 
HIS CD2 NE2  sing Y N 144 
HIS CD2 HD2  sing N N 145 
HIS CE1 NE2  sing Y N 146 
HIS CE1 HE1  sing N N 147 
HIS NE2 HE2  sing N N 148 
HIS OXT HXT  sing N N 149 
HOH O   H1   sing N N 150 
HOH O   H2   sing N N 151 
ILE N   CA   sing N N 152 
ILE N   H    sing N N 153 
ILE N   H2   sing N N 154 
ILE CA  C    sing N N 155 
ILE CA  CB   sing N N 156 
ILE CA  HA   sing N N 157 
ILE C   O    doub N N 158 
ILE C   OXT  sing N N 159 
ILE CB  CG1  sing N N 160 
ILE CB  CG2  sing N N 161 
ILE CB  HB   sing N N 162 
ILE CG1 CD1  sing N N 163 
ILE CG1 HG12 sing N N 164 
ILE CG1 HG13 sing N N 165 
ILE CG2 HG21 sing N N 166 
ILE CG2 HG22 sing N N 167 
ILE CG2 HG23 sing N N 168 
ILE CD1 HD11 sing N N 169 
ILE CD1 HD12 sing N N 170 
ILE CD1 HD13 sing N N 171 
ILE OXT HXT  sing N N 172 
LEU N   CA   sing N N 173 
LEU N   H    sing N N 174 
LEU N   H2   sing N N 175 
LEU CA  C    sing N N 176 
LEU CA  CB   sing N N 177 
LEU CA  HA   sing N N 178 
LEU C   O    doub N N 179 
LEU C   OXT  sing N N 180 
LEU CB  CG   sing N N 181 
LEU CB  HB2  sing N N 182 
LEU CB  HB3  sing N N 183 
LEU CG  CD1  sing N N 184 
LEU CG  CD2  sing N N 185 
LEU CG  HG   sing N N 186 
LEU CD1 HD11 sing N N 187 
LEU CD1 HD12 sing N N 188 
LEU CD1 HD13 sing N N 189 
LEU CD2 HD21 sing N N 190 
LEU CD2 HD22 sing N N 191 
LEU CD2 HD23 sing N N 192 
LEU OXT HXT  sing N N 193 
LYS N   CA   sing N N 194 
LYS N   H    sing N N 195 
LYS N   H2   sing N N 196 
LYS CA  C    sing N N 197 
LYS CA  CB   sing N N 198 
LYS CA  HA   sing N N 199 
LYS C   O    doub N N 200 
LYS C   OXT  sing N N 201 
LYS CB  CG   sing N N 202 
LYS CB  HB2  sing N N 203 
LYS CB  HB3  sing N N 204 
LYS CG  CD   sing N N 205 
LYS CG  HG2  sing N N 206 
LYS CG  HG3  sing N N 207 
LYS CD  CE   sing N N 208 
LYS CD  HD2  sing N N 209 
LYS CD  HD3  sing N N 210 
LYS CE  NZ   sing N N 211 
LYS CE  HE2  sing N N 212 
LYS CE  HE3  sing N N 213 
LYS NZ  HZ1  sing N N 214 
LYS NZ  HZ2  sing N N 215 
LYS NZ  HZ3  sing N N 216 
LYS OXT HXT  sing N N 217 
MET N   CA   sing N N 218 
MET N   H    sing N N 219 
MET N   H2   sing N N 220 
MET CA  C    sing N N 221 
MET CA  CB   sing N N 222 
MET CA  HA   sing N N 223 
MET C   O    doub N N 224 
MET C   OXT  sing N N 225 
MET CB  CG   sing N N 226 
MET CB  HB2  sing N N 227 
MET CB  HB3  sing N N 228 
MET CG  SD   sing N N 229 
MET CG  HG2  sing N N 230 
MET CG  HG3  sing N N 231 
MET SD  CE   sing N N 232 
MET CE  HE1  sing N N 233 
MET CE  HE2  sing N N 234 
MET CE  HE3  sing N N 235 
MET OXT HXT  sing N N 236 
PHE N   CA   sing N N 237 
PHE N   H    sing N N 238 
PHE N   H2   sing N N 239 
PHE CA  C    sing N N 240 
PHE CA  CB   sing N N 241 
PHE CA  HA   sing N N 242 
PHE C   O    doub N N 243 
PHE C   OXT  sing N N 244 
PHE CB  CG   sing N N 245 
PHE CB  HB2  sing N N 246 
PHE CB  HB3  sing N N 247 
PHE CG  CD1  doub Y N 248 
PHE CG  CD2  sing Y N 249 
PHE CD1 CE1  sing Y N 250 
PHE CD1 HD1  sing N N 251 
PHE CD2 CE2  doub Y N 252 
PHE CD2 HD2  sing N N 253 
PHE CE1 CZ   doub Y N 254 
PHE CE1 HE1  sing N N 255 
PHE CE2 CZ   sing Y N 256 
PHE CE2 HE2  sing N N 257 
PHE CZ  HZ   sing N N 258 
PHE OXT HXT  sing N N 259 
PRO N   CA   sing N N 260 
PRO N   CD   sing N N 261 
PRO N   H    sing N N 262 
PRO CA  C    sing N N 263 
PRO CA  CB   sing N N 264 
PRO CA  HA   sing N N 265 
PRO C   O    doub N N 266 
PRO C   OXT  sing N N 267 
PRO CB  CG   sing N N 268 
PRO CB  HB2  sing N N 269 
PRO CB  HB3  sing N N 270 
PRO CG  CD   sing N N 271 
PRO CG  HG2  sing N N 272 
PRO CG  HG3  sing N N 273 
PRO CD  HD2  sing N N 274 
PRO CD  HD3  sing N N 275 
PRO OXT HXT  sing N N 276 
SER N   CA   sing N N 277 
SER N   H    sing N N 278 
SER N   H2   sing N N 279 
SER CA  C    sing N N 280 
SER CA  CB   sing N N 281 
SER CA  HA   sing N N 282 
SER C   O    doub N N 283 
SER C   OXT  sing N N 284 
SER CB  OG   sing N N 285 
SER CB  HB2  sing N N 286 
SER CB  HB3  sing N N 287 
SER OG  HG   sing N N 288 
SER OXT HXT  sing N N 289 
THR N   CA   sing N N 290 
THR N   H    sing N N 291 
THR N   H2   sing N N 292 
THR CA  C    sing N N 293 
THR CA  CB   sing N N 294 
THR CA  HA   sing N N 295 
THR C   O    doub N N 296 
THR C   OXT  sing N N 297 
THR CB  OG1  sing N N 298 
THR CB  CG2  sing N N 299 
THR CB  HB   sing N N 300 
THR OG1 HG1  sing N N 301 
THR CG2 HG21 sing N N 302 
THR CG2 HG22 sing N N 303 
THR CG2 HG23 sing N N 304 
THR OXT HXT  sing N N 305 
TRP N   CA   sing N N 306 
TRP N   H    sing N N 307 
TRP N   H2   sing N N 308 
TRP CA  C    sing N N 309 
TRP CA  CB   sing N N 310 
TRP CA  HA   sing N N 311 
TRP C   O    doub N N 312 
TRP C   OXT  sing N N 313 
TRP CB  CG   sing N N 314 
TRP CB  HB2  sing N N 315 
TRP CB  HB3  sing N N 316 
TRP CG  CD1  doub Y N 317 
TRP CG  CD2  sing Y N 318 
TRP CD1 NE1  sing Y N 319 
TRP CD1 HD1  sing N N 320 
TRP CD2 CE2  doub Y N 321 
TRP CD2 CE3  sing Y N 322 
TRP NE1 CE2  sing Y N 323 
TRP NE1 HE1  sing N N 324 
TRP CE2 CZ2  sing Y N 325 
TRP CE3 CZ3  doub Y N 326 
TRP CE3 HE3  sing N N 327 
TRP CZ2 CH2  doub Y N 328 
TRP CZ2 HZ2  sing N N 329 
TRP CZ3 CH2  sing Y N 330 
TRP CZ3 HZ3  sing N N 331 
TRP CH2 HH2  sing N N 332 
TRP OXT HXT  sing N N 333 
TYR N   CA   sing N N 334 
TYR N   H    sing N N 335 
TYR N   H2   sing N N 336 
TYR CA  C    sing N N 337 
TYR CA  CB   sing N N 338 
TYR CA  HA   sing N N 339 
TYR C   O    doub N N 340 
TYR C   OXT  sing N N 341 
TYR CB  CG   sing N N 342 
TYR CB  HB2  sing N N 343 
TYR CB  HB3  sing N N 344 
TYR CG  CD1  doub Y N 345 
TYR CG  CD2  sing Y N 346 
TYR CD1 CE1  sing Y N 347 
TYR CD1 HD1  sing N N 348 
TYR CD2 CE2  doub Y N 349 
TYR CD2 HD2  sing N N 350 
TYR CE1 CZ   doub Y N 351 
TYR CE1 HE1  sing N N 352 
TYR CE2 CZ   sing Y N 353 
TYR CE2 HE2  sing N N 354 
TYR CZ  OH   sing N N 355 
TYR OH  HH   sing N N 356 
TYR OXT HXT  sing N N 357 
VAL N   CA   sing N N 358 
VAL N   H    sing N N 359 
VAL N   H2   sing N N 360 
VAL CA  C    sing N N 361 
VAL CA  CB   sing N N 362 
VAL CA  HA   sing N N 363 
VAL C   O    doub N N 364 
VAL C   OXT  sing N N 365 
VAL CB  CG1  sing N N 366 
VAL CB  CG2  sing N N 367 
VAL CB  HB   sing N N 368 
VAL CG1 HG11 sing N N 369 
VAL CG1 HG12 sing N N 370 
VAL CG1 HG13 sing N N 371 
VAL CG2 HG21 sing N N 372 
VAL CG2 HG22 sing N N 373 
VAL CG2 HG23 sing N N 374 
VAL OXT HXT  sing N N 375 
# 
_pdbx_audit_support.funding_organization   'National Natural Science Foundation of China (NSFC)' 
_pdbx_audit_support.country                China 
_pdbx_audit_support.grant_number           21775060 
_pdbx_audit_support.ordinal                1 
# 
_pdbx_entity_nonpoly.entity_id   3 
_pdbx_entity_nonpoly.name        water 
_pdbx_entity_nonpoly.comp_id     HOH 
# 
_pdbx_initial_refinement_model.id               1 
_pdbx_initial_refinement_model.entity_id_list   ? 
_pdbx_initial_refinement_model.type             'experimental model' 
_pdbx_initial_refinement_model.source_name      PDB 
_pdbx_initial_refinement_model.accession_code   3O5R 
_pdbx_initial_refinement_model.details          ? 
# 
_pdbx_struct_assembly_auth_evidence.id                     1 
_pdbx_struct_assembly_auth_evidence.assembly_id            1 
_pdbx_struct_assembly_auth_evidence.experimental_support   'isothermal titration calorimetry' 
_pdbx_struct_assembly_auth_evidence.details                ? 
# 
